data_5B0M
#
_entry.id   5B0M
#
_cell.length_a   143.065
_cell.length_b   206.134
_cell.length_c   218.922
_cell.angle_alpha   90.00
_cell.angle_beta   90.00
_cell.angle_gamma   90.00
#
_symmetry.space_group_name_H-M   'I 2 2 2'
#
loop_
_entity.id
_entity.type
_entity.pdbx_description
1 polymer 'MoeN5,DNA-binding protein 7d'
2 non-polymer DODECYL-BETA-D-MALTOSIDE
3 water water
#
_entity_poly.entity_id   1
_entity_poly.type   'polypeptide(L)'
_entity_poly.pdbx_seq_one_letter_code
;MAHHHHHHVDDDDKMLAAEAANRDHVTRCVAQTGGSPDLVAHTAALRLYLRVPHFLTEWTTDPDRRAAVSRALALDIVSM
KLLDDLMDDDTGLDRVELACVCLRLHLRALHELESLARDPKAVTDILEQDAVHLCGGQIRTKRSRATNLREWRAHASTYG
STFLGRYGALAAACGGEGQPADSVREFAEAFAMTITMADDLTDYDRNGERDGNLAHLMRTGAVAGQDVVDLLEELRGRAL
AAVAAPPGAPGLVPVVHLYTDDVLVRLLPRHLGEAGAGAMATVKFKYKGEEKEVDISKIKKVWRVGKMISFTYDEGGGKT
GRGAVSEKDAPKELLQMLEKQKK
;
_entity_poly.pdbx_strand_id   A,B,C,D,E,F,G,H
#
loop_
_chem_comp.id
_chem_comp.type
_chem_comp.name
_chem_comp.formula
LMT D-saccharide DODECYL-BETA-D-MALTOSIDE 'C24 H46 O11'
#
# COMPACT_ATOMS: atom_id res chain seq x y z
N ASP A 10 -36.16 -14.45 -27.01
CA ASP A 10 -37.16 -13.45 -26.51
C ASP A 10 -36.52 -12.17 -25.95
N ASP A 11 -36.72 -11.89 -24.66
CA ASP A 11 -36.14 -10.68 -24.07
C ASP A 11 -34.91 -11.02 -23.22
N ASP A 12 -35.05 -11.99 -22.32
CA ASP A 12 -33.97 -12.42 -21.44
C ASP A 12 -32.83 -12.84 -22.31
N ASP A 13 -33.19 -13.31 -23.51
CA ASP A 13 -32.22 -13.77 -24.48
C ASP A 13 -31.36 -12.63 -25.02
N LYS A 14 -31.97 -11.48 -25.26
CA LYS A 14 -31.23 -10.31 -25.75
C LYS A 14 -30.29 -9.77 -24.64
N MET A 15 -30.76 -9.81 -23.40
CA MET A 15 -29.98 -9.33 -22.25
C MET A 15 -28.67 -10.11 -22.20
N LEU A 16 -28.78 -11.44 -22.12
CA LEU A 16 -27.62 -12.32 -22.07
C LEU A 16 -26.66 -12.09 -23.23
N ALA A 17 -27.25 -11.90 -24.42
CA ALA A 17 -26.49 -11.69 -25.63
C ALA A 17 -25.60 -10.43 -25.56
N ALA A 18 -26.16 -9.34 -25.04
CA ALA A 18 -25.42 -8.09 -24.95
C ALA A 18 -24.33 -8.28 -23.95
N GLU A 19 -24.70 -8.82 -22.80
CA GLU A 19 -23.71 -9.03 -21.79
C GLU A 19 -22.50 -9.77 -22.35
N ALA A 20 -22.78 -10.84 -23.07
CA ALA A 20 -21.73 -11.62 -23.68
C ALA A 20 -20.95 -10.70 -24.63
N ALA A 21 -21.66 -10.08 -25.57
CA ALA A 21 -21.04 -9.16 -26.53
C ALA A 21 -20.19 -8.06 -25.90
N ASN A 22 -20.73 -7.45 -24.82
CA ASN A 22 -20.08 -6.39 -24.06
C ASN A 22 -18.83 -6.90 -23.33
N ARG A 23 -18.96 -8.05 -22.69
CA ARG A 23 -17.85 -8.68 -22.00
C ARG A 23 -16.72 -8.91 -22.98
N ASP A 24 -17.05 -9.34 -24.17
CA ASP A 24 -15.98 -9.60 -25.10
C ASP A 24 -15.34 -8.34 -25.67
N HIS A 25 -16.12 -7.29 -25.89
CA HIS A 25 -15.54 -6.07 -26.44
C HIS A 25 -14.48 -5.62 -25.44
N VAL A 26 -14.85 -5.68 -24.16
CA VAL A 26 -13.99 -5.30 -23.05
C VAL A 26 -12.75 -6.19 -22.94
N THR A 27 -12.92 -7.48 -22.67
CA THR A 27 -11.75 -8.33 -22.52
C THR A 27 -10.85 -8.31 -23.73
N ARG A 28 -11.43 -8.19 -24.92
CA ARG A 28 -10.63 -8.13 -26.13
C ARG A 28 -9.82 -6.85 -26.08
N CYS A 29 -10.44 -5.74 -25.66
CA CYS A 29 -9.73 -4.48 -25.57
C CYS A 29 -8.60 -4.54 -24.54
N VAL A 30 -8.96 -4.91 -23.31
CA VAL A 30 -8.00 -5.03 -22.21
C VAL A 30 -6.86 -5.94 -22.62
N ALA A 31 -7.23 -7.08 -23.19
CA ALA A 31 -6.25 -8.05 -23.60
C ALA A 31 -5.19 -7.42 -24.47
N GLN A 32 -5.59 -6.86 -25.62
CA GLN A 32 -4.57 -6.32 -26.51
C GLN A 32 -3.85 -4.97 -26.16
N THR A 33 -4.10 -4.41 -25.00
CA THR A 33 -3.41 -3.18 -24.65
C THR A 33 -2.37 -3.55 -23.60
N GLY A 34 -2.20 -4.84 -23.36
CA GLY A 34 -1.22 -5.24 -22.37
C GLY A 34 -1.73 -5.73 -21.02
N GLY A 35 -3.04 -5.86 -20.86
CA GLY A 35 -3.51 -6.32 -19.57
C GLY A 35 -3.14 -7.78 -19.48
N SER A 36 -2.76 -8.22 -18.28
CA SER A 36 -2.39 -9.61 -18.00
C SER A 36 -3.60 -10.55 -18.00
N PRO A 37 -3.35 -11.86 -17.95
CA PRO A 37 -4.53 -12.72 -17.94
C PRO A 37 -5.31 -12.49 -16.61
N ASP A 38 -4.58 -12.06 -15.59
CA ASP A 38 -5.19 -11.82 -14.29
C ASP A 38 -6.23 -10.70 -14.32
N LEU A 39 -5.90 -9.58 -14.95
CA LEU A 39 -6.81 -8.43 -15.06
C LEU A 39 -7.96 -8.68 -16.04
N VAL A 40 -7.64 -9.24 -17.20
CA VAL A 40 -8.66 -9.49 -18.19
C VAL A 40 -9.80 -10.19 -17.50
N ALA A 41 -9.46 -11.17 -16.66
CA ALA A 41 -10.45 -11.97 -15.93
C ALA A 41 -11.22 -11.05 -15.02
N HIS A 42 -10.48 -10.30 -14.20
CA HIS A 42 -11.08 -9.38 -13.29
C HIS A 42 -12.15 -8.49 -14.02
N THR A 43 -11.85 -8.09 -15.25
CA THR A 43 -12.78 -7.24 -15.97
C THR A 43 -14.00 -8.00 -16.42
N ALA A 44 -13.86 -9.25 -16.84
CA ALA A 44 -15.05 -9.96 -17.27
C ALA A 44 -15.89 -10.48 -16.08
N ALA A 45 -15.31 -10.42 -14.90
CA ALA A 45 -16.03 -10.82 -13.72
C ALA A 45 -17.03 -9.73 -13.31
N LEU A 46 -16.86 -8.50 -13.83
CA LEU A 46 -17.77 -7.39 -13.53
C LEU A 46 -19.07 -7.62 -14.32
N ARG A 47 -19.93 -8.49 -13.79
CA ARG A 47 -21.17 -8.87 -14.44
C ARG A 47 -22.28 -7.85 -14.56
N LEU A 48 -22.70 -7.32 -13.42
CA LEU A 48 -23.78 -6.32 -13.41
C LEU A 48 -23.41 -5.22 -14.39
N TYR A 49 -22.22 -4.63 -14.16
CA TYR A 49 -21.65 -3.55 -14.95
C TYR A 49 -21.61 -3.78 -16.47
N LEU A 50 -21.43 -5.03 -16.90
CA LEU A 50 -21.37 -5.35 -18.33
C LEU A 50 -22.75 -5.60 -18.87
N ARG A 51 -23.69 -5.72 -17.95
CA ARG A 51 -25.09 -5.97 -18.26
C ARG A 51 -25.91 -4.70 -18.33
N VAL A 52 -25.67 -3.81 -17.38
CA VAL A 52 -26.42 -2.56 -17.28
C VAL A 52 -26.46 -1.69 -18.55
N PRO A 53 -25.39 -1.67 -19.36
CA PRO A 53 -25.49 -0.83 -20.55
C PRO A 53 -26.62 -1.29 -21.42
N HIS A 54 -27.05 -2.53 -21.20
CA HIS A 54 -28.15 -3.10 -21.99
C HIS A 54 -29.41 -2.40 -21.63
N PHE A 55 -29.70 -2.38 -20.34
CA PHE A 55 -30.85 -1.68 -19.82
C PHE A 55 -30.85 -0.18 -20.30
N LEU A 56 -29.69 0.49 -20.22
CA LEU A 56 -29.60 1.89 -20.60
C LEU A 56 -29.90 2.11 -22.05
N THR A 57 -29.70 1.09 -22.87
CA THR A 57 -29.94 1.28 -24.29
C THR A 57 -31.31 0.76 -24.72
N GLU A 58 -32.14 0.38 -23.75
CA GLU A 58 -33.48 -0.13 -24.09
C GLU A 58 -34.34 0.79 -24.96
N TRP A 59 -34.24 2.11 -24.83
CA TRP A 59 -35.04 3.02 -25.65
C TRP A 59 -34.49 3.15 -27.04
N THR A 60 -33.41 2.44 -27.33
CA THR A 60 -32.77 2.54 -28.63
C THR A 60 -33.44 1.64 -29.62
N THR A 61 -33.88 2.19 -30.76
CA THR A 61 -34.56 1.37 -31.79
C THR A 61 -33.66 0.44 -32.61
N ASP A 62 -32.90 0.99 -33.57
CA ASP A 62 -31.98 0.19 -34.41
C ASP A 62 -31.12 -0.70 -33.50
N PRO A 63 -31.26 -2.01 -33.62
CA PRO A 63 -30.48 -2.91 -32.79
C PRO A 63 -28.97 -2.95 -33.09
N ASP A 64 -28.52 -2.35 -34.19
CA ASP A 64 -27.08 -2.28 -34.51
C ASP A 64 -26.52 -1.10 -33.73
N ARG A 65 -27.14 0.04 -33.95
CA ARG A 65 -26.74 1.21 -33.24
C ARG A 65 -26.81 0.81 -31.76
N ARG A 66 -27.91 0.20 -31.32
CA ARG A 66 -28.04 -0.19 -29.90
C ARG A 66 -26.89 -1.03 -29.35
N ALA A 67 -26.43 -2.04 -30.09
CA ALA A 67 -25.34 -2.87 -29.61
C ALA A 67 -24.01 -2.14 -29.65
N ALA A 68 -23.91 -1.09 -30.49
CA ALA A 68 -22.69 -0.28 -30.60
C ALA A 68 -22.56 0.70 -29.42
N VAL A 69 -23.69 1.25 -28.99
CA VAL A 69 -23.74 2.16 -27.87
C VAL A 69 -23.64 1.33 -26.59
N SER A 70 -24.31 0.19 -26.57
CA SER A 70 -24.25 -0.67 -25.39
C SER A 70 -22.81 -1.07 -25.06
N ARG A 71 -22.01 -1.45 -26.04
CA ARG A 71 -20.65 -1.86 -25.74
C ARG A 71 -19.71 -0.69 -25.47
N ALA A 72 -19.90 0.43 -26.16
CA ALA A 72 -19.00 1.53 -25.91
C ALA A 72 -19.14 1.94 -24.46
N LEU A 73 -20.36 2.13 -24.00
CA LEU A 73 -20.59 2.55 -22.63
C LEU A 73 -19.99 1.51 -21.74
N ALA A 74 -20.04 0.26 -22.19
CA ALA A 74 -19.47 -0.82 -21.40
C ALA A 74 -17.97 -0.56 -21.15
N LEU A 75 -17.21 -0.19 -22.20
CA LEU A 75 -15.81 0.15 -22.03
C LEU A 75 -15.59 1.21 -20.95
N ASP A 76 -16.35 2.28 -20.98
CA ASP A 76 -16.13 3.29 -19.98
C ASP A 76 -16.51 2.86 -18.57
N ILE A 77 -17.65 2.20 -18.41
CA ILE A 77 -18.02 1.75 -17.07
C ILE A 77 -16.93 0.82 -16.51
N VAL A 78 -16.44 -0.13 -17.29
CA VAL A 78 -15.37 -1.01 -16.79
C VAL A 78 -14.11 -0.14 -16.44
N SER A 79 -13.77 0.85 -17.26
CA SER A 79 -12.61 1.70 -17.04
C SER A 79 -12.73 2.50 -15.77
N MET A 80 -13.94 2.98 -15.52
CA MET A 80 -14.17 3.79 -14.34
C MET A 80 -14.11 2.89 -13.16
N LYS A 81 -14.53 1.65 -13.38
CA LYS A 81 -14.50 0.70 -12.29
C LYS A 81 -13.05 0.32 -12.03
N LEU A 82 -12.23 0.27 -13.06
CA LEU A 82 -10.84 -0.04 -12.82
C LEU A 82 -10.28 1.15 -12.07
N LEU A 83 -10.61 2.36 -12.50
CA LEU A 83 -10.10 3.53 -11.77
C LEU A 83 -10.35 3.36 -10.27
N ASP A 84 -11.48 2.79 -9.91
CA ASP A 84 -11.83 2.56 -8.50
C ASP A 84 -10.87 1.62 -7.81
N ASP A 85 -10.77 0.42 -8.33
CA ASP A 85 -9.88 -0.57 -7.76
C ASP A 85 -8.49 0.00 -7.59
N LEU A 86 -8.17 1.06 -8.33
CA LEU A 86 -6.86 1.65 -8.30
C LEU A 86 -6.68 2.60 -7.14
N MET A 87 -7.79 2.98 -6.53
CA MET A 87 -7.71 3.88 -5.41
C MET A 87 -7.90 3.06 -4.15
N ASP A 88 -8.53 1.91 -4.28
CA ASP A 88 -8.66 1.09 -3.08
C ASP A 88 -7.45 0.16 -2.92
N ASP A 89 -6.70 -0.05 -3.99
CA ASP A 89 -5.53 -0.93 -3.99
C ASP A 89 -5.72 -2.11 -3.03
N ASP A 90 -6.78 -2.87 -3.28
CA ASP A 90 -7.11 -4.01 -2.46
C ASP A 90 -7.34 -5.25 -3.35
N THR A 91 -7.33 -5.02 -4.67
CA THR A 91 -7.48 -6.10 -5.63
C THR A 91 -6.17 -6.88 -5.78
N GLY A 92 -5.10 -6.37 -5.21
CA GLY A 92 -3.83 -7.07 -5.35
C GLY A 92 -3.48 -7.35 -6.80
N LEU A 93 -4.01 -6.53 -7.72
CA LEU A 93 -3.73 -6.63 -9.15
C LEU A 93 -2.62 -5.60 -9.35
N ASP A 94 -1.85 -5.72 -10.42
CA ASP A 94 -0.75 -4.77 -10.62
C ASP A 94 -1.26 -3.34 -10.75
N ARG A 95 -0.74 -2.42 -9.96
CA ARG A 95 -1.20 -1.04 -10.05
C ARG A 95 -1.01 -0.48 -11.44
N VAL A 96 0.12 -0.77 -12.11
CA VAL A 96 0.37 -0.24 -13.46
C VAL A 96 -0.63 -0.73 -14.47
N GLU A 97 -0.83 -2.05 -14.52
CA GLU A 97 -1.81 -2.58 -15.45
C GLU A 97 -3.16 -1.86 -15.25
N LEU A 98 -3.63 -1.79 -14.00
CA LEU A 98 -4.89 -1.11 -13.70
C LEU A 98 -4.92 0.29 -14.30
N ALA A 99 -3.93 1.09 -13.98
CA ALA A 99 -3.86 2.44 -14.48
C ALA A 99 -3.93 2.51 -16.01
N CYS A 100 -3.01 1.84 -16.68
CA CYS A 100 -2.94 1.89 -18.12
C CYS A 100 -4.17 1.43 -18.83
N VAL A 101 -4.68 0.26 -18.45
CA VAL A 101 -5.90 -0.26 -19.08
C VAL A 101 -6.97 0.80 -18.89
N CYS A 102 -7.25 1.11 -17.64
CA CYS A 102 -8.22 2.13 -17.29
C CYS A 102 -8.19 3.29 -18.30
N LEU A 103 -7.04 3.86 -18.53
CA LEU A 103 -6.99 4.95 -19.48
C LEU A 103 -7.33 4.46 -20.91
N ARG A 104 -6.72 3.36 -21.36
CA ARG A 104 -6.96 2.84 -22.70
C ARG A 104 -8.43 2.55 -22.97
N LEU A 105 -9.11 1.99 -22.00
CA LEU A 105 -10.49 1.68 -22.19
C LEU A 105 -11.30 2.92 -22.27
N HIS A 106 -10.87 3.94 -21.52
CA HIS A 106 -11.63 5.18 -21.51
C HIS A 106 -11.45 5.86 -22.84
N LEU A 107 -10.21 5.98 -23.28
CA LEU A 107 -9.96 6.63 -24.54
C LEU A 107 -10.72 5.93 -25.66
N ARG A 108 -10.86 4.62 -25.62
CA ARG A 108 -11.59 3.94 -26.66
C ARG A 108 -13.06 4.31 -26.51
N ALA A 109 -13.57 4.17 -25.30
CA ALA A 109 -14.98 4.50 -25.12
C ALA A 109 -15.28 5.94 -25.58
N LEU A 110 -14.43 6.91 -25.32
CA LEU A 110 -14.73 8.27 -25.76
C LEU A 110 -14.79 8.27 -27.26
N HIS A 111 -13.84 7.60 -27.87
CA HIS A 111 -13.81 7.57 -29.29
C HIS A 111 -15.03 6.86 -29.88
N GLU A 112 -15.43 5.77 -29.27
CA GLU A 112 -16.59 5.09 -29.79
C GLU A 112 -17.86 5.94 -29.61
N LEU A 113 -18.21 6.28 -28.37
CA LEU A 113 -19.41 7.09 -28.15
C LEU A 113 -19.44 8.30 -29.05
N GLU A 114 -18.31 8.92 -29.34
CA GLU A 114 -18.33 10.10 -30.19
C GLU A 114 -18.63 9.78 -31.62
N SER A 115 -18.30 8.59 -32.06
CA SER A 115 -18.60 8.28 -33.43
C SER A 115 -20.07 7.92 -33.56
N LEU A 116 -20.70 7.50 -32.46
CA LEU A 116 -22.12 7.12 -32.49
C LEU A 116 -23.12 8.25 -32.14
N ALA A 117 -22.62 9.37 -31.63
CA ALA A 117 -23.47 10.47 -31.23
C ALA A 117 -23.91 11.40 -32.33
N ARG A 118 -25.08 11.98 -32.12
CA ARG A 118 -25.67 12.92 -33.07
C ARG A 118 -24.72 14.12 -33.17
N ASP A 119 -24.32 14.67 -32.02
CA ASP A 119 -23.35 15.78 -31.94
C ASP A 119 -22.15 15.38 -31.01
N PRO A 120 -20.98 15.04 -31.59
CA PRO A 120 -19.82 14.64 -30.80
C PRO A 120 -19.56 15.46 -29.56
N LYS A 121 -19.75 16.77 -29.68
CA LYS A 121 -19.52 17.65 -28.57
C LYS A 121 -20.45 17.32 -27.40
N ALA A 122 -21.46 16.49 -27.64
CA ALA A 122 -22.41 16.16 -26.59
C ALA A 122 -21.87 15.19 -25.57
N VAL A 123 -20.83 14.46 -25.94
CA VAL A 123 -20.25 13.47 -25.07
C VAL A 123 -19.48 14.16 -23.95
N THR A 124 -18.49 14.98 -24.31
CA THR A 124 -17.71 15.70 -23.32
C THR A 124 -18.60 16.66 -22.53
N ASP A 125 -19.65 17.21 -23.14
CA ASP A 125 -20.57 18.13 -22.43
C ASP A 125 -21.10 17.40 -21.23
N ILE A 126 -21.75 16.26 -21.52
CA ILE A 126 -22.36 15.44 -20.50
C ILE A 126 -21.39 14.95 -19.46
N LEU A 127 -20.17 14.66 -19.90
CA LEU A 127 -19.11 14.21 -19.00
C LEU A 127 -18.61 15.38 -18.07
N GLU A 128 -18.58 16.60 -18.61
CA GLU A 128 -18.12 17.75 -17.84
C GLU A 128 -19.23 18.29 -16.98
N GLN A 129 -20.44 18.35 -17.53
CA GLN A 129 -21.61 18.85 -16.81
C GLN A 129 -21.60 18.73 -15.31
N ASP A 130 -21.61 17.50 -14.82
CA ASP A 130 -21.61 17.30 -13.38
C ASP A 130 -20.43 16.53 -12.93
N ALA A 131 -19.32 16.71 -13.64
CA ALA A 131 -18.08 16.03 -13.33
C ALA A 131 -17.59 16.38 -11.90
N VAL A 132 -17.80 17.64 -11.52
CA VAL A 132 -17.39 18.08 -10.20
C VAL A 132 -18.30 17.50 -9.18
N HIS A 133 -19.59 17.47 -9.49
CA HIS A 133 -20.57 16.89 -8.57
C HIS A 133 -20.13 15.46 -8.24
N LEU A 134 -19.91 14.67 -9.29
CA LEU A 134 -19.47 13.31 -9.16
C LEU A 134 -18.12 13.17 -8.46
N CYS A 135 -17.07 13.70 -9.06
CA CYS A 135 -15.75 13.56 -8.47
C CYS A 135 -15.60 13.93 -7.00
N GLY A 136 -16.02 15.13 -6.63
CA GLY A 136 -15.94 15.55 -5.24
C GLY A 136 -16.86 14.72 -4.33
N GLY A 137 -18.08 14.43 -4.78
CA GLY A 137 -18.97 13.64 -3.95
C GLY A 137 -18.36 12.30 -3.62
N GLN A 138 -17.52 11.82 -4.52
CA GLN A 138 -16.82 10.54 -4.35
C GLN A 138 -15.74 10.74 -3.29
N ILE A 139 -15.11 11.91 -3.27
CA ILE A 139 -14.06 12.22 -2.29
C ILE A 139 -14.66 12.32 -0.88
N ARG A 140 -15.72 13.12 -0.78
CA ARG A 140 -16.48 13.37 0.46
C ARG A 140 -17.01 12.10 1.07
N THR A 141 -17.41 11.19 0.19
CA THR A 141 -17.97 9.89 0.58
C THR A 141 -17.01 9.02 1.37
N LYS A 142 -15.74 9.00 0.97
CA LYS A 142 -14.76 8.19 1.66
C LYS A 142 -14.05 9.08 2.66
N ARG A 143 -14.29 10.39 2.57
CA ARG A 143 -13.68 11.31 3.53
C ARG A 143 -14.32 11.10 4.87
N SER A 144 -15.65 11.13 4.90
CA SER A 144 -16.41 10.91 6.13
C SER A 144 -17.47 9.81 5.93
N ARG A 145 -17.20 8.59 6.38
CA ARG A 145 -18.22 7.55 6.20
C ARG A 145 -19.54 8.00 6.84
N ALA A 146 -20.65 7.46 6.35
CA ALA A 146 -21.97 7.81 6.84
C ALA A 146 -22.37 7.12 8.14
N THR A 147 -23.34 7.69 8.86
CA THR A 147 -23.78 7.15 10.15
C THR A 147 -25.27 6.79 10.29
N ASN A 148 -26.10 7.32 9.36
CA ASN A 148 -27.54 7.09 9.32
C ASN A 148 -27.99 7.05 7.85
N LEU A 149 -29.16 6.47 7.58
CA LEU A 149 -29.59 6.35 6.19
C LEU A 149 -29.61 7.66 5.43
N ARG A 150 -29.71 8.79 6.11
CA ARG A 150 -29.72 10.03 5.35
C ARG A 150 -28.40 10.18 4.63
N GLU A 151 -27.34 10.18 5.42
CA GLU A 151 -26.01 10.35 4.88
C GLU A 151 -25.68 9.26 3.90
N TRP A 152 -26.04 8.02 4.18
CA TRP A 152 -25.71 6.97 3.21
C TRP A 152 -26.30 7.35 1.85
N ARG A 153 -27.61 7.57 1.84
CA ARG A 153 -28.38 7.95 0.64
C ARG A 153 -27.72 9.10 -0.09
N ALA A 154 -27.32 10.09 0.68
CA ALA A 154 -26.67 11.24 0.14
C ALA A 154 -25.41 10.82 -0.58
N HIS A 155 -24.53 10.09 0.08
CA HIS A 155 -23.28 9.69 -0.58
C HIS A 155 -23.58 8.79 -1.79
N ALA A 156 -24.46 7.81 -1.61
CA ALA A 156 -24.85 6.91 -2.68
C ALA A 156 -25.30 7.74 -3.88
N SER A 157 -26.11 8.78 -3.65
CA SER A 157 -26.59 9.67 -4.73
C SER A 157 -25.56 10.16 -5.76
N THR A 158 -24.32 10.28 -5.31
CA THR A 158 -23.27 10.73 -6.20
C THR A 158 -22.53 9.55 -6.83
N TYR A 159 -21.75 8.81 -6.04
CA TYR A 159 -20.97 7.68 -6.53
C TYR A 159 -21.81 6.60 -7.18
N GLY A 160 -23.08 6.56 -6.85
CA GLY A 160 -23.94 5.57 -7.45
C GLY A 160 -24.89 6.18 -8.48
N SER A 161 -25.76 7.07 -8.02
CA SER A 161 -26.76 7.72 -8.90
C SER A 161 -26.17 8.61 -9.99
N THR A 162 -25.35 9.57 -9.62
CA THR A 162 -24.79 10.44 -10.63
C THR A 162 -23.91 9.65 -11.59
N PHE A 163 -23.15 8.70 -11.06
CA PHE A 163 -22.26 7.86 -11.86
C PHE A 163 -23.04 7.26 -13.02
N LEU A 164 -24.09 6.49 -12.71
CA LEU A 164 -24.86 5.85 -13.75
C LEU A 164 -25.58 6.88 -14.59
N GLY A 165 -26.21 7.87 -13.94
CA GLY A 165 -26.93 8.90 -14.65
C GLY A 165 -26.26 9.45 -15.91
N ARG A 166 -24.97 9.71 -15.85
CA ARG A 166 -24.30 10.25 -17.01
C ARG A 166 -24.21 9.23 -18.12
N TYR A 167 -24.25 7.97 -17.78
CA TYR A 167 -24.20 6.97 -18.83
C TYR A 167 -25.55 6.91 -19.52
N GLY A 168 -26.62 7.04 -18.74
CA GLY A 168 -27.95 7.05 -19.31
C GLY A 168 -28.02 8.30 -20.19
N ALA A 169 -27.44 9.40 -19.75
CA ALA A 169 -27.48 10.60 -20.57
C ALA A 169 -26.78 10.34 -21.89
N LEU A 170 -25.64 9.68 -21.82
CA LEU A 170 -24.84 9.37 -23.00
C LEU A 170 -25.60 8.47 -23.96
N ALA A 171 -26.21 7.45 -23.41
CA ALA A 171 -26.95 6.55 -24.24
C ALA A 171 -28.10 7.27 -24.91
N ALA A 172 -28.69 8.24 -24.24
CA ALA A 172 -29.79 8.92 -24.87
C ALA A 172 -29.19 9.76 -26.01
N ALA A 173 -27.98 10.28 -25.79
CA ALA A 173 -27.36 11.11 -26.80
C ALA A 173 -26.75 10.34 -27.98
N CYS A 174 -26.36 9.10 -27.76
CA CYS A 174 -25.78 8.29 -28.84
C CYS A 174 -26.82 7.31 -29.33
N GLY A 175 -27.98 7.34 -28.67
CA GLY A 175 -29.03 6.40 -29.00
C GLY A 175 -29.94 6.80 -30.14
N GLY A 176 -29.66 7.92 -30.76
CA GLY A 176 -30.49 8.35 -31.87
C GLY A 176 -31.79 9.05 -31.50
N GLU A 177 -32.67 9.08 -32.51
CA GLU A 177 -33.98 9.77 -32.46
C GLU A 177 -35.04 9.23 -31.54
N GLY A 178 -35.67 10.20 -30.85
CA GLY A 178 -36.74 9.92 -29.92
C GLY A 178 -36.33 9.18 -28.68
N GLN A 179 -35.35 9.74 -28.00
CA GLN A 179 -34.92 9.13 -26.78
C GLN A 179 -35.35 10.21 -25.80
N PRO A 180 -36.06 9.82 -24.72
CA PRO A 180 -36.57 10.69 -23.67
C PRO A 180 -35.54 11.08 -22.64
N ALA A 181 -34.42 11.57 -23.17
CA ALA A 181 -33.29 12.04 -22.39
C ALA A 181 -33.38 12.01 -20.88
N ASP A 182 -34.19 12.89 -20.32
CA ASP A 182 -34.32 12.96 -18.87
C ASP A 182 -34.91 11.71 -18.28
N SER A 183 -35.73 11.03 -19.05
CA SER A 183 -36.33 9.82 -18.51
C SER A 183 -35.28 8.73 -18.49
N VAL A 184 -34.52 8.57 -19.58
CA VAL A 184 -33.49 7.53 -19.58
C VAL A 184 -32.62 7.74 -18.37
N ARG A 185 -32.28 8.98 -18.11
CA ARG A 185 -31.47 9.28 -16.97
C ARG A 185 -32.15 8.98 -15.65
N GLU A 186 -33.38 9.43 -15.47
CA GLU A 186 -34.07 9.19 -14.19
C GLU A 186 -34.00 7.69 -13.86
N PHE A 187 -34.17 6.88 -14.90
CA PHE A 187 -34.10 5.46 -14.72
C PHE A 187 -32.74 5.11 -14.16
N ALA A 188 -31.70 5.59 -14.83
CA ALA A 188 -30.36 5.28 -14.39
C ALA A 188 -30.04 5.64 -12.96
N GLU A 189 -30.34 6.87 -12.54
CA GLU A 189 -30.03 7.33 -11.16
C GLU A 189 -30.82 6.59 -10.11
N ALA A 190 -31.99 6.13 -10.47
CA ALA A 190 -32.79 5.41 -9.52
C ALA A 190 -32.32 3.97 -9.44
N PHE A 191 -32.29 3.27 -10.58
CA PHE A 191 -31.86 1.86 -10.62
C PHE A 191 -30.44 1.77 -10.06
N ALA A 192 -29.65 2.79 -10.33
CA ALA A 192 -28.28 2.82 -9.90
C ALA A 192 -28.19 2.71 -8.40
N MET A 193 -29.06 3.41 -7.70
CA MET A 193 -29.02 3.37 -6.25
C MET A 193 -29.54 2.06 -5.64
N THR A 194 -30.43 1.37 -6.34
CA THR A 194 -30.99 0.09 -5.86
C THR A 194 -29.87 -0.93 -5.94
N ILE A 195 -29.10 -0.92 -7.03
CA ILE A 195 -28.00 -1.87 -7.13
C ILE A 195 -26.87 -1.47 -6.20
N THR A 196 -26.74 -0.20 -5.87
CA THR A 196 -25.66 0.18 -4.97
C THR A 196 -25.97 -0.31 -3.57
N MET A 197 -27.25 -0.28 -3.16
CA MET A 197 -27.60 -0.79 -1.85
C MET A 197 -27.37 -2.29 -1.88
N ALA A 198 -27.77 -2.96 -2.96
CA ALA A 198 -27.60 -4.40 -3.10
C ALA A 198 -26.14 -4.70 -2.86
N ASP A 199 -25.31 -4.07 -3.67
CA ASP A 199 -23.89 -4.24 -3.60
C ASP A 199 -23.36 -4.02 -2.16
N ASP A 200 -23.84 -3.00 -1.47
CA ASP A 200 -23.36 -2.76 -0.11
C ASP A 200 -23.68 -4.00 0.77
N LEU A 201 -24.96 -4.38 0.81
CA LEU A 201 -25.46 -5.52 1.59
C LEU A 201 -24.93 -6.86 1.10
N THR A 202 -24.15 -6.84 0.03
CA THR A 202 -23.52 -8.05 -0.49
C THR A 202 -22.05 -8.05 0.01
N ASP A 203 -21.77 -9.14 0.72
CA ASP A 203 -20.50 -9.49 1.38
C ASP A 203 -20.00 -10.79 0.65
N TYR A 204 -18.85 -10.69 -0.01
CA TYR A 204 -18.26 -11.82 -0.76
C TYR A 204 -17.15 -12.55 0.03
N ASP A 205 -16.59 -11.85 1.04
CA ASP A 205 -15.50 -12.34 1.92
C ASP A 205 -14.10 -11.94 1.43
N ARG A 206 -13.96 -11.86 0.10
CA ARG A 206 -12.72 -11.49 -0.60
C ARG A 206 -11.75 -10.53 0.12
N ASN A 207 -10.47 -10.89 0.12
CA ASN A 207 -9.36 -10.13 0.74
C ASN A 207 -9.72 -9.41 2.07
N GLY A 208 -9.82 -8.08 2.05
CA GLY A 208 -10.16 -7.35 3.25
C GLY A 208 -11.45 -6.54 3.11
N GLU A 209 -12.45 -7.16 2.47
CA GLU A 209 -13.75 -6.52 2.25
C GLU A 209 -14.54 -6.28 3.54
N ARG A 210 -14.57 -5.03 3.99
CA ARG A 210 -15.29 -4.66 5.22
C ARG A 210 -16.81 -4.60 4.98
N ASP A 211 -17.58 -5.13 5.94
CA ASP A 211 -19.05 -5.18 5.84
C ASP A 211 -19.59 -3.86 5.25
N GLY A 212 -20.55 -4.00 4.32
CA GLY A 212 -21.14 -2.85 3.66
C GLY A 212 -21.71 -1.78 4.57
N ASN A 213 -21.08 -0.61 4.57
CA ASN A 213 -21.52 0.50 5.40
C ASN A 213 -23.02 0.47 5.71
N LEU A 214 -23.88 0.34 4.71
CA LEU A 214 -25.31 0.32 4.98
C LEU A 214 -25.71 -0.92 5.74
N ALA A 215 -25.08 -2.04 5.39
CA ALA A 215 -25.36 -3.30 6.08
C ALA A 215 -24.87 -3.21 7.53
N HIS A 216 -23.79 -2.46 7.76
CA HIS A 216 -23.26 -2.30 9.10
C HIS A 216 -24.28 -1.51 9.88
N LEU A 217 -24.61 -0.33 9.36
CA LEU A 217 -25.57 0.55 9.99
C LEU A 217 -26.87 -0.17 10.31
N MET A 218 -27.27 -1.09 9.46
CA MET A 218 -28.48 -1.79 9.75
C MET A 218 -28.26 -2.70 10.94
N ARG A 219 -27.13 -3.43 10.96
CA ARG A 219 -26.79 -4.36 12.05
C ARG A 219 -26.45 -3.66 13.39
N THR A 220 -25.99 -2.40 13.33
CA THR A 220 -25.69 -1.59 14.50
C THR A 220 -26.99 -1.04 15.05
N GLY A 221 -27.98 -0.83 14.19
CA GLY A 221 -29.25 -0.29 14.62
C GLY A 221 -29.33 1.19 14.27
N ALA A 222 -28.24 1.70 13.68
CA ALA A 222 -28.14 3.11 13.25
C ALA A 222 -28.98 3.43 11.99
N VAL A 223 -29.67 2.43 11.46
CA VAL A 223 -30.52 2.54 10.28
C VAL A 223 -31.61 1.52 10.42
N ALA A 224 -32.85 1.97 10.36
CA ALA A 224 -34.00 1.09 10.56
C ALA A 224 -34.44 0.26 9.39
N GLY A 225 -34.67 -1.02 9.65
CA GLY A 225 -35.09 -1.88 8.57
C GLY A 225 -36.16 -1.25 7.71
N GLN A 226 -37.25 -0.85 8.34
CA GLN A 226 -38.34 -0.26 7.58
C GLN A 226 -37.87 0.90 6.70
N ASP A 227 -37.00 1.74 7.23
CA ASP A 227 -36.56 2.87 6.46
C ASP A 227 -35.77 2.46 5.24
N VAL A 228 -35.26 1.24 5.28
CA VAL A 228 -34.49 0.73 4.16
C VAL A 228 -35.56 0.20 3.23
N VAL A 229 -36.51 -0.53 3.78
CA VAL A 229 -37.59 -1.03 2.97
C VAL A 229 -38.33 0.08 2.22
N ASP A 230 -38.54 1.21 2.89
CA ASP A 230 -39.23 2.35 2.30
C ASP A 230 -38.48 2.90 1.14
N LEU A 231 -37.19 3.15 1.35
CA LEU A 231 -36.34 3.68 0.28
C LEU A 231 -36.41 2.76 -0.92
N LEU A 232 -36.09 1.51 -0.70
CA LEU A 232 -36.14 0.57 -1.78
C LEU A 232 -37.38 0.75 -2.61
N GLU A 233 -38.53 0.88 -1.95
CA GLU A 233 -39.80 1.06 -2.67
C GLU A 233 -39.87 2.39 -3.44
N GLU A 234 -39.46 3.47 -2.79
CA GLU A 234 -39.43 4.77 -3.45
C GLU A 234 -38.58 4.70 -4.72
N LEU A 235 -37.50 3.95 -4.66
CA LEU A 235 -36.63 3.84 -5.81
C LEU A 235 -37.25 2.96 -6.85
N ARG A 236 -38.00 1.97 -6.39
CA ARG A 236 -38.67 1.05 -7.32
C ARG A 236 -39.61 1.92 -8.13
N GLY A 237 -40.39 2.74 -7.42
CA GLY A 237 -41.34 3.64 -8.04
C GLY A 237 -40.70 4.64 -8.97
N ARG A 238 -39.68 5.31 -8.48
CA ARG A 238 -39.03 6.30 -9.30
C ARG A 238 -38.64 5.70 -10.63
N ALA A 239 -38.16 4.46 -10.60
CA ALA A 239 -37.74 3.80 -11.83
C ALA A 239 -38.86 3.37 -12.78
N LEU A 240 -39.94 2.82 -12.23
CA LEU A 240 -41.05 2.40 -13.07
C LEU A 240 -41.65 3.62 -13.70
N ALA A 241 -41.66 4.68 -12.90
CA ALA A 241 -42.20 5.95 -13.31
C ALA A 241 -41.42 6.38 -14.51
N ALA A 242 -40.11 6.34 -14.42
CA ALA A 242 -39.26 6.73 -15.51
C ALA A 242 -39.49 5.94 -16.82
N VAL A 243 -39.58 4.62 -16.70
CA VAL A 243 -39.74 3.79 -17.88
C VAL A 243 -41.14 3.81 -18.46
N ALA A 244 -42.05 4.45 -17.75
CA ALA A 244 -43.47 4.60 -18.16
C ALA A 244 -43.67 5.84 -19.04
N ALA A 245 -42.84 6.85 -18.80
CA ALA A 245 -42.91 8.05 -19.55
C ALA A 245 -42.57 7.66 -20.99
N PRO A 246 -43.38 8.16 -21.93
CA PRO A 246 -43.35 7.98 -23.39
C PRO A 246 -42.10 8.45 -24.05
N PRO A 247 -41.64 7.73 -25.08
CA PRO A 247 -42.20 6.51 -25.67
C PRO A 247 -42.30 5.30 -24.75
N GLY A 248 -41.55 5.31 -23.66
CA GLY A 248 -41.59 4.19 -22.74
C GLY A 248 -40.72 3.01 -23.12
N ALA A 249 -40.27 2.31 -22.09
CA ALA A 249 -39.41 1.12 -22.19
C ALA A 249 -40.03 0.03 -21.30
N PRO A 250 -41.24 -0.41 -21.65
CA PRO A 250 -41.89 -1.44 -20.84
C PRO A 250 -41.03 -2.64 -20.57
N GLY A 251 -39.98 -2.76 -21.37
CA GLY A 251 -39.05 -3.86 -21.20
C GLY A 251 -38.48 -3.87 -19.81
N LEU A 252 -37.97 -2.73 -19.36
CA LEU A 252 -37.35 -2.61 -18.05
C LEU A 252 -38.23 -2.86 -16.80
N VAL A 253 -39.52 -3.11 -17.00
CA VAL A 253 -40.36 -3.27 -15.84
C VAL A 253 -39.99 -4.48 -14.97
N PRO A 254 -39.95 -5.67 -15.57
CA PRO A 254 -39.59 -6.77 -14.70
C PRO A 254 -38.11 -6.64 -14.25
N VAL A 255 -37.30 -5.92 -15.01
CA VAL A 255 -35.90 -5.71 -14.62
C VAL A 255 -35.90 -4.92 -13.31
N VAL A 256 -36.67 -3.85 -13.29
CA VAL A 256 -36.79 -3.04 -12.10
C VAL A 256 -37.25 -3.90 -10.91
N HIS A 257 -38.31 -4.69 -11.09
CA HIS A 257 -38.84 -5.50 -10.01
C HIS A 257 -37.87 -6.55 -9.59
N LEU A 258 -37.22 -7.16 -10.57
CA LEU A 258 -36.26 -8.21 -10.32
C LEU A 258 -35.23 -7.81 -9.28
N TYR A 259 -34.56 -6.71 -9.59
CA TYR A 259 -33.52 -6.21 -8.73
C TYR A 259 -34.04 -5.65 -7.43
N THR A 260 -35.13 -4.91 -7.49
CA THR A 260 -35.69 -4.31 -6.28
C THR A 260 -36.19 -5.44 -5.34
N ASP A 261 -36.83 -6.48 -5.85
CA ASP A 261 -37.30 -7.53 -4.96
C ASP A 261 -36.14 -8.35 -4.44
N ASP A 262 -35.11 -8.51 -5.25
CA ASP A 262 -33.98 -9.28 -4.78
C ASP A 262 -33.36 -8.75 -3.49
N VAL A 263 -33.22 -7.44 -3.40
CA VAL A 263 -32.66 -6.85 -2.21
C VAL A 263 -33.61 -7.03 -1.05
N LEU A 264 -34.91 -6.98 -1.33
CA LEU A 264 -35.92 -7.11 -0.30
C LEU A 264 -35.96 -8.53 0.22
N VAL A 265 -36.43 -9.43 -0.63
CA VAL A 265 -36.55 -10.85 -0.30
C VAL A 265 -35.25 -11.57 0.09
N ARG A 266 -34.16 -11.27 -0.61
CA ARG A 266 -32.87 -11.93 -0.35
C ARG A 266 -31.86 -11.26 0.54
N LEU A 267 -31.46 -10.05 0.19
CA LEU A 267 -30.45 -9.41 0.99
C LEU A 267 -30.90 -8.85 2.31
N LEU A 268 -32.03 -8.17 2.37
CA LEU A 268 -32.42 -7.57 3.63
C LEU A 268 -32.41 -8.51 4.80
N PRO A 269 -33.08 -9.65 4.69
CA PRO A 269 -33.05 -10.52 5.86
C PRO A 269 -31.67 -10.86 6.42
N ARG A 270 -30.67 -11.03 5.57
CA ARG A 270 -29.33 -11.33 6.11
C ARG A 270 -28.81 -10.26 7.12
N HIS A 271 -29.20 -9.00 6.97
CA HIS A 271 -28.74 -7.93 7.85
C HIS A 271 -29.64 -7.48 8.97
N LEU A 272 -30.85 -8.02 9.05
CA LEU A 272 -31.74 -7.66 10.15
C LEU A 272 -30.90 -8.01 11.43
N GLY A 273 -30.22 -6.98 12.01
CA GLY A 273 -29.39 -7.14 13.21
C GLY A 273 -29.76 -6.28 14.43
N VAL B 9 13.53 38.52 -20.63
CA VAL B 9 13.34 39.97 -20.90
C VAL B 9 11.90 40.29 -21.30
N ASP B 10 11.40 39.63 -22.34
CA ASP B 10 10.03 39.87 -22.80
C ASP B 10 9.30 38.57 -23.09
N ASP B 11 9.85 37.76 -23.98
CA ASP B 11 9.21 36.48 -24.28
C ASP B 11 9.34 35.55 -23.07
N ASP B 12 10.32 35.85 -22.23
CA ASP B 12 10.54 35.08 -21.02
C ASP B 12 9.41 35.47 -20.08
N ASP B 13 8.89 36.67 -20.29
CA ASP B 13 7.79 37.16 -19.49
C ASP B 13 6.55 36.37 -19.87
N LYS B 14 6.28 36.27 -21.16
CA LYS B 14 5.11 35.56 -21.62
C LYS B 14 5.06 34.14 -21.07
N MET B 15 6.20 33.46 -21.06
CA MET B 15 6.23 32.09 -20.54
C MET B 15 5.89 32.12 -19.05
N LEU B 16 6.55 33.00 -18.29
CA LEU B 16 6.25 33.09 -16.88
C LEU B 16 4.77 33.36 -16.66
N ALA B 17 4.19 34.20 -17.51
CA ALA B 17 2.79 34.55 -17.35
C ALA B 17 1.89 33.40 -17.70
N ALA B 18 2.21 32.65 -18.76
CA ALA B 18 1.41 31.49 -19.19
C ALA B 18 1.48 30.43 -18.08
N GLU B 19 2.69 30.17 -17.59
CA GLU B 19 2.87 29.20 -16.49
C GLU B 19 2.09 29.56 -15.21
N ALA B 20 1.96 30.86 -15.00
CA ALA B 20 1.28 31.37 -13.85
C ALA B 20 -0.18 31.05 -14.02
N ALA B 21 -0.69 31.43 -15.20
CA ALA B 21 -2.08 31.21 -15.60
C ALA B 21 -2.44 29.71 -15.43
N ASN B 22 -1.70 28.86 -16.14
CA ASN B 22 -1.97 27.45 -16.07
C ASN B 22 -1.98 26.92 -14.65
N ARG B 23 -1.04 27.36 -13.81
CA ARG B 23 -0.96 26.90 -12.42
C ARG B 23 -2.24 27.23 -11.72
N ASP B 24 -2.71 28.44 -11.93
CA ASP B 24 -3.95 28.88 -11.29
C ASP B 24 -5.15 28.06 -11.75
N HIS B 25 -5.44 28.13 -13.04
CA HIS B 25 -6.51 27.35 -13.61
C HIS B 25 -6.50 25.89 -13.04
N VAL B 26 -5.31 25.26 -13.00
CA VAL B 26 -5.13 23.90 -12.48
C VAL B 26 -5.46 23.82 -11.02
N THR B 27 -4.84 24.67 -10.19
CA THR B 27 -5.15 24.58 -8.75
C THR B 27 -6.60 24.95 -8.44
N ARG B 28 -7.18 25.91 -9.17
CA ARG B 28 -8.57 26.28 -8.91
C ARG B 28 -9.45 25.02 -9.09
N CYS B 29 -9.19 24.22 -10.14
CA CYS B 29 -9.95 22.99 -10.35
C CYS B 29 -9.67 22.01 -9.25
N VAL B 30 -8.41 21.64 -9.03
CA VAL B 30 -8.14 20.69 -7.97
C VAL B 30 -8.79 21.09 -6.64
N ALA B 31 -8.98 22.37 -6.47
CA ALA B 31 -9.59 22.85 -5.24
C ALA B 31 -11.10 22.57 -5.23
N GLN B 32 -11.81 23.21 -6.18
CA GLN B 32 -13.26 23.10 -6.29
C GLN B 32 -13.77 21.69 -6.26
N THR B 33 -13.05 20.76 -6.84
CA THR B 33 -13.55 19.40 -6.83
C THR B 33 -13.22 18.58 -5.61
N GLY B 34 -12.65 19.22 -4.60
CA GLY B 34 -12.36 18.47 -3.39
C GLY B 34 -10.91 18.18 -2.99
N GLY B 35 -9.96 18.46 -3.88
CA GLY B 35 -8.58 18.20 -3.54
C GLY B 35 -8.25 18.88 -2.23
N SER B 36 -7.55 18.15 -1.36
CA SER B 36 -7.11 18.66 -0.07
C SER B 36 -6.04 19.72 -0.34
N PRO B 37 -5.62 20.51 0.69
CA PRO B 37 -4.60 21.53 0.41
C PRO B 37 -3.25 20.88 0.05
N ASP B 38 -3.05 19.68 0.57
CA ASP B 38 -1.85 18.93 0.32
C ASP B 38 -1.66 18.69 -1.19
N LEU B 39 -2.69 18.14 -1.85
CA LEU B 39 -2.68 17.85 -3.28
C LEU B 39 -2.71 19.12 -4.13
N VAL B 40 -3.45 20.13 -3.71
CA VAL B 40 -3.47 21.32 -4.50
C VAL B 40 -2.03 21.81 -4.63
N ALA B 41 -1.24 21.62 -3.58
CA ALA B 41 0.19 22.03 -3.57
C ALA B 41 0.98 21.28 -4.61
N HIS B 42 0.92 19.97 -4.41
CA HIS B 42 1.55 19.00 -5.26
C HIS B 42 1.28 19.31 -6.72
N THR B 43 0.08 19.76 -7.06
CA THR B 43 -0.15 20.04 -8.47
C THR B 43 0.50 21.39 -8.88
N ALA B 44 0.67 22.31 -7.95
CA ALA B 44 1.33 23.57 -8.33
C ALA B 44 2.86 23.35 -8.37
N ALA B 45 3.31 22.27 -7.77
CA ALA B 45 4.72 21.99 -7.81
C ALA B 45 5.06 21.81 -9.26
N LEU B 46 4.38 20.90 -9.94
CA LEU B 46 4.62 20.61 -11.37
C LEU B 46 4.83 21.86 -12.30
N ARG B 47 6.01 22.46 -12.22
CA ARG B 47 6.30 23.65 -13.00
C ARG B 47 6.59 23.41 -14.44
N LEU B 48 7.45 22.44 -14.69
CA LEU B 48 7.84 22.08 -16.06
C LEU B 48 6.58 21.76 -16.90
N TYR B 49 5.75 20.87 -16.33
CA TYR B 49 4.50 20.42 -16.94
C TYR B 49 3.55 21.59 -17.16
N LEU B 50 3.45 22.48 -16.19
CA LEU B 50 2.56 23.62 -16.35
C LEU B 50 3.10 24.67 -17.36
N ARG B 51 4.40 24.63 -17.64
CA ARG B 51 5.04 25.56 -18.53
C ARG B 51 4.97 25.09 -19.98
N VAL B 52 5.22 23.80 -20.17
CA VAL B 52 5.24 23.23 -21.49
C VAL B 52 4.10 23.60 -22.39
N PRO B 53 2.87 23.57 -21.91
CA PRO B 53 1.76 23.93 -22.79
C PRO B 53 2.04 25.22 -23.57
N HIS B 54 2.87 26.05 -22.95
CA HIS B 54 3.21 27.32 -23.54
C HIS B 54 4.02 27.09 -24.78
N PHE B 55 5.08 26.28 -24.66
CA PHE B 55 5.91 25.97 -25.81
C PHE B 55 5.09 25.32 -26.92
N LEU B 56 4.22 24.36 -26.56
CA LEU B 56 3.38 23.65 -27.53
C LEU B 56 2.44 24.57 -28.32
N THR B 57 2.03 25.65 -27.69
CA THR B 57 1.15 26.59 -28.32
C THR B 57 1.86 27.72 -29.09
N GLU B 58 3.19 27.68 -29.13
CA GLU B 58 4.01 28.71 -29.81
C GLU B 58 3.60 29.08 -31.24
N TRP B 59 2.96 28.16 -31.95
CA TRP B 59 2.58 28.48 -33.30
C TRP B 59 1.20 29.13 -33.35
N THR B 60 0.57 29.29 -32.21
CA THR B 60 -0.77 29.86 -32.18
C THR B 60 -0.79 31.36 -32.31
N THR B 61 -1.24 31.86 -33.46
CA THR B 61 -1.25 33.32 -33.69
C THR B 61 -2.16 34.16 -32.77
N ASP B 62 -3.45 33.84 -32.60
CA ASP B 62 -4.30 34.63 -31.69
C ASP B 62 -4.12 34.31 -30.17
N PRO B 63 -3.50 35.23 -29.43
CA PRO B 63 -3.18 35.18 -28.00
C PRO B 63 -4.23 34.64 -27.06
N ASP B 64 -5.49 34.89 -27.40
CA ASP B 64 -6.62 34.44 -26.58
C ASP B 64 -6.85 32.95 -26.81
N ARG B 65 -6.91 32.56 -28.08
CA ARG B 65 -7.08 31.15 -28.37
C ARG B 65 -5.90 30.49 -27.66
N ARG B 66 -4.69 30.99 -27.94
CA ARG B 66 -3.49 30.47 -27.30
C ARG B 66 -3.58 30.24 -25.77
N ALA B 67 -4.03 31.25 -25.02
CA ALA B 67 -4.14 31.12 -23.57
C ALA B 67 -5.00 29.92 -23.20
N ALA B 68 -6.14 29.79 -23.88
CA ALA B 68 -7.08 28.71 -23.64
C ALA B 68 -6.54 27.31 -23.99
N VAL B 69 -5.98 27.15 -25.20
CA VAL B 69 -5.41 25.88 -25.58
C VAL B 69 -4.39 25.53 -24.50
N SER B 70 -3.43 26.41 -24.25
CA SER B 70 -2.39 26.18 -23.24
C SER B 70 -2.86 25.64 -21.90
N ARG B 71 -3.86 26.26 -21.29
CA ARG B 71 -4.34 25.76 -20.01
C ARG B 71 -5.13 24.44 -20.11
N ALA B 72 -5.82 24.21 -21.22
CA ALA B 72 -6.56 22.97 -21.39
C ALA B 72 -5.53 21.90 -21.36
N LEU B 73 -4.51 22.09 -22.19
CA LEU B 73 -3.40 21.15 -22.27
C LEU B 73 -2.80 20.95 -20.88
N ALA B 74 -2.66 22.05 -20.16
CA ALA B 74 -2.10 21.99 -18.81
C ALA B 74 -2.91 21.00 -17.96
N LEU B 75 -4.22 21.12 -18.09
CA LEU B 75 -5.16 20.31 -17.36
C LEU B 75 -4.89 18.83 -17.50
N ASP B 76 -4.81 18.35 -18.74
CA ASP B 76 -4.59 16.92 -18.97
C ASP B 76 -3.22 16.46 -18.52
N ILE B 77 -2.21 17.23 -18.88
CA ILE B 77 -0.86 16.86 -18.51
C ILE B 77 -0.83 16.57 -17.02
N VAL B 78 -1.39 17.47 -16.23
CA VAL B 78 -1.44 17.26 -14.78
C VAL B 78 -2.34 16.04 -14.48
N SER B 79 -3.54 16.03 -15.06
CA SER B 79 -4.41 14.88 -14.87
C SER B 79 -3.63 13.59 -15.11
N MET B 80 -2.84 13.58 -16.18
CA MET B 80 -2.12 12.39 -16.48
C MET B 80 -1.00 12.18 -15.52
N LYS B 81 -0.31 13.24 -15.14
CA LYS B 81 0.78 13.05 -14.17
C LYS B 81 0.20 12.46 -12.89
N LEU B 82 -1.00 12.89 -12.52
CA LEU B 82 -1.64 12.37 -11.30
C LEU B 82 -1.99 10.91 -11.39
N LEU B 83 -2.43 10.46 -12.55
CA LEU B 83 -2.78 9.08 -12.69
C LEU B 83 -1.53 8.25 -12.50
N ASP B 84 -0.37 8.85 -12.80
CA ASP B 84 0.92 8.17 -12.65
C ASP B 84 1.31 8.08 -11.17
N ASP B 85 1.36 9.22 -10.48
CA ASP B 85 1.67 9.23 -9.05
C ASP B 85 0.73 8.24 -8.37
N LEU B 86 -0.41 8.01 -9.02
CA LEU B 86 -1.42 7.10 -8.52
C LEU B 86 -0.98 5.67 -8.70
N MET B 87 -0.17 5.39 -9.72
CA MET B 87 0.27 4.02 -9.89
C MET B 87 1.43 3.70 -8.99
N ASP B 88 2.29 4.70 -8.83
CA ASP B 88 3.44 4.52 -7.98
C ASP B 88 3.06 4.46 -6.50
N ASP B 89 2.06 5.23 -6.10
CA ASP B 89 1.60 5.25 -4.70
C ASP B 89 2.80 5.40 -3.79
N ASP B 90 3.53 6.48 -4.00
CA ASP B 90 4.73 6.80 -3.25
C ASP B 90 4.64 8.24 -2.88
N THR B 91 3.58 8.90 -3.35
CA THR B 91 3.35 10.32 -3.09
C THR B 91 2.84 10.64 -1.71
N GLY B 92 2.39 9.59 -1.00
CA GLY B 92 1.89 9.75 0.35
C GLY B 92 0.63 10.59 0.46
N LEU B 93 0.15 11.10 -0.70
CA LEU B 93 -1.08 11.89 -0.75
C LEU B 93 -2.15 10.84 -0.78
N ASP B 94 -3.40 11.27 -0.60
CA ASP B 94 -4.53 10.34 -0.56
C ASP B 94 -4.94 9.71 -1.90
N ARG B 95 -5.03 8.39 -1.95
CA ARG B 95 -5.37 7.77 -3.22
C ARG B 95 -6.72 8.17 -3.79
N VAL B 96 -7.68 8.53 -2.97
CA VAL B 96 -8.99 8.90 -3.53
C VAL B 96 -8.95 10.29 -4.21
N GLU B 97 -8.45 11.29 -3.51
CA GLU B 97 -8.41 12.62 -4.09
C GLU B 97 -7.59 12.56 -5.38
N LEU B 98 -6.51 11.77 -5.33
CA LEU B 98 -5.63 11.59 -6.47
C LEU B 98 -6.50 11.12 -7.61
N ALA B 99 -7.08 9.93 -7.44
CA ALA B 99 -7.98 9.35 -8.43
C ALA B 99 -9.06 10.29 -8.96
N CYS B 100 -9.84 10.90 -8.07
CA CYS B 100 -10.93 11.78 -8.50
C CYS B 100 -10.56 13.08 -9.14
N VAL B 101 -9.53 13.73 -8.64
CA VAL B 101 -9.11 14.98 -9.26
C VAL B 101 -8.55 14.58 -10.63
N CYS B 102 -7.95 13.39 -10.67
CA CYS B 102 -7.40 12.87 -11.90
C CYS B 102 -8.49 12.92 -12.94
N LEU B 103 -9.58 12.23 -12.64
CA LEU B 103 -10.69 12.20 -13.54
C LEU B 103 -11.23 13.62 -13.80
N ARG B 104 -11.56 14.36 -12.74
CA ARG B 104 -12.10 15.69 -12.94
C ARG B 104 -11.29 16.52 -13.89
N LEU B 105 -10.01 16.56 -13.64
CA LEU B 105 -9.16 17.37 -14.46
C LEU B 105 -9.20 16.98 -15.94
N HIS B 106 -9.24 15.68 -16.17
CA HIS B 106 -9.26 15.11 -17.52
C HIS B 106 -10.50 15.48 -18.29
N LEU B 107 -11.62 15.35 -17.61
CA LEU B 107 -12.90 15.65 -18.18
C LEU B 107 -13.06 17.09 -18.58
N ARG B 108 -12.48 17.98 -17.81
CA ARG B 108 -12.57 19.39 -18.11
C ARG B 108 -11.64 19.66 -19.29
N ALA B 109 -10.48 19.01 -19.29
CA ALA B 109 -9.53 19.15 -20.39
C ALA B 109 -10.19 18.80 -21.68
N LEU B 110 -10.84 17.64 -21.67
CA LEU B 110 -11.52 17.15 -22.87
C LEU B 110 -12.54 18.13 -23.35
N HIS B 111 -13.23 18.75 -22.41
CA HIS B 111 -14.27 19.71 -22.69
C HIS B 111 -13.75 20.97 -23.32
N GLU B 112 -12.75 21.58 -22.70
CA GLU B 112 -12.17 22.82 -23.26
C GLU B 112 -11.48 22.59 -24.60
N LEU B 113 -10.69 21.54 -24.69
CA LEU B 113 -10.01 21.23 -25.93
C LEU B 113 -10.95 21.05 -27.08
N GLU B 114 -12.09 20.41 -26.86
CA GLU B 114 -13.07 20.20 -27.93
C GLU B 114 -13.81 21.47 -28.36
N SER B 115 -13.79 22.48 -27.51
CA SER B 115 -14.46 23.73 -27.80
C SER B 115 -13.64 24.54 -28.75
N LEU B 116 -12.33 24.34 -28.70
CA LEU B 116 -11.45 25.10 -29.56
C LEU B 116 -11.03 24.33 -30.80
N ALA B 117 -11.24 23.01 -30.75
CA ALA B 117 -10.88 22.06 -31.81
C ALA B 117 -11.40 22.40 -33.22
N ARG B 118 -10.63 22.00 -34.23
CA ARG B 118 -11.03 22.28 -35.61
C ARG B 118 -12.23 21.43 -36.05
N ASP B 119 -12.14 20.12 -35.88
CA ASP B 119 -13.22 19.23 -36.22
C ASP B 119 -13.66 18.57 -34.94
N PRO B 120 -14.96 18.51 -34.68
CA PRO B 120 -15.38 17.86 -33.43
C PRO B 120 -14.56 16.63 -32.98
N LYS B 121 -14.52 15.62 -33.82
CA LYS B 121 -13.82 14.38 -33.49
C LYS B 121 -12.29 14.39 -33.50
N ALA B 122 -11.66 15.53 -33.71
CA ALA B 122 -10.19 15.55 -33.75
C ALA B 122 -9.51 15.21 -32.44
N VAL B 123 -10.09 15.67 -31.34
CA VAL B 123 -9.55 15.42 -30.03
C VAL B 123 -9.53 13.93 -29.66
N THR B 124 -10.69 13.31 -29.51
CA THR B 124 -10.72 11.89 -29.15
C THR B 124 -9.91 11.06 -30.14
N ASP B 125 -9.86 11.52 -31.39
CA ASP B 125 -9.13 10.87 -32.48
C ASP B 125 -7.68 10.69 -32.11
N ILE B 126 -7.05 11.82 -31.86
CA ILE B 126 -5.66 11.92 -31.47
C ILE B 126 -5.36 11.08 -30.23
N LEU B 127 -6.16 11.27 -29.16
CA LEU B 127 -5.95 10.55 -27.92
C LEU B 127 -6.12 9.03 -28.12
N GLU B 128 -6.69 8.62 -29.25
CA GLU B 128 -6.91 7.22 -29.52
C GLU B 128 -5.90 6.62 -30.46
N GLN B 129 -5.52 7.32 -31.53
CA GLN B 129 -4.57 6.74 -32.47
C GLN B 129 -3.44 5.97 -31.78
N ASP B 130 -2.73 6.62 -30.89
CA ASP B 130 -1.62 5.94 -30.25
C ASP B 130 -1.92 5.45 -28.84
N ALA B 131 -3.19 5.38 -28.45
CA ALA B 131 -3.55 4.96 -27.09
C ALA B 131 -2.99 3.63 -26.67
N VAL B 132 -2.97 2.66 -27.57
CA VAL B 132 -2.40 1.40 -27.13
C VAL B 132 -0.90 1.48 -27.12
N HIS B 133 -0.29 2.10 -28.12
CA HIS B 133 1.16 2.22 -28.09
C HIS B 133 1.60 2.84 -26.75
N LEU B 134 0.91 3.90 -26.37
CA LEU B 134 1.17 4.60 -25.13
C LEU B 134 0.98 3.74 -23.88
N CYS B 135 -0.26 3.36 -23.64
CA CYS B 135 -0.67 2.56 -22.48
C CYS B 135 0.09 1.28 -22.27
N GLY B 136 0.18 0.46 -23.31
CA GLY B 136 0.92 -0.78 -23.21
C GLY B 136 2.43 -0.58 -23.13
N GLY B 137 2.93 0.47 -23.77
CA GLY B 137 4.36 0.75 -23.74
C GLY B 137 4.69 1.16 -22.34
N GLN B 138 3.77 1.88 -21.71
CA GLN B 138 3.97 2.32 -20.36
C GLN B 138 3.94 1.08 -19.47
N ILE B 139 3.15 0.09 -19.85
CA ILE B 139 3.12 -1.11 -19.04
C ILE B 139 4.42 -1.85 -19.15
N ARG B 140 4.97 -1.93 -20.37
CA ARG B 140 6.24 -2.62 -20.59
C ARG B 140 7.44 -1.86 -20.02
N THR B 141 7.34 -0.54 -19.99
CA THR B 141 8.41 0.28 -19.44
C THR B 141 8.77 -0.30 -18.08
N LYS B 142 7.78 -0.38 -17.21
CA LYS B 142 7.98 -0.84 -15.84
C LYS B 142 7.96 -2.33 -15.61
N ARG B 143 7.68 -3.08 -16.67
CA ARG B 143 7.66 -4.53 -16.58
C ARG B 143 9.12 -4.89 -16.37
N SER B 144 9.94 -4.29 -17.24
CA SER B 144 11.40 -4.50 -17.30
C SER B 144 12.32 -3.23 -17.28
N ARG B 145 13.17 -3.12 -16.25
CA ARG B 145 14.15 -2.03 -16.08
C ARG B 145 15.15 -2.09 -17.26
N ALA B 146 15.31 -1.00 -18.03
CA ALA B 146 16.25 -1.00 -19.19
C ALA B 146 17.70 -1.14 -18.74
N THR B 147 18.58 -1.58 -19.63
CA THR B 147 19.95 -1.82 -19.22
C THR B 147 21.09 -1.28 -20.08
N ASN B 148 20.77 -0.48 -21.08
CA ASN B 148 21.77 0.12 -21.96
C ASN B 148 21.05 1.25 -22.65
N LEU B 149 21.78 2.21 -23.21
CA LEU B 149 21.07 3.33 -23.82
C LEU B 149 19.97 2.91 -24.81
N ARG B 150 20.25 1.92 -25.65
CA ARG B 150 19.29 1.43 -26.65
C ARG B 150 17.90 1.23 -26.08
N GLU B 151 17.83 0.55 -24.94
CA GLU B 151 16.58 0.27 -24.28
C GLU B 151 16.01 1.49 -23.52
N TRP B 152 16.88 2.28 -22.91
CA TRP B 152 16.43 3.45 -22.16
C TRP B 152 15.68 4.31 -23.15
N ARG B 153 16.35 4.63 -24.24
CA ARG B 153 15.77 5.45 -25.28
C ARG B 153 14.42 4.87 -25.75
N ALA B 154 14.35 3.55 -25.84
CA ALA B 154 13.14 2.85 -26.28
C ALA B 154 11.94 3.14 -25.36
N HIS B 155 12.15 2.92 -24.07
CA HIS B 155 11.13 3.19 -23.08
C HIS B 155 10.79 4.69 -23.16
N ALA B 156 11.79 5.54 -22.95
CA ALA B 156 11.58 6.95 -23.00
C ALA B 156 10.75 7.42 -24.19
N SER B 157 11.00 6.87 -25.36
CA SER B 157 10.26 7.28 -26.55
C SER B 157 8.75 7.11 -26.44
N THR B 158 8.28 6.28 -25.51
CA THR B 158 6.83 6.08 -25.35
C THR B 158 6.26 6.88 -24.17
N TYR B 159 6.70 6.60 -22.95
CA TYR B 159 6.16 7.38 -21.82
C TYR B 159 6.67 8.80 -21.79
N GLY B 160 7.63 9.12 -22.64
CA GLY B 160 8.12 10.48 -22.69
C GLY B 160 7.66 11.17 -23.97
N SER B 161 8.22 10.68 -25.08
CA SER B 161 7.98 11.19 -26.43
C SER B 161 6.54 11.13 -26.95
N THR B 162 5.90 9.97 -26.92
CA THR B 162 4.53 9.84 -27.39
C THR B 162 3.58 10.68 -26.50
N PHE B 163 3.75 10.53 -25.18
CA PHE B 163 2.97 11.25 -24.18
C PHE B 163 2.85 12.71 -24.54
N LEU B 164 3.98 13.38 -24.70
CA LEU B 164 3.96 14.77 -25.06
C LEU B 164 3.62 15.01 -26.52
N GLY B 165 3.91 14.04 -27.36
CA GLY B 165 3.60 14.21 -28.77
C GLY B 165 2.13 14.48 -28.96
N ARG B 166 1.33 13.70 -28.24
CA ARG B 166 -0.12 13.78 -28.28
C ARG B 166 -0.61 15.20 -27.92
N TYR B 167 0.05 15.82 -26.98
CA TYR B 167 -0.39 17.15 -26.61
C TYR B 167 0.10 18.05 -27.71
N GLY B 168 1.28 17.76 -28.24
CA GLY B 168 1.78 18.55 -29.34
C GLY B 168 0.70 18.50 -30.41
N ALA B 169 0.26 17.31 -30.78
CA ALA B 169 -0.75 17.14 -31.81
C ALA B 169 -2.05 17.90 -31.48
N LEU B 170 -2.50 17.76 -30.23
CA LEU B 170 -3.73 18.41 -29.74
C LEU B 170 -3.60 19.93 -29.78
N ALA B 171 -2.41 20.41 -29.43
CA ALA B 171 -2.15 21.82 -29.45
C ALA B 171 -2.33 22.27 -30.91
N ALA B 172 -1.73 21.55 -31.84
CA ALA B 172 -1.86 21.94 -33.23
C ALA B 172 -3.32 21.95 -33.65
N ALA B 173 -4.05 20.89 -33.31
CA ALA B 173 -5.46 20.75 -33.68
C ALA B 173 -6.41 21.69 -33.01
N CYS B 174 -6.00 22.26 -31.90
CA CYS B 174 -6.90 23.18 -31.26
C CYS B 174 -6.44 24.64 -31.43
N GLY B 175 -5.26 24.82 -32.03
CA GLY B 175 -4.67 26.15 -32.19
C GLY B 175 -4.92 27.05 -33.41
N GLY B 176 -6.11 26.94 -34.00
CA GLY B 176 -6.45 27.76 -35.14
C GLY B 176 -5.54 27.59 -36.32
N GLU B 177 -5.54 28.58 -37.19
CA GLU B 177 -4.74 28.53 -38.41
C GLU B 177 -3.22 28.52 -38.30
N GLY B 178 -2.62 28.03 -39.38
CA GLY B 178 -1.18 27.96 -39.50
C GLY B 178 -0.45 27.05 -38.53
N GLN B 179 -1.02 25.88 -38.27
CA GLN B 179 -0.40 24.96 -37.35
C GLN B 179 0.36 23.93 -38.16
N PRO B 180 1.70 23.94 -38.06
CA PRO B 180 2.54 22.98 -38.79
C PRO B 180 2.40 21.59 -38.20
N ALA B 181 1.15 21.14 -38.16
CA ALA B 181 0.74 19.85 -37.64
C ALA B 181 1.86 18.92 -37.15
N ASP B 182 2.46 18.21 -38.09
CA ASP B 182 3.51 17.24 -37.78
C ASP B 182 4.73 17.83 -37.13
N SER B 183 4.99 19.10 -37.43
CA SER B 183 6.17 19.77 -36.88
C SER B 183 6.02 20.02 -35.36
N VAL B 184 4.85 20.51 -34.97
CA VAL B 184 4.60 20.75 -33.55
C VAL B 184 4.86 19.45 -32.81
N ARG B 185 4.32 18.36 -33.33
CA ARG B 185 4.52 17.09 -32.67
C ARG B 185 5.97 16.70 -32.65
N GLU B 186 6.65 16.89 -33.79
CA GLU B 186 8.05 16.52 -33.86
C GLU B 186 8.82 17.30 -32.79
N PHE B 187 8.45 18.56 -32.55
CA PHE B 187 9.11 19.33 -31.51
C PHE B 187 8.83 18.67 -30.19
N ALA B 188 7.54 18.46 -29.93
CA ALA B 188 7.13 17.86 -28.67
C ALA B 188 7.85 16.57 -28.39
N GLU B 189 7.83 15.64 -29.34
CA GLU B 189 8.48 14.35 -29.11
C GLU B 189 10.00 14.42 -28.85
N ALA B 190 10.64 15.40 -29.46
CA ALA B 190 12.06 15.56 -29.30
C ALA B 190 12.35 16.19 -27.95
N PHE B 191 11.82 17.40 -27.75
CA PHE B 191 12.00 18.14 -26.52
C PHE B 191 11.69 17.22 -25.32
N ALA B 192 10.57 16.50 -25.43
CA ALA B 192 10.12 15.60 -24.38
C ALA B 192 11.20 14.65 -23.89
N MET B 193 11.95 14.09 -24.81
CA MET B 193 12.99 13.18 -24.40
C MET B 193 14.17 13.92 -23.77
N THR B 194 14.44 15.13 -24.22
CA THR B 194 15.54 15.89 -23.64
C THR B 194 15.26 16.05 -22.13
N ILE B 195 14.12 16.66 -21.81
CA ILE B 195 13.73 16.90 -20.43
C ILE B 195 13.56 15.60 -19.69
N THR B 196 13.22 14.54 -20.41
CA THR B 196 13.07 13.24 -19.77
C THR B 196 14.41 12.75 -19.31
N MET B 197 15.46 13.15 -20.01
CA MET B 197 16.81 12.74 -19.63
C MET B 197 17.18 13.56 -18.43
N ALA B 198 16.87 14.83 -18.51
CA ALA B 198 17.19 15.73 -17.44
C ALA B 198 16.57 15.13 -16.23
N ASP B 199 15.28 14.86 -16.31
CA ASP B 199 14.60 14.32 -15.16
C ASP B 199 15.27 13.13 -14.53
N ASP B 200 15.69 12.18 -15.35
CA ASP B 200 16.32 10.97 -14.87
C ASP B 200 17.54 11.29 -14.06
N LEU B 201 18.44 12.10 -14.62
CA LEU B 201 19.70 12.51 -13.96
C LEU B 201 19.48 13.40 -12.75
N THR B 202 18.26 13.90 -12.61
CA THR B 202 17.94 14.76 -11.49
C THR B 202 17.48 13.89 -10.34
N ASP B 203 18.17 14.03 -9.21
CA ASP B 203 17.82 13.27 -8.02
C ASP B 203 17.40 14.31 -7.02
N TYR B 204 16.19 14.15 -6.48
CA TYR B 204 15.66 15.07 -5.47
C TYR B 204 15.76 14.40 -4.09
N ASP B 205 15.87 13.07 -4.09
CA ASP B 205 16.01 12.24 -2.89
C ASP B 205 14.81 11.92 -2.00
N ARG B 206 13.79 12.79 -1.98
CA ARG B 206 12.60 12.59 -1.14
C ARG B 206 12.07 11.14 -1.20
N ASN B 207 11.46 10.71 -0.09
CA ASN B 207 10.87 9.36 0.12
C ASN B 207 11.85 8.18 -0.11
N GLY B 208 11.50 7.30 -1.06
CA GLY B 208 12.33 6.15 -1.40
C GLY B 208 12.68 6.20 -2.87
N GLU B 209 12.95 7.42 -3.34
CA GLU B 209 13.29 7.76 -4.71
C GLU B 209 14.60 7.22 -5.28
N ARG B 210 14.46 6.25 -6.20
CA ARG B 210 15.56 5.58 -6.90
C ARG B 210 16.47 6.51 -7.73
N ASP B 211 17.76 6.16 -7.87
CA ASP B 211 18.67 6.96 -8.70
C ASP B 211 18.14 6.71 -10.14
N GLY B 212 18.05 7.78 -10.93
CA GLY B 212 17.54 7.66 -12.29
C GLY B 212 18.16 6.55 -13.12
N ASN B 213 17.31 5.67 -13.63
CA ASN B 213 17.68 4.55 -14.50
C ASN B 213 18.90 4.90 -15.40
N LEU B 214 18.80 5.97 -16.17
CA LEU B 214 19.87 6.40 -17.04
C LEU B 214 21.09 6.83 -16.25
N ALA B 215 20.86 7.47 -15.12
CA ALA B 215 21.93 7.93 -14.26
C ALA B 215 22.68 6.71 -13.75
N HIS B 216 21.92 5.78 -13.21
CA HIS B 216 22.47 4.55 -12.69
C HIS B 216 23.30 3.84 -13.76
N LEU B 217 22.68 3.55 -14.90
CA LEU B 217 23.32 2.86 -16.03
C LEU B 217 24.54 3.63 -16.51
N MET B 218 24.58 4.91 -16.19
CA MET B 218 25.68 5.76 -16.60
C MET B 218 26.81 5.54 -15.62
N ARG B 219 26.47 5.63 -14.35
CA ARG B 219 27.41 5.46 -13.23
C ARG B 219 27.91 4.03 -13.05
N THR B 220 27.31 3.12 -13.78
CA THR B 220 27.72 1.74 -13.68
C THR B 220 28.54 1.32 -14.87
N GLY B 221 28.70 2.23 -15.82
CA GLY B 221 29.47 1.91 -17.02
C GLY B 221 28.63 1.21 -18.07
N ALA B 222 27.36 0.90 -17.76
CA ALA B 222 26.45 0.23 -18.70
C ALA B 222 26.03 1.17 -19.87
N VAL B 223 26.38 2.44 -19.77
CA VAL B 223 26.05 3.43 -20.79
C VAL B 223 27.16 4.43 -20.83
N ALA B 224 27.73 4.65 -22.01
CA ALA B 224 28.86 5.58 -22.17
C ALA B 224 28.49 7.06 -22.24
N GLY B 225 29.12 7.83 -21.37
CA GLY B 225 28.88 9.25 -21.30
C GLY B 225 28.79 9.87 -22.67
N GLN B 226 29.75 9.62 -23.56
CA GLN B 226 29.64 10.28 -24.86
C GLN B 226 28.34 9.97 -25.61
N ASP B 227 27.86 8.75 -25.50
CA ASP B 227 26.63 8.37 -26.15
C ASP B 227 25.46 9.23 -25.72
N VAL B 228 25.38 9.54 -24.42
CA VAL B 228 24.32 10.39 -23.88
C VAL B 228 24.42 11.75 -24.59
N VAL B 229 25.65 12.25 -24.64
CA VAL B 229 25.96 13.52 -25.26
C VAL B 229 25.54 13.51 -26.71
N ASP B 230 25.74 12.39 -27.39
CA ASP B 230 25.38 12.35 -28.80
C ASP B 230 23.90 12.51 -28.92
N LEU B 231 23.16 11.67 -28.18
CA LEU B 231 21.69 11.68 -28.16
C LEU B 231 21.17 13.07 -27.79
N LEU B 232 21.68 13.63 -26.71
CA LEU B 232 21.28 14.99 -26.34
C LEU B 232 21.41 15.91 -27.56
N GLU B 233 22.47 15.66 -28.33
CA GLU B 233 22.71 16.46 -29.48
C GLU B 233 21.75 16.17 -30.63
N GLU B 234 21.40 14.90 -30.77
CA GLU B 234 20.48 14.47 -31.82
C GLU B 234 19.13 15.09 -31.54
N LEU B 235 18.75 15.09 -30.28
CA LEU B 235 17.48 15.64 -29.88
C LEU B 235 17.43 17.17 -30.08
N ARG B 236 18.53 17.86 -29.82
CA ARG B 236 18.53 19.30 -30.01
C ARG B 236 18.37 19.56 -31.50
N GLY B 237 19.01 18.74 -32.30
CA GLY B 237 18.90 18.92 -33.74
C GLY B 237 17.50 18.67 -34.23
N ARG B 238 16.98 17.51 -33.87
CA ARG B 238 15.63 17.12 -34.24
C ARG B 238 14.65 18.24 -33.84
N ALA B 239 14.93 18.87 -32.70
CA ALA B 239 14.09 19.95 -32.19
C ALA B 239 14.18 21.24 -32.98
N LEU B 240 15.40 21.75 -33.11
CA LEU B 240 15.65 22.97 -33.83
C LEU B 240 15.10 22.82 -35.24
N ALA B 241 15.23 21.59 -35.74
CA ALA B 241 14.78 21.22 -37.07
C ALA B 241 13.32 21.53 -37.25
N ALA B 242 12.54 20.97 -36.33
CA ALA B 242 11.10 21.13 -36.30
C ALA B 242 10.65 22.60 -36.22
N VAL B 243 11.19 23.34 -35.26
CA VAL B 243 10.84 24.75 -35.06
C VAL B 243 11.25 25.66 -36.22
N ALA B 244 11.89 25.04 -37.21
CA ALA B 244 12.36 25.74 -38.39
C ALA B 244 11.36 25.66 -39.52
N ALA B 245 10.81 24.45 -39.67
CA ALA B 245 9.82 24.19 -40.69
C ALA B 245 8.85 25.33 -40.61
N PRO B 246 8.48 25.90 -41.77
CA PRO B 246 7.54 27.02 -41.93
C PRO B 246 6.11 26.66 -41.52
N PRO B 247 5.37 27.65 -40.97
CA PRO B 247 5.74 29.06 -40.72
C PRO B 247 6.78 29.33 -39.66
N GLY B 248 7.28 28.29 -39.01
CA GLY B 248 8.29 28.43 -37.97
C GLY B 248 7.86 28.97 -36.60
N ALA B 249 8.61 28.57 -35.57
CA ALA B 249 8.35 29.00 -34.19
C ALA B 249 9.71 29.44 -33.63
N PRO B 250 10.29 30.52 -34.22
CA PRO B 250 11.59 31.07 -33.81
C PRO B 250 11.81 31.18 -32.30
N GLY B 251 10.73 31.47 -31.56
CA GLY B 251 10.83 31.58 -30.13
C GLY B 251 11.44 30.38 -29.40
N LEU B 252 11.06 29.17 -29.80
CA LEU B 252 11.52 27.96 -29.12
C LEU B 252 12.97 27.61 -29.26
N VAL B 253 13.65 28.30 -30.16
CA VAL B 253 15.05 28.02 -30.37
C VAL B 253 15.86 28.14 -29.09
N PRO B 254 15.81 29.32 -28.47
CA PRO B 254 16.58 29.44 -27.23
C PRO B 254 16.09 28.45 -26.17
N VAL B 255 14.77 28.18 -26.13
CA VAL B 255 14.24 27.23 -25.16
C VAL B 255 14.96 25.91 -25.30
N VAL B 256 14.98 25.38 -26.53
CA VAL B 256 15.66 24.14 -26.86
C VAL B 256 17.13 24.17 -26.37
N HIS B 257 17.88 25.15 -26.83
CA HIS B 257 19.27 25.24 -26.41
C HIS B 257 19.36 25.37 -24.89
N LEU B 258 18.36 25.96 -24.26
CA LEU B 258 18.43 26.12 -22.83
C LEU B 258 18.41 24.80 -22.04
N TYR B 259 17.45 23.94 -22.30
CA TYR B 259 17.36 22.69 -21.58
C TYR B 259 18.40 21.69 -22.02
N THR B 260 18.81 21.75 -23.28
CA THR B 260 19.80 20.79 -23.74
C THR B 260 21.11 21.07 -23.07
N ASP B 261 21.46 22.35 -23.06
CA ASP B 261 22.70 22.74 -22.45
C ASP B 261 22.63 22.53 -20.95
N ASP B 262 21.44 22.67 -20.33
CA ASP B 262 21.40 22.44 -18.88
C ASP B 262 21.81 21.05 -18.55
N VAL B 263 21.29 20.10 -19.31
CA VAL B 263 21.59 18.70 -19.09
C VAL B 263 23.08 18.53 -19.21
N LEU B 264 23.62 19.05 -20.32
CA LEU B 264 25.05 18.96 -20.64
C LEU B 264 25.98 19.57 -19.60
N VAL B 265 25.79 20.86 -19.35
CA VAL B 265 26.60 21.65 -18.42
C VAL B 265 26.37 21.36 -16.96
N ARG B 266 25.11 21.38 -16.52
CA ARG B 266 24.80 21.16 -15.14
C ARG B 266 24.69 19.70 -14.68
N LEU B 267 23.78 18.94 -15.29
CA LEU B 267 23.51 17.56 -14.91
C LEU B 267 24.49 16.48 -15.29
N LEU B 268 24.76 16.32 -16.57
CA LEU B 268 25.70 15.32 -17.03
C LEU B 268 26.86 15.00 -16.10
N PRO B 269 27.65 16.02 -15.65
CA PRO B 269 28.81 15.87 -14.77
C PRO B 269 28.58 15.28 -13.38
N ARG B 270 27.38 15.40 -12.84
CA ARG B 270 27.09 14.85 -11.52
C ARG B 270 27.27 13.31 -11.59
N HIS B 271 27.19 12.75 -12.80
CA HIS B 271 27.33 11.30 -13.01
C HIS B 271 28.64 10.78 -13.62
N LEU B 272 29.23 11.55 -14.54
CA LEU B 272 30.49 11.21 -15.16
C LEU B 272 31.57 11.73 -14.22
N GLY B 273 32.81 11.78 -14.65
CA GLY B 273 33.81 12.23 -13.73
C GLY B 273 34.41 13.56 -14.09
N GLU B 274 35.74 13.60 -13.98
CA GLU B 274 36.57 14.78 -14.29
C GLU B 274 36.54 14.88 -15.82
N ALA B 275 36.52 13.70 -16.43
CA ALA B 275 36.47 13.54 -17.86
C ALA B 275 35.02 13.28 -18.30
N GLY B 276 34.35 14.31 -18.84
CA GLY B 276 32.98 14.15 -19.31
C GLY B 276 32.90 12.96 -20.25
N ALA B 277 32.74 13.23 -21.54
CA ALA B 277 32.67 12.14 -22.52
C ALA B 277 33.91 12.15 -23.39
N GLY B 278 33.81 11.61 -24.61
CA GLY B 278 34.94 11.57 -25.54
C GLY B 278 36.31 11.25 -24.96
N ALA B 279 37.30 11.09 -25.83
CA ALA B 279 38.64 10.78 -25.36
C ALA B 279 39.19 12.03 -24.67
N MET B 280 40.33 11.88 -24.00
CA MET B 280 41.01 12.99 -23.30
C MET B 280 41.72 13.89 -24.31
N ALA B 281 41.42 15.19 -24.28
CA ALA B 281 42.00 16.18 -25.21
C ALA B 281 43.52 16.13 -25.50
N THR B 282 43.90 16.00 -26.78
CA THR B 282 45.33 15.94 -27.09
C THR B 282 45.89 17.01 -28.02
N VAL B 283 47.20 17.30 -27.85
CA VAL B 283 47.93 18.27 -28.66
C VAL B 283 48.93 17.47 -29.47
N LYS B 284 48.92 17.68 -30.78
CA LYS B 284 49.82 17.00 -31.70
C LYS B 284 50.76 18.01 -32.34
N PHE B 285 52.05 17.81 -32.19
CA PHE B 285 53.04 18.70 -32.77
C PHE B 285 54.27 17.91 -33.20
N LYS B 286 55.12 18.53 -34.00
CA LYS B 286 56.33 17.86 -34.44
C LYS B 286 57.43 18.55 -33.65
N TYR B 287 58.23 17.76 -32.94
CA TYR B 287 59.30 18.28 -32.09
C TYR B 287 60.63 17.50 -32.06
N LYS B 288 61.66 18.11 -32.62
CA LYS B 288 62.99 17.50 -32.70
C LYS B 288 62.96 16.33 -33.68
N GLY B 289 62.36 16.56 -34.85
CA GLY B 289 62.24 15.55 -35.87
C GLY B 289 61.16 14.52 -35.54
N GLU B 290 60.69 14.53 -34.30
CA GLU B 290 59.68 13.58 -33.83
C GLU B 290 58.24 13.95 -34.08
N GLU B 291 57.37 13.09 -33.56
CA GLU B 291 55.93 13.24 -33.64
C GLU B 291 55.49 13.16 -32.18
N LYS B 292 54.71 14.11 -31.72
CA LYS B 292 54.30 14.02 -30.34
C LYS B 292 52.78 14.13 -30.20
N GLU B 293 52.31 13.76 -29.01
CA GLU B 293 50.89 13.81 -28.65
C GLU B 293 50.77 13.82 -27.12
N VAL B 294 50.37 14.97 -26.59
CA VAL B 294 50.24 15.12 -25.13
C VAL B 294 48.80 15.44 -24.72
N ASP B 295 48.39 14.91 -23.58
CA ASP B 295 47.05 15.15 -23.08
C ASP B 295 47.12 16.46 -22.32
N ILE B 296 46.18 17.35 -22.60
CA ILE B 296 46.18 18.64 -21.94
C ILE B 296 46.28 18.44 -20.44
N SER B 297 45.99 17.22 -19.99
CA SER B 297 46.04 16.91 -18.56
C SER B 297 47.47 17.02 -18.02
N LYS B 298 48.46 16.82 -18.90
CA LYS B 298 49.88 16.89 -18.53
C LYS B 298 50.57 18.21 -18.91
N ILE B 299 49.84 19.09 -19.63
CA ILE B 299 50.37 20.39 -20.04
C ILE B 299 50.39 21.40 -18.89
N LYS B 300 51.60 21.72 -18.45
CA LYS B 300 51.77 22.69 -17.38
C LYS B 300 51.59 24.12 -17.93
N LYS B 301 52.70 24.81 -18.20
CA LYS B 301 52.73 26.20 -18.70
C LYS B 301 52.37 26.28 -20.19
N VAL B 302 51.65 27.34 -20.57
CA VAL B 302 51.21 27.56 -21.96
C VAL B 302 50.98 29.02 -22.27
N TRP B 303 51.67 29.55 -23.27
CA TRP B 303 51.49 30.96 -23.62
C TRP B 303 51.37 31.23 -25.10
N ARG B 304 51.16 32.51 -25.41
CA ARG B 304 51.02 32.92 -26.78
C ARG B 304 52.16 33.84 -27.21
N VAL B 305 52.43 33.77 -28.51
CA VAL B 305 53.48 34.51 -29.19
C VAL B 305 52.91 34.67 -30.60
N GLY B 306 52.30 35.82 -30.87
CA GLY B 306 51.73 36.02 -32.17
C GLY B 306 50.56 35.08 -32.42
N LYS B 307 50.67 34.17 -33.38
CA LYS B 307 49.58 33.24 -33.67
C LYS B 307 50.02 31.82 -33.42
N MET B 308 51.02 31.65 -32.56
CA MET B 308 51.51 30.34 -32.20
C MET B 308 51.23 30.17 -30.70
N ILE B 309 51.16 28.96 -30.22
CA ILE B 309 50.91 28.71 -28.83
C ILE B 309 52.09 27.89 -28.38
N SER B 310 52.89 28.43 -27.50
CA SER B 310 54.05 27.70 -27.04
C SER B 310 53.65 27.09 -25.72
N PHE B 311 54.26 25.96 -25.36
CA PHE B 311 53.93 25.32 -24.10
C PHE B 311 55.01 24.38 -23.60
N THR B 312 54.73 23.85 -22.41
CA THR B 312 55.61 22.90 -21.73
C THR B 312 54.72 21.84 -21.08
N TYR B 313 55.21 20.62 -20.98
CA TYR B 313 54.41 19.57 -20.38
C TYR B 313 55.25 18.66 -19.47
N ASP B 314 54.58 17.67 -18.88
CA ASP B 314 55.23 16.69 -18.00
C ASP B 314 55.46 15.49 -18.92
N GLU B 315 56.72 15.31 -19.35
CA GLU B 315 57.11 14.24 -20.29
C GLU B 315 57.50 12.87 -19.72
N GLY B 316 57.68 12.78 -18.41
CA GLY B 316 58.05 11.49 -17.86
C GLY B 316 58.87 11.62 -16.59
N GLY B 317 58.16 11.76 -15.48
CA GLY B 317 58.80 11.91 -14.18
C GLY B 317 58.97 13.38 -13.85
N GLY B 318 60.22 13.81 -13.72
CA GLY B 318 60.50 15.20 -13.45
C GLY B 318 60.93 15.86 -14.76
N LYS B 319 60.75 15.12 -15.86
CA LYS B 319 61.10 15.57 -17.21
C LYS B 319 60.06 16.55 -17.82
N THR B 320 60.51 17.75 -18.16
CA THR B 320 59.64 18.79 -18.73
C THR B 320 59.84 18.96 -20.26
N GLY B 321 58.97 18.31 -21.04
CA GLY B 321 59.06 18.42 -22.49
C GLY B 321 58.47 19.73 -22.95
N ARG B 322 58.77 20.16 -24.18
CA ARG B 322 58.26 21.45 -24.71
C ARG B 322 57.63 21.30 -26.08
N GLY B 323 56.89 22.32 -26.47
CA GLY B 323 56.26 22.31 -27.77
C GLY B 323 55.70 23.66 -28.17
N ALA B 324 55.32 23.71 -29.45
CA ALA B 324 54.73 24.91 -30.02
C ALA B 324 53.87 24.54 -31.23
N VAL B 325 52.62 25.01 -31.24
CA VAL B 325 51.74 24.73 -32.37
C VAL B 325 51.02 25.99 -32.82
N SER B 326 50.50 25.95 -34.03
CA SER B 326 49.78 27.08 -34.57
C SER B 326 48.51 27.09 -33.77
N GLU B 327 47.90 28.25 -33.54
CA GLU B 327 46.67 28.28 -32.76
C GLU B 327 45.59 27.49 -33.51
N LYS B 328 45.77 27.30 -34.81
CA LYS B 328 44.83 26.51 -35.61
C LYS B 328 44.78 25.05 -35.12
N ASP B 329 45.91 24.35 -35.17
CA ASP B 329 45.95 22.95 -34.73
C ASP B 329 46.03 22.86 -33.21
N ALA B 330 45.55 23.90 -32.52
CA ALA B 330 45.56 23.92 -31.06
C ALA B 330 44.18 23.54 -30.53
N PRO B 331 44.08 22.44 -29.75
CA PRO B 331 42.78 22.02 -29.21
C PRO B 331 42.14 23.01 -28.20
N LYS B 332 40.83 23.23 -28.33
CA LYS B 332 40.05 24.14 -27.45
C LYS B 332 40.45 24.08 -25.97
N GLU B 333 40.57 22.85 -25.46
CA GLU B 333 40.95 22.62 -24.07
C GLU B 333 42.38 23.11 -23.75
N LEU B 334 43.07 23.68 -24.73
CA LEU B 334 44.43 24.20 -24.52
C LEU B 334 44.39 25.71 -24.64
N LEU B 335 43.54 26.20 -25.53
CA LEU B 335 43.38 27.64 -25.75
C LEU B 335 42.67 28.22 -24.56
N GLN B 336 42.09 27.33 -23.77
CA GLN B 336 41.39 27.73 -22.56
C GLN B 336 42.47 28.00 -21.50
N MET B 337 43.44 27.08 -21.40
CA MET B 337 44.50 27.22 -20.41
C MET B 337 45.25 28.53 -20.54
N LEU B 338 45.22 29.14 -21.72
CA LEU B 338 45.88 30.43 -21.91
C LEU B 338 45.18 31.44 -21.00
N GLU B 339 43.84 31.33 -20.96
CA GLU B 339 42.97 32.21 -20.17
C GLU B 339 43.23 32.22 -18.67
N LYS B 340 43.28 31.03 -18.05
CA LYS B 340 43.52 30.91 -16.60
C LYS B 340 44.78 31.71 -16.20
N GLN B 341 45.84 31.54 -17.00
CA GLN B 341 47.13 32.20 -16.80
C GLN B 341 47.10 33.73 -17.05
N LYS B 342 47.33 34.22 -18.27
CA LYS B 342 47.27 35.67 -18.48
C LYS B 342 46.43 36.10 -19.68
N ASP C 10 27.21 19.60 33.19
CA ASP C 10 28.03 18.35 33.11
C ASP C 10 27.15 17.09 33.05
N ASP C 11 26.01 17.11 33.74
CA ASP C 11 25.13 15.95 33.69
C ASP C 11 24.51 15.91 32.31
N ASP C 12 24.49 17.06 31.65
CA ASP C 12 23.97 17.15 30.31
C ASP C 12 25.05 16.55 29.43
N ASP C 13 26.30 16.56 29.90
CA ASP C 13 27.43 15.98 29.15
C ASP C 13 27.24 14.48 29.12
N LYS C 14 26.99 13.94 30.30
CA LYS C 14 26.73 12.52 30.45
C LYS C 14 25.62 12.08 29.46
N MET C 15 24.51 12.83 29.42
CA MET C 15 23.35 12.57 28.55
C MET C 15 23.71 12.57 27.07
N LEU C 16 24.37 13.64 26.62
CA LEU C 16 24.74 13.76 25.23
C LEU C 16 25.67 12.64 24.85
N ALA C 17 26.51 12.22 25.77
CA ALA C 17 27.42 11.12 25.51
C ALA C 17 26.67 9.82 25.27
N ALA C 18 25.75 9.54 26.18
CA ALA C 18 24.98 8.32 26.13
C ALA C 18 24.20 8.21 24.82
N GLU C 19 23.54 9.30 24.46
CA GLU C 19 22.73 9.29 23.26
C GLU C 19 23.60 9.08 22.05
N ALA C 20 24.80 9.63 22.08
CA ALA C 20 25.68 9.46 20.94
C ALA C 20 26.22 8.07 20.96
N ALA C 21 26.54 7.57 22.16
CA ALA C 21 27.05 6.20 22.27
C ALA C 21 25.94 5.29 21.80
N ASN C 22 24.75 5.48 22.37
CA ASN C 22 23.59 4.66 22.03
C ASN C 22 23.26 4.68 20.57
N ARG C 23 23.25 5.86 19.96
CA ARG C 23 22.99 5.91 18.52
C ARG C 23 24.01 5.11 17.71
N ASP C 24 25.29 5.26 18.01
CA ASP C 24 26.33 4.54 17.26
C ASP C 24 26.08 3.05 17.36
N HIS C 25 25.86 2.56 18.57
CA HIS C 25 25.61 1.15 18.77
C HIS C 25 24.46 0.69 17.87
N VAL C 26 23.40 1.47 17.80
CA VAL C 26 22.24 1.14 16.97
C VAL C 26 22.54 1.18 15.47
N THR C 27 23.18 2.25 15.00
CA THR C 27 23.42 2.36 13.58
C THR C 27 24.46 1.37 13.14
N ARG C 28 25.47 1.12 13.96
CA ARG C 28 26.49 0.14 13.57
C ARG C 28 25.79 -1.18 13.32
N CYS C 29 24.91 -1.54 14.25
CA CYS C 29 24.14 -2.77 14.19
C CYS C 29 23.28 -2.85 12.95
N VAL C 30 22.51 -1.78 12.72
CA VAL C 30 21.62 -1.67 11.58
C VAL C 30 22.41 -1.74 10.28
N ALA C 31 23.60 -1.18 10.30
CA ALA C 31 24.43 -1.19 9.12
C ALA C 31 24.89 -2.58 8.71
N GLN C 32 25.54 -3.26 9.64
CA GLN C 32 26.04 -4.58 9.42
C GLN C 32 24.97 -5.68 9.18
N THR C 33 23.71 -5.47 9.54
CA THR C 33 22.75 -6.53 9.29
C THR C 33 22.19 -6.31 7.92
N GLY C 34 22.73 -5.32 7.21
CA GLY C 34 22.27 -5.05 5.88
C GLY C 34 21.30 -3.93 5.62
N GLY C 35 21.02 -3.10 6.63
CA GLY C 35 20.11 -2.00 6.43
C GLY C 35 20.78 -1.07 5.43
N SER C 36 19.96 -0.40 4.62
CA SER C 36 20.52 0.51 3.62
C SER C 36 20.84 1.87 4.23
N PRO C 37 21.38 2.80 3.43
CA PRO C 37 21.73 4.14 3.88
C PRO C 37 20.54 4.86 4.50
N ASP C 38 19.41 4.74 3.82
CA ASP C 38 18.19 5.40 4.28
C ASP C 38 17.66 4.90 5.63
N LEU C 39 17.75 3.60 5.89
CA LEU C 39 17.26 3.09 7.16
C LEU C 39 18.21 3.48 8.29
N VAL C 40 19.50 3.42 8.00
CA VAL C 40 20.45 3.75 9.04
C VAL C 40 20.13 5.15 9.51
N ALA C 41 19.90 6.06 8.57
CA ALA C 41 19.61 7.47 8.89
C ALA C 41 18.38 7.56 9.76
N HIS C 42 17.36 6.87 9.27
CA HIS C 42 16.09 6.80 9.90
C HIS C 42 16.19 6.43 11.38
N THR C 43 17.03 5.47 11.71
CA THR C 43 17.20 5.03 13.09
C THR C 43 17.92 6.05 13.94
N ALA C 44 18.93 6.70 13.38
CA ALA C 44 19.70 7.71 14.13
C ALA C 44 18.88 8.99 14.40
N ALA C 45 17.84 9.21 13.59
CA ALA C 45 16.97 10.34 13.80
C ALA C 45 15.95 10.05 14.95
N LEU C 46 15.88 8.81 15.44
CA LEU C 46 15.01 8.48 16.56
C LEU C 46 15.74 8.99 17.79
N ARG C 47 15.82 10.29 17.88
CA ARG C 47 16.56 10.96 18.91
C ARG C 47 16.10 10.77 20.34
N LEU C 48 14.84 11.03 20.61
CA LEU C 48 14.45 10.90 21.99
C LEU C 48 14.64 9.52 22.53
N TYR C 49 14.24 8.52 21.75
CA TYR C 49 14.34 7.15 22.19
C TYR C 49 15.73 6.67 22.32
N LEU C 50 16.71 7.32 21.73
CA LEU C 50 18.06 6.79 21.91
C LEU C 50 18.58 7.43 23.18
N ARG C 51 17.83 8.42 23.63
CA ARG C 51 18.18 9.19 24.81
C ARG C 51 17.53 8.73 26.10
N VAL C 52 16.28 8.25 25.99
CA VAL C 52 15.50 7.77 27.13
C VAL C 52 16.19 6.59 27.89
N PRO C 53 16.89 5.70 27.17
CA PRO C 53 17.53 4.64 27.94
C PRO C 53 18.43 5.23 29.04
N HIS C 54 19.00 6.40 28.77
CA HIS C 54 19.87 7.05 29.74
C HIS C 54 19.07 7.33 31.02
N PHE C 55 17.89 7.87 30.81
CA PHE C 55 17.07 8.20 31.96
C PHE C 55 16.73 6.96 32.78
N LEU C 56 16.41 5.86 32.11
CA LEU C 56 16.05 4.67 32.83
C LEU C 56 17.23 3.99 33.57
N THR C 57 18.44 4.27 33.12
CA THR C 57 19.63 3.66 33.75
C THR C 57 20.17 4.57 34.82
N GLU C 58 19.53 5.70 35.02
CA GLU C 58 19.99 6.65 36.03
C GLU C 58 20.36 6.02 37.38
N TRP C 59 19.62 5.03 37.83
CA TRP C 59 19.90 4.40 39.12
C TRP C 59 21.06 3.40 39.11
N THR C 60 21.76 3.32 38.00
CA THR C 60 22.86 2.37 37.91
C THR C 60 24.16 3.04 38.23
N THR C 61 24.75 2.67 39.36
CA THR C 61 25.98 3.31 39.81
C THR C 61 27.26 3.01 39.04
N ASP C 62 27.59 1.74 38.78
CA ASP C 62 28.80 1.49 37.97
C ASP C 62 28.55 1.91 36.51
N PRO C 63 29.33 2.88 35.97
CA PRO C 63 29.30 3.47 34.63
C PRO C 63 29.36 2.53 33.44
N ASP C 64 30.17 1.49 33.58
CA ASP C 64 30.30 0.52 32.52
C ASP C 64 29.04 -0.29 32.34
N ARG C 65 28.56 -0.91 33.40
CA ARG C 65 27.32 -1.68 33.34
C ARG C 65 26.22 -0.69 32.95
N ARG C 66 26.33 0.56 33.38
CA ARG C 66 25.34 1.52 32.99
C ARG C 66 25.27 1.70 31.50
N ALA C 67 26.41 1.93 30.86
CA ALA C 67 26.35 2.14 29.41
C ALA C 67 25.99 0.88 28.61
N ALA C 68 26.24 -0.29 29.23
CA ALA C 68 25.94 -1.61 28.69
C ALA C 68 24.41 -1.78 28.65
N VAL C 69 23.79 -1.52 29.79
CA VAL C 69 22.37 -1.61 29.85
C VAL C 69 21.81 -0.50 28.99
N SER C 70 22.38 0.68 29.07
CA SER C 70 21.83 1.78 28.27
C SER C 70 21.63 1.50 26.80
N ARG C 71 22.69 0.99 26.15
CA ARG C 71 22.61 0.72 24.72
C ARG C 71 21.90 -0.59 24.37
N ALA C 72 21.72 -1.47 25.33
CA ALA C 72 21.01 -2.71 25.05
C ALA C 72 19.52 -2.32 24.96
N LEU C 73 19.07 -1.50 25.92
CA LEU C 73 17.71 -1.00 25.89
C LEU C 73 17.56 -0.27 24.58
N ALA C 74 18.50 0.62 24.30
CA ALA C 74 18.47 1.38 23.07
C ALA C 74 18.12 0.51 21.87
N LEU C 75 18.80 -0.62 21.74
CA LEU C 75 18.56 -1.53 20.61
C LEU C 75 17.13 -1.97 20.44
N ASP C 76 16.54 -2.41 21.56
CA ASP C 76 15.18 -2.88 21.55
C ASP C 76 14.18 -1.73 21.33
N ILE C 77 14.31 -0.60 22.04
CA ILE C 77 13.40 0.51 21.76
C ILE C 77 13.37 0.80 20.22
N VAL C 78 14.53 0.96 19.58
CA VAL C 78 14.54 1.20 18.14
C VAL C 78 13.92 0.04 17.44
N SER C 79 14.27 -1.17 17.82
CA SER C 79 13.69 -2.35 17.18
C SER C 79 12.15 -2.33 17.14
N MET C 80 11.57 -1.94 18.26
CA MET C 80 10.14 -1.88 18.38
C MET C 80 9.62 -0.74 17.57
N LYS C 81 10.27 0.41 17.70
CA LYS C 81 9.81 1.56 16.95
C LYS C 81 9.82 1.25 15.47
N LEU C 82 10.75 0.43 15.03
CA LEU C 82 10.80 0.04 13.65
C LEU C 82 9.60 -0.86 13.36
N LEU C 83 9.24 -1.74 14.29
CA LEU C 83 8.08 -2.61 14.05
C LEU C 83 6.88 -1.72 13.85
N ASP C 84 6.88 -0.58 14.51
CA ASP C 84 5.78 0.34 14.38
C ASP C 84 5.67 0.91 12.97
N ASP C 85 6.69 1.65 12.52
CA ASP C 85 6.69 2.19 11.17
C ASP C 85 6.35 1.14 10.14
N LEU C 86 6.43 -0.12 10.56
CA LEU C 86 6.17 -1.24 9.70
C LEU C 86 4.70 -1.47 9.57
N MET C 87 3.95 -1.09 10.59
CA MET C 87 2.50 -1.26 10.56
C MET C 87 1.79 0.04 10.11
N ASP C 88 2.54 1.14 10.07
CA ASP C 88 1.96 2.37 9.62
C ASP C 88 2.27 2.47 8.13
N ASP C 89 3.36 1.79 7.74
CA ASP C 89 3.85 1.80 6.37
C ASP C 89 3.64 3.18 5.78
N ASP C 90 4.31 4.15 6.38
CA ASP C 90 4.20 5.52 5.93
C ASP C 90 5.60 6.18 5.77
N THR C 91 6.61 5.42 6.16
CA THR C 91 8.00 5.83 6.07
C THR C 91 8.49 5.67 4.64
N GLY C 92 7.68 5.05 3.79
CA GLY C 92 8.11 4.85 2.42
C GLY C 92 9.51 4.26 2.38
N LEU C 93 9.88 3.56 3.45
CA LEU C 93 11.19 2.89 3.61
C LEU C 93 10.93 1.47 3.13
N ASP C 94 11.96 0.65 2.89
CA ASP C 94 11.68 -0.71 2.38
C ASP C 94 11.08 -1.58 3.47
N ARG C 95 9.95 -2.21 3.21
CA ARG C 95 9.33 -3.01 4.24
C ARG C 95 10.14 -4.19 4.63
N VAL C 96 10.89 -4.75 3.69
CA VAL C 96 11.72 -5.91 4.06
C VAL C 96 12.86 -5.48 5.00
N GLU C 97 13.69 -4.54 4.56
CA GLU C 97 14.77 -4.05 5.43
C GLU C 97 14.21 -3.83 6.85
N LEU C 98 13.14 -3.02 6.91
CA LEU C 98 12.47 -2.66 8.15
C LEU C 98 12.25 -3.91 8.94
N ALA C 99 11.49 -4.80 8.34
CA ALA C 99 11.18 -6.06 8.99
C ALA C 99 12.43 -6.78 9.53
N CYS C 100 13.39 -7.07 8.67
CA CYS C 100 14.57 -7.82 9.06
C CYS C 100 15.37 -7.18 10.14
N VAL C 101 15.71 -5.91 9.94
CA VAL C 101 16.50 -5.18 10.95
C VAL C 101 15.74 -5.14 12.29
N CYS C 102 14.43 -4.88 12.21
CA CYS C 102 13.58 -4.91 13.37
C CYS C 102 13.89 -6.20 14.15
N LEU C 103 13.79 -7.33 13.46
CA LEU C 103 14.08 -8.58 14.11
C LEU C 103 15.51 -8.69 14.58
N ARG C 104 16.48 -8.19 13.81
CA ARG C 104 17.90 -8.27 14.16
C ARG C 104 18.29 -7.48 15.42
N LEU C 105 17.77 -6.28 15.56
CA LEU C 105 18.09 -5.45 16.70
C LEU C 105 17.44 -6.04 17.91
N HIS C 106 16.30 -6.68 17.69
CA HIS C 106 15.61 -7.27 18.81
C HIS C 106 16.41 -8.40 19.39
N LEU C 107 16.88 -9.29 18.53
CA LEU C 107 17.66 -10.46 18.96
C LEU C 107 19.02 -10.06 19.56
N ARG C 108 19.57 -8.93 19.13
CA ARG C 108 20.80 -8.53 19.75
C ARG C 108 20.36 -7.94 21.07
N ALA C 109 19.40 -7.06 21.05
CA ALA C 109 18.96 -6.49 22.31
C ALA C 109 18.71 -7.57 23.41
N LEU C 110 18.15 -8.72 23.03
CA LEU C 110 17.87 -9.78 24.01
C LEU C 110 19.14 -10.44 24.52
N HIS C 111 20.04 -10.76 23.59
CA HIS C 111 21.29 -11.39 23.94
C HIS C 111 22.09 -10.51 24.93
N GLU C 112 22.16 -9.21 24.62
CA GLU C 112 22.87 -8.24 25.44
C GLU C 112 22.22 -8.02 26.81
N LEU C 113 20.89 -7.98 26.83
CA LEU C 113 20.18 -7.80 28.08
C LEU C 113 20.37 -9.04 28.95
N GLU C 114 20.18 -10.24 28.42
CA GLU C 114 20.32 -11.45 29.24
C GLU C 114 21.71 -11.68 29.78
N SER C 115 22.69 -11.18 29.03
CA SER C 115 24.09 -11.27 29.41
C SER C 115 24.48 -10.29 30.55
N LEU C 116 23.63 -9.31 30.81
CA LEU C 116 23.90 -8.32 31.85
C LEU C 116 22.97 -8.49 33.08
N ALA C 117 21.94 -9.33 32.97
CA ALA C 117 21.00 -9.47 34.07
C ALA C 117 21.44 -10.43 35.15
N ARG C 118 20.95 -10.17 36.36
CA ARG C 118 21.29 -11.02 37.48
C ARG C 118 20.90 -12.41 37.04
N ASP C 119 19.62 -12.57 36.72
CA ASP C 119 19.04 -13.84 36.27
C ASP C 119 18.46 -13.59 34.88
N PRO C 120 18.96 -14.28 33.83
CA PRO C 120 18.50 -14.12 32.43
C PRO C 120 16.99 -14.26 32.19
N LYS C 121 16.42 -15.28 32.84
CA LYS C 121 15.00 -15.59 32.76
C LYS C 121 14.21 -14.35 33.07
N ALA C 122 14.79 -13.48 33.90
CA ALA C 122 14.11 -12.28 34.29
C ALA C 122 13.85 -11.42 33.10
N VAL C 123 14.65 -11.57 32.04
CA VAL C 123 14.42 -10.73 30.87
C VAL C 123 13.11 -11.08 30.15
N THR C 124 12.95 -12.35 29.86
CA THR C 124 11.76 -12.81 29.18
C THR C 124 10.56 -12.73 30.10
N ASP C 125 10.75 -12.88 31.41
CA ASP C 125 9.62 -12.80 32.37
C ASP C 125 8.93 -11.45 32.24
N ILE C 126 9.75 -10.40 32.16
CA ILE C 126 9.26 -9.05 32.04
C ILE C 126 8.62 -8.75 30.70
N LEU C 127 9.19 -9.28 29.63
CA LEU C 127 8.65 -9.08 28.31
C LEU C 127 7.32 -9.79 28.13
N GLU C 128 7.18 -10.97 28.72
CA GLU C 128 5.95 -11.80 28.64
C GLU C 128 4.85 -11.33 29.58
N GLN C 129 5.23 -11.11 30.82
CA GLN C 129 4.39 -10.60 31.89
C GLN C 129 3.19 -9.72 31.45
N ASP C 130 3.43 -8.59 30.82
CA ASP C 130 2.30 -7.78 30.38
C ASP C 130 2.26 -7.70 28.87
N ALA C 131 2.80 -8.72 28.21
CA ALA C 131 2.83 -8.71 26.76
C ALA C 131 1.45 -8.60 26.18
N VAL C 132 0.48 -9.26 26.80
CA VAL C 132 -0.89 -9.22 26.29
C VAL C 132 -1.51 -7.87 26.46
N HIS C 133 -1.31 -7.27 27.64
CA HIS C 133 -1.87 -5.94 27.91
C HIS C 133 -1.37 -4.91 26.91
N LEU C 134 -0.09 -5.07 26.58
CA LEU C 134 0.66 -4.23 25.63
C LEU C 134 0.24 -4.38 24.16
N CYS C 135 0.28 -5.59 23.61
CA CYS C 135 -0.08 -5.79 22.22
C CYS C 135 -1.55 -5.65 21.96
N GLY C 136 -2.35 -6.16 22.89
CA GLY C 136 -3.78 -6.05 22.76
C GLY C 136 -4.12 -4.58 22.83
N GLY C 137 -3.46 -3.90 23.76
CA GLY C 137 -3.67 -2.48 23.92
C GLY C 137 -3.39 -1.71 22.64
N GLN C 138 -2.23 -1.95 22.07
CA GLN C 138 -1.81 -1.31 20.83
C GLN C 138 -2.83 -1.58 19.74
N ILE C 139 -3.50 -2.73 19.77
CA ILE C 139 -4.51 -3.04 18.76
C ILE C 139 -5.79 -2.23 18.98
N ARG C 140 -6.30 -2.28 20.22
CA ARG C 140 -7.54 -1.56 20.59
C ARG C 140 -7.31 -0.10 20.30
N THR C 141 -6.12 0.36 20.64
CA THR C 141 -5.79 1.76 20.41
C THR C 141 -6.08 2.16 18.98
N LYS C 142 -5.53 1.43 18.02
CA LYS C 142 -5.74 1.82 16.66
C LYS C 142 -7.03 1.27 16.07
N ARG C 143 -7.76 0.47 16.85
CA ARG C 143 -9.05 -0.10 16.38
C ARG C 143 -10.13 0.96 16.36
N SER C 144 -10.24 1.63 17.50
CA SER C 144 -11.19 2.70 17.77
C SER C 144 -10.51 3.96 18.34
N ARG C 145 -10.31 4.95 17.47
CA ARG C 145 -9.70 6.24 17.82
C ARG C 145 -10.39 6.80 19.12
N ALA C 146 -9.64 7.52 19.97
CA ALA C 146 -10.16 8.11 21.23
C ALA C 146 -11.06 9.32 20.97
N THR C 147 -11.96 9.64 21.90
CA THR C 147 -12.84 10.80 21.69
C THR C 147 -12.81 11.89 22.78
N ASN C 148 -12.13 11.65 23.89
CA ASN C 148 -11.99 12.65 24.96
C ASN C 148 -10.76 12.29 25.76
N LEU C 149 -10.40 13.11 26.73
CA LEU C 149 -9.20 12.84 27.51
C LEU C 149 -9.19 11.48 28.24
N ARG C 150 -10.32 11.06 28.80
CA ARG C 150 -10.36 9.79 29.50
C ARG C 150 -9.92 8.64 28.59
N GLU C 151 -10.52 8.55 27.39
CA GLU C 151 -10.21 7.50 26.42
C GLU C 151 -8.79 7.69 25.89
N TRP C 152 -8.36 8.93 25.72
CA TRP C 152 -7.01 9.13 25.23
C TRP C 152 -5.99 8.52 26.20
N ARG C 153 -5.99 9.04 27.43
CA ARG C 153 -5.05 8.61 28.46
C ARG C 153 -5.09 7.08 28.61
N ALA C 154 -6.27 6.50 28.45
CA ALA C 154 -6.41 5.06 28.53
C ALA C 154 -5.48 4.45 27.49
N HIS C 155 -5.69 4.76 26.21
CA HIS C 155 -4.83 4.21 25.15
C HIS C 155 -3.39 4.55 25.42
N ALA C 156 -3.17 5.81 25.82
CA ALA C 156 -1.83 6.29 26.13
C ALA C 156 -1.10 5.43 27.18
N SER C 157 -1.82 4.88 28.14
CA SER C 157 -1.15 4.09 29.16
C SER C 157 -0.71 2.69 28.72
N THR C 158 -0.99 2.32 27.47
CA THR C 158 -0.52 1.03 27.01
C THR C 158 0.63 1.26 26.09
N TYR C 159 0.37 1.72 24.86
CA TYR C 159 1.46 1.91 23.88
C TYR C 159 2.50 2.89 24.34
N GLY C 160 2.12 3.71 25.32
CA GLY C 160 3.08 4.67 25.84
C GLY C 160 3.67 4.24 27.17
N SER C 161 2.79 4.16 28.17
CA SER C 161 3.20 3.81 29.51
C SER C 161 3.67 2.39 29.73
N THR C 162 2.90 1.40 29.30
CA THR C 162 3.38 0.04 29.53
C THR C 162 4.63 -0.24 28.68
N PHE C 163 4.62 0.26 27.45
CA PHE C 163 5.73 0.12 26.53
C PHE C 163 7.05 0.47 27.23
N LEU C 164 7.13 1.70 27.73
CA LEU C 164 8.33 2.17 28.42
C LEU C 164 8.51 1.55 29.78
N GLY C 165 7.41 1.14 30.42
CA GLY C 165 7.48 0.54 31.73
C GLY C 165 8.30 -0.74 31.79
N ARG C 166 8.20 -1.54 30.73
CA ARG C 166 8.94 -2.76 30.64
C ARG C 166 10.42 -2.38 30.52
N TYR C 167 10.75 -1.34 29.79
CA TYR C 167 12.15 -1.02 29.73
C TYR C 167 12.62 -0.58 31.09
N GLY C 168 11.76 0.14 31.78
CA GLY C 168 12.09 0.54 33.14
C GLY C 168 12.36 -0.69 34.01
N ALA C 169 11.54 -1.71 33.88
CA ALA C 169 11.78 -2.90 34.69
C ALA C 169 13.07 -3.64 34.30
N LEU C 170 13.39 -3.60 33.01
CA LEU C 170 14.57 -4.26 32.44
C LEU C 170 15.82 -3.56 32.86
N ALA C 171 15.70 -2.24 32.96
CA ALA C 171 16.81 -1.38 33.34
C ALA C 171 17.19 -1.76 34.76
N ALA C 172 16.18 -1.97 35.58
CA ALA C 172 16.42 -2.31 36.96
C ALA C 172 16.96 -3.74 37.07
N ALA C 173 16.36 -4.66 36.32
CA ALA C 173 16.78 -6.04 36.37
C ALA C 173 18.18 -6.29 35.82
N CYS C 174 18.66 -5.46 34.90
CA CYS C 174 20.00 -5.64 34.34
C CYS C 174 20.98 -4.63 34.93
N GLY C 175 20.47 -3.75 35.78
CA GLY C 175 21.30 -2.71 36.36
C GLY C 175 22.04 -2.97 37.67
N GLY C 176 22.43 -4.21 37.90
CA GLY C 176 23.13 -4.51 39.13
C GLY C 176 22.23 -4.27 40.32
N GLU C 177 22.83 -4.19 41.50
CA GLU C 177 22.01 -3.98 42.68
C GLU C 177 21.85 -2.55 43.21
N GLY C 178 20.74 -2.39 43.92
CA GLY C 178 20.39 -1.11 44.47
C GLY C 178 19.50 -0.39 43.47
N GLN C 179 18.62 -1.17 42.83
CA GLN C 179 17.72 -0.59 41.87
C GLN C 179 16.39 -0.78 42.57
N PRO C 180 15.63 0.31 42.77
CA PRO C 180 14.31 0.34 43.43
C PRO C 180 13.24 -0.06 42.47
N ALA C 181 13.40 -1.27 41.95
CA ALA C 181 12.52 -1.91 41.00
C ALA C 181 11.25 -1.17 40.65
N ASP C 182 10.28 -1.19 41.55
CA ASP C 182 8.99 -0.56 41.31
C ASP C 182 9.01 0.92 40.95
N SER C 183 9.89 1.65 41.60
CA SER C 183 10.02 3.07 41.37
C SER C 183 10.57 3.39 39.96
N VAL C 184 11.58 2.65 39.49
CA VAL C 184 12.12 2.87 38.15
C VAL C 184 10.93 2.78 37.22
N ARG C 185 10.24 1.65 37.31
CA ARG C 185 9.07 1.44 36.48
C ARG C 185 8.03 2.54 36.54
N GLU C 186 7.72 2.99 37.75
CA GLU C 186 6.74 4.06 37.95
C GLU C 186 7.23 5.23 37.16
N PHE C 187 8.49 5.59 37.39
CA PHE C 187 9.10 6.71 36.70
C PHE C 187 8.94 6.58 35.17
N ALA C 188 9.23 5.39 34.67
CA ALA C 188 9.08 5.18 33.28
C ALA C 188 7.59 5.37 32.89
N GLU C 189 6.66 4.69 33.53
CA GLU C 189 5.28 4.86 33.11
C GLU C 189 4.75 6.30 33.11
N ALA C 190 5.16 7.11 34.09
CA ALA C 190 4.74 8.49 34.20
C ALA C 190 5.36 9.34 33.10
N PHE C 191 6.70 9.39 33.07
CA PHE C 191 7.48 10.13 32.06
C PHE C 191 7.00 9.77 30.62
N ALA C 192 6.80 8.48 30.39
CA ALA C 192 6.36 7.94 29.11
C ALA C 192 5.11 8.62 28.61
N MET C 193 4.12 8.75 29.48
CA MET C 193 2.84 9.36 29.14
C MET C 193 3.00 10.81 28.76
N THR C 194 3.97 11.47 29.42
CA THR C 194 4.26 12.88 29.19
C THR C 194 4.85 13.06 27.81
N ILE C 195 5.88 12.30 27.46
CA ILE C 195 6.44 12.45 26.12
C ILE C 195 5.47 11.92 25.04
N THR C 196 4.45 11.18 25.46
CA THR C 196 3.52 10.69 24.52
C THR C 196 2.60 11.84 24.17
N MET C 197 2.17 12.63 25.15
CA MET C 197 1.32 13.78 24.85
C MET C 197 2.14 14.70 23.99
N ALA C 198 3.38 14.89 24.41
CA ALA C 198 4.33 15.72 23.69
C ALA C 198 4.35 15.27 22.24
N ASP C 199 4.39 13.97 22.00
CA ASP C 199 4.42 13.52 20.65
C ASP C 199 3.11 13.77 19.92
N ASP C 200 1.97 13.45 20.50
CA ASP C 200 0.73 13.69 19.77
C ASP C 200 0.73 15.16 19.30
N LEU C 201 0.93 16.07 20.24
CA LEU C 201 0.95 17.51 19.99
C LEU C 201 2.03 18.03 19.05
N THR C 202 2.91 17.15 18.60
CA THR C 202 3.95 17.59 17.70
C THR C 202 3.69 17.15 16.26
N ASP C 203 3.43 18.16 15.43
CA ASP C 203 3.15 18.04 14.00
C ASP C 203 4.47 18.39 13.27
N TYR C 204 5.04 17.40 12.58
CA TYR C 204 6.28 17.58 11.83
C TYR C 204 5.87 17.86 10.37
N ASP C 205 4.59 17.56 10.06
CA ASP C 205 3.95 17.71 8.73
C ASP C 205 4.25 16.50 7.84
N ARG C 206 5.53 16.15 7.81
CA ARG C 206 6.14 15.03 7.08
C ARG C 206 5.17 13.99 6.50
N ASN C 207 5.15 13.90 5.16
CA ASN C 207 4.32 12.95 4.43
C ASN C 207 2.76 13.13 4.54
N GLY C 208 2.07 12.20 5.18
CA GLY C 208 0.63 12.32 5.34
C GLY C 208 0.31 12.32 6.82
N GLU C 209 1.30 12.73 7.63
CA GLU C 209 1.19 12.79 9.09
C GLU C 209 0.01 13.60 9.61
N ARG C 210 -0.98 12.87 10.12
CA ARG C 210 -2.22 13.42 10.69
C ARG C 210 -2.02 14.14 12.02
N ASP C 211 -2.85 15.17 12.27
CA ASP C 211 -2.79 15.93 13.51
C ASP C 211 -2.94 14.90 14.65
N GLY C 212 -2.07 15.00 15.65
CA GLY C 212 -2.09 14.09 16.78
C GLY C 212 -3.40 14.03 17.55
N ASN C 213 -4.04 12.86 17.49
CA ASN C 213 -5.32 12.57 18.14
C ASN C 213 -5.65 13.47 19.33
N LEU C 214 -4.67 13.73 20.20
CA LEU C 214 -4.88 14.57 21.37
C LEU C 214 -4.95 15.99 20.90
N ALA C 215 -4.04 16.35 20.00
CA ALA C 215 -4.02 17.70 19.44
C ALA C 215 -5.39 18.03 18.82
N HIS C 216 -5.88 17.10 18.03
CA HIS C 216 -7.14 17.22 17.32
C HIS C 216 -8.26 17.43 18.29
N LEU C 217 -8.40 16.53 19.27
CA LEU C 217 -9.46 16.63 20.28
C LEU C 217 -9.47 17.97 21.01
N MET C 218 -8.29 18.55 21.18
CA MET C 218 -8.18 19.84 21.84
C MET C 218 -8.71 20.98 20.95
N ARG C 219 -8.34 20.93 19.66
CA ARG C 219 -8.75 21.92 18.67
C ARG C 219 -10.19 21.74 18.28
N THR C 220 -10.80 20.68 18.77
CA THR C 220 -12.20 20.38 18.48
C THR C 220 -13.03 20.71 19.73
N GLY C 221 -12.37 21.07 20.83
CA GLY C 221 -13.09 21.37 22.06
C GLY C 221 -13.63 20.06 22.69
N ALA C 222 -13.22 18.92 22.12
CA ALA C 222 -13.59 17.60 22.61
C ALA C 222 -12.77 17.27 23.84
N VAL C 223 -11.78 18.13 24.11
CA VAL C 223 -10.85 18.06 25.24
C VAL C 223 -10.40 19.47 25.73
N ALA C 224 -10.70 19.79 26.99
CA ALA C 224 -10.32 21.08 27.56
C ALA C 224 -8.85 21.18 27.84
N GLY C 225 -8.31 22.35 27.63
CA GLY C 225 -6.89 22.56 27.86
C GLY C 225 -6.56 22.40 29.33
N GLN C 226 -7.41 22.94 30.19
CA GLN C 226 -7.11 22.81 31.60
C GLN C 226 -7.00 21.37 32.02
N ASP C 227 -7.73 20.48 31.38
CA ASP C 227 -7.61 19.10 31.79
C ASP C 227 -6.31 18.51 31.36
N VAL C 228 -5.84 18.98 30.21
CA VAL C 228 -4.57 18.57 29.63
C VAL C 228 -3.47 19.07 30.54
N VAL C 229 -3.70 20.26 31.06
CA VAL C 229 -2.74 20.82 31.99
C VAL C 229 -2.72 19.96 33.23
N ASP C 230 -3.89 19.72 33.83
CA ASP C 230 -3.97 18.91 35.06
C ASP C 230 -3.28 17.54 34.94
N LEU C 231 -3.43 16.93 33.76
CA LEU C 231 -2.83 15.64 33.43
C LEU C 231 -1.32 15.76 33.52
N LEU C 232 -0.77 16.76 32.82
CA LEU C 232 0.66 17.01 32.85
C LEU C 232 1.13 17.16 34.28
N GLU C 233 0.49 18.02 35.07
CA GLU C 233 0.95 18.20 36.44
C GLU C 233 0.85 16.94 37.29
N GLU C 234 -0.16 16.09 37.08
CA GLU C 234 -0.26 14.84 37.84
C GLU C 234 0.92 13.91 37.47
N LEU C 235 1.24 13.88 36.16
CA LEU C 235 2.31 13.07 35.63
C LEU C 235 3.63 13.58 36.06
N ARG C 236 3.75 14.90 36.25
CA ARG C 236 5.02 15.46 36.74
C ARG C 236 5.19 15.02 38.20
N GLY C 237 4.12 15.13 38.97
CA GLY C 237 4.16 14.72 40.35
C GLY C 237 4.50 13.25 40.53
N ARG C 238 3.85 12.38 39.76
CA ARG C 238 4.09 10.94 39.78
C ARG C 238 5.59 10.62 39.57
N ALA C 239 6.21 11.27 38.57
CA ALA C 239 7.61 11.05 38.24
C ALA C 239 8.52 11.47 39.35
N LEU C 240 8.37 12.71 39.75
CA LEU C 240 9.15 13.27 40.82
C LEU C 240 9.04 12.38 42.04
N ALA C 241 7.83 11.93 42.36
CA ALA C 241 7.61 11.07 43.50
C ALA C 241 8.41 9.80 43.36
N ALA C 242 8.44 9.29 42.13
CA ALA C 242 9.17 8.07 41.82
C ALA C 242 10.66 8.18 42.11
N VAL C 243 11.32 9.15 41.50
CA VAL C 243 12.75 9.35 41.68
C VAL C 243 13.13 9.83 43.06
N ALA C 244 12.14 9.97 43.93
CA ALA C 244 12.39 10.39 45.31
C ALA C 244 12.51 9.16 46.23
N ALA C 245 11.79 8.10 45.86
CA ALA C 245 11.81 6.85 46.59
C ALA C 245 13.29 6.50 46.69
N PRO C 246 13.75 5.97 47.86
CA PRO C 246 15.17 5.62 48.02
C PRO C 246 15.51 4.31 47.34
N PRO C 247 16.79 4.17 46.86
CA PRO C 247 17.84 5.18 46.97
C PRO C 247 17.54 6.57 46.41
N GLY C 248 16.90 6.65 45.26
CA GLY C 248 16.58 7.96 44.71
C GLY C 248 17.43 8.20 43.49
N ALA C 249 16.86 8.93 42.54
CA ALA C 249 17.52 9.25 41.28
C ALA C 249 17.29 10.73 41.10
N PRO C 250 17.95 11.53 41.94
CA PRO C 250 17.88 12.99 41.97
C PRO C 250 18.16 13.64 40.60
N GLY C 251 18.93 12.92 39.79
CA GLY C 251 19.29 13.39 38.48
C GLY C 251 18.07 13.67 37.64
N LEU C 252 17.17 12.70 37.56
CA LEU C 252 15.96 12.82 36.75
C LEU C 252 15.03 13.97 37.11
N VAL C 253 15.31 14.70 38.17
CA VAL C 253 14.39 15.75 38.56
C VAL C 253 14.31 16.88 37.57
N PRO C 254 15.48 17.38 37.12
CA PRO C 254 15.37 18.47 36.15
C PRO C 254 14.89 17.90 34.80
N VAL C 255 15.17 16.63 34.55
CA VAL C 255 14.76 15.97 33.31
C VAL C 255 13.22 16.04 33.23
N VAL C 256 12.60 15.55 34.30
CA VAL C 256 11.17 15.58 34.39
C VAL C 256 10.71 17.01 34.16
N HIS C 257 11.16 17.96 34.96
CA HIS C 257 10.71 19.32 34.74
C HIS C 257 10.91 19.82 33.28
N LEU C 258 12.06 19.51 32.69
CA LEU C 258 12.32 19.96 31.32
C LEU C 258 11.24 19.51 30.35
N TYR C 259 10.87 18.23 30.37
CA TYR C 259 9.86 17.79 29.43
C TYR C 259 8.47 18.25 29.75
N THR C 260 8.08 18.15 31.00
CA THR C 260 6.76 18.61 31.37
C THR C 260 6.58 20.11 31.08
N ASP C 261 7.58 20.93 31.33
CA ASP C 261 7.35 22.32 31.03
C ASP C 261 7.31 22.61 29.55
N ASP C 262 8.11 21.89 28.77
CA ASP C 262 8.16 22.12 27.34
C ASP C 262 6.80 21.96 26.68
N VAL C 263 6.00 21.00 27.15
CA VAL C 263 4.66 20.80 26.60
C VAL C 263 3.77 21.94 27.08
N LEU C 264 3.89 22.30 28.37
CA LEU C 264 3.09 23.39 28.95
C LEU C 264 3.41 24.65 28.17
N VAL C 265 4.68 25.10 28.26
CA VAL C 265 5.10 26.34 27.59
C VAL C 265 5.15 26.38 26.05
N ARG C 266 5.61 25.31 25.40
CA ARG C 266 5.72 25.37 23.96
C ARG C 266 4.65 24.69 23.13
N LEU C 267 4.16 23.55 23.56
CA LEU C 267 3.19 22.86 22.72
C LEU C 267 1.73 23.19 22.92
N LEU C 268 1.30 23.26 24.17
CA LEU C 268 -0.08 23.53 24.43
C LEU C 268 -0.59 24.76 23.74
N PRO C 269 0.18 25.85 23.82
CA PRO C 269 -0.29 27.06 23.16
C PRO C 269 -0.59 26.86 21.68
N ARG C 270 0.08 25.93 21.03
CA ARG C 270 -0.20 25.75 19.62
C ARG C 270 -1.63 25.27 19.34
N HIS C 271 -2.27 24.68 20.34
CA HIS C 271 -3.60 24.13 20.07
C HIS C 271 -4.88 24.74 20.63
N LEU C 272 -4.80 25.63 21.61
CA LEU C 272 -6.04 26.20 22.15
C LEU C 272 -6.98 26.38 20.92
N GLY C 273 -8.27 26.03 21.05
CA GLY C 273 -9.18 26.13 19.92
C GLY C 273 -10.27 27.21 19.96
N ASP D 10 -0.18 -45.33 13.39
CA ASP D 10 -0.02 -44.93 14.82
C ASP D 10 0.73 -43.63 15.02
N ASP D 11 1.96 -43.53 14.56
CA ASP D 11 2.72 -42.28 14.71
C ASP D 11 2.10 -41.22 13.84
N ASP D 12 1.30 -41.69 12.88
CA ASP D 12 0.56 -40.83 11.98
C ASP D 12 -0.42 -40.13 12.93
N ASP D 13 -0.79 -40.82 14.00
CA ASP D 13 -1.69 -40.28 15.00
C ASP D 13 -0.97 -39.29 15.89
N LYS D 14 0.21 -39.63 16.41
CA LYS D 14 0.94 -38.66 17.21
C LYS D 14 1.09 -37.37 16.39
N MET D 15 1.52 -37.49 15.14
CA MET D 15 1.67 -36.32 14.29
C MET D 15 0.36 -35.48 14.27
N LEU D 16 -0.78 -36.09 13.95
CA LEU D 16 -2.02 -35.34 13.89
C LEU D 16 -2.39 -34.67 15.20
N ALA D 17 -2.09 -35.36 16.31
CA ALA D 17 -2.39 -34.91 17.67
C ALA D 17 -1.58 -33.72 18.07
N ALA D 18 -0.29 -33.76 17.76
CA ALA D 18 0.59 -32.65 18.07
C ALA D 18 0.15 -31.44 17.23
N GLU D 19 -0.04 -31.66 15.93
CA GLU D 19 -0.44 -30.59 15.05
C GLU D 19 -1.66 -29.86 15.54
N ALA D 20 -2.62 -30.58 16.10
CA ALA D 20 -3.86 -29.94 16.60
C ALA D 20 -3.59 -29.16 17.86
N ALA D 21 -2.79 -29.77 18.73
CA ALA D 21 -2.40 -29.15 19.99
C ALA D 21 -1.69 -27.83 19.68
N ASN D 22 -0.71 -27.89 18.78
CA ASN D 22 0.00 -26.69 18.44
C ASN D 22 -0.98 -25.68 17.85
N ARG D 23 -1.80 -26.06 16.89
CA ARG D 23 -2.77 -25.14 16.26
C ARG D 23 -3.64 -24.46 17.29
N ASP D 24 -4.04 -25.26 18.26
CA ASP D 24 -4.85 -24.78 19.34
C ASP D 24 -4.13 -23.68 20.13
N HIS D 25 -2.95 -24.03 20.67
CA HIS D 25 -2.13 -23.10 21.44
C HIS D 25 -1.86 -21.78 20.70
N VAL D 26 -1.74 -21.82 19.37
CA VAL D 26 -1.50 -20.63 18.56
C VAL D 26 -2.79 -19.82 18.37
N THR D 27 -3.88 -20.49 18.00
CA THR D 27 -5.07 -19.70 17.82
C THR D 27 -5.52 -19.14 19.15
N ARG D 28 -5.42 -19.91 20.24
CA ARG D 28 -5.87 -19.38 21.52
C ARG D 28 -5.08 -18.11 21.93
N CYS D 29 -3.81 -18.09 21.57
CA CYS D 29 -2.93 -16.95 21.84
C CYS D 29 -3.36 -15.78 21.01
N VAL D 30 -3.37 -15.97 19.71
CA VAL D 30 -3.76 -14.91 18.81
C VAL D 30 -5.13 -14.32 19.15
N ALA D 31 -6.03 -15.15 19.64
CA ALA D 31 -7.34 -14.65 19.98
C ALA D 31 -7.24 -13.80 21.24
N GLN D 32 -6.72 -14.40 22.30
CA GLN D 32 -6.61 -13.68 23.56
C GLN D 32 -5.88 -12.36 23.40
N THR D 33 -4.98 -12.23 22.41
CA THR D 33 -4.27 -10.97 22.28
C THR D 33 -4.89 -9.94 21.34
N GLY D 34 -6.11 -10.18 20.91
CA GLY D 34 -6.79 -9.23 20.04
C GLY D 34 -6.85 -9.44 18.53
N GLY D 35 -6.40 -10.60 18.07
CA GLY D 35 -6.45 -10.84 16.65
C GLY D 35 -7.88 -11.04 16.24
N SER D 36 -8.23 -10.52 15.07
CA SER D 36 -9.57 -10.64 14.49
C SER D 36 -9.74 -12.11 14.17
N PRO D 37 -10.99 -12.59 14.04
CA PRO D 37 -11.13 -14.03 13.73
C PRO D 37 -10.60 -14.33 12.33
N ASP D 38 -10.40 -13.26 11.58
CA ASP D 38 -9.89 -13.33 10.24
C ASP D 38 -8.43 -13.86 10.21
N LEU D 39 -7.62 -13.34 11.16
CA LEU D 39 -6.19 -13.68 11.37
C LEU D 39 -6.06 -14.98 12.19
N VAL D 40 -6.98 -15.21 13.11
CA VAL D 40 -6.89 -16.44 13.86
C VAL D 40 -6.99 -17.51 12.77
N ALA D 41 -7.80 -17.24 11.76
CA ALA D 41 -8.02 -18.13 10.61
C ALA D 41 -6.71 -18.42 9.90
N HIS D 42 -6.15 -17.32 9.39
CA HIS D 42 -4.88 -17.31 8.68
C HIS D 42 -3.87 -18.12 9.46
N THR D 43 -3.84 -18.03 10.78
CA THR D 43 -2.83 -18.81 11.51
C THR D 43 -3.15 -20.29 11.60
N ALA D 44 -4.41 -20.63 11.79
CA ALA D 44 -4.72 -22.03 11.85
C ALA D 44 -4.47 -22.72 10.49
N ALA D 45 -4.41 -21.95 9.40
CA ALA D 45 -4.16 -22.46 8.06
C ALA D 45 -2.72 -22.87 7.81
N LEU D 46 -1.80 -22.42 8.64
CA LEU D 46 -0.40 -22.79 8.46
C LEU D 46 -0.20 -24.20 9.04
N ARG D 47 -0.73 -25.16 8.31
CA ARG D 47 -0.71 -26.58 8.66
C ARG D 47 0.70 -27.19 8.75
N LEU D 48 1.51 -27.05 7.71
CA LEU D 48 2.86 -27.62 7.76
C LEU D 48 3.72 -27.03 8.88
N TYR D 49 3.70 -25.70 9.00
CA TYR D 49 4.45 -25.02 10.06
C TYR D 49 3.99 -25.48 11.46
N LEU D 50 2.69 -25.65 11.66
CA LEU D 50 2.17 -26.09 12.95
C LEU D 50 2.51 -27.56 13.25
N ARG D 51 2.95 -28.26 12.21
CA ARG D 51 3.29 -29.66 12.29
C ARG D 51 4.79 -29.92 12.40
N VAL D 52 5.57 -29.08 11.74
CA VAL D 52 7.01 -29.24 11.74
C VAL D 52 7.61 -29.33 13.12
N PRO D 53 7.05 -28.63 14.10
CA PRO D 53 7.68 -28.76 15.41
C PRO D 53 7.68 -30.20 15.93
N HIS D 54 6.79 -31.04 15.41
CA HIS D 54 6.69 -32.44 15.86
C HIS D 54 7.91 -33.20 15.35
N PHE D 55 8.32 -32.85 14.14
CA PHE D 55 9.48 -33.47 13.58
C PHE D 55 10.74 -33.06 14.36
N LEU D 56 10.88 -31.78 14.68
CA LEU D 56 12.05 -31.33 15.43
C LEU D 56 12.10 -31.86 16.88
N THR D 57 10.96 -32.28 17.37
CA THR D 57 10.89 -32.74 18.73
C THR D 57 10.97 -34.24 18.87
N GLU D 58 11.14 -34.92 17.73
CA GLU D 58 11.20 -36.40 17.66
C GLU D 58 12.17 -37.10 18.63
N TRP D 59 13.33 -36.48 18.83
CA TRP D 59 14.32 -37.04 19.70
C TRP D 59 14.01 -36.79 21.16
N THR D 60 12.87 -36.22 21.48
CA THR D 60 12.56 -35.91 22.87
C THR D 60 11.93 -37.04 23.67
N THR D 61 12.71 -37.74 24.50
CA THR D 61 12.12 -38.85 25.27
C THR D 61 10.82 -38.48 26.00
N ASP D 62 10.89 -37.65 27.06
CA ASP D 62 9.69 -37.25 27.82
C ASP D 62 8.61 -36.60 26.93
N PRO D 63 7.40 -37.17 26.90
CA PRO D 63 6.29 -36.65 26.08
C PRO D 63 5.66 -35.34 26.57
N ASP D 64 5.71 -35.10 27.88
CA ASP D 64 5.17 -33.89 28.45
C ASP D 64 6.07 -32.82 27.95
N ARG D 65 7.35 -32.94 28.28
CA ARG D 65 8.31 -31.94 27.82
C ARG D 65 8.22 -31.80 26.28
N ARG D 66 8.10 -32.92 25.57
CA ARG D 66 8.00 -32.83 24.12
C ARG D 66 6.77 -32.03 23.74
N ALA D 67 5.64 -32.31 24.37
CA ALA D 67 4.43 -31.57 24.06
C ALA D 67 4.68 -30.07 24.23
N ALA D 68 5.37 -29.72 25.32
CA ALA D 68 5.69 -28.32 25.66
C ALA D 68 6.61 -27.58 24.67
N VAL D 69 7.76 -28.19 24.34
CA VAL D 69 8.71 -27.60 23.40
C VAL D 69 8.07 -27.48 22.03
N SER D 70 7.45 -28.54 21.54
CA SER D 70 6.84 -28.50 20.22
C SER D 70 5.86 -27.36 19.95
N ARG D 71 5.02 -27.01 20.92
CA ARG D 71 4.06 -25.93 20.70
C ARG D 71 4.68 -24.53 20.91
N ALA D 72 5.74 -24.45 21.73
CA ALA D 72 6.41 -23.16 21.96
C ALA D 72 7.10 -22.83 20.64
N LEU D 73 7.75 -23.84 20.05
CA LEU D 73 8.37 -23.66 18.76
C LEU D 73 7.29 -23.17 17.78
N ALA D 74 6.16 -23.86 17.74
CA ALA D 74 5.05 -23.49 16.86
C ALA D 74 4.72 -22.01 16.99
N LEU D 75 4.58 -21.54 18.22
CA LEU D 75 4.27 -20.14 18.46
C LEU D 75 5.21 -19.23 17.71
N ASP D 76 6.51 -19.50 17.84
CA ASP D 76 7.55 -18.68 17.20
C ASP D 76 7.57 -18.79 15.69
N ILE D 77 7.49 -20.02 15.17
CA ILE D 77 7.44 -20.20 13.74
C ILE D 77 6.25 -19.40 13.22
N VAL D 78 5.08 -19.60 13.83
CA VAL D 78 3.95 -18.77 13.41
C VAL D 78 4.32 -17.27 13.47
N SER D 79 4.84 -16.83 14.62
CA SER D 79 5.23 -15.44 14.80
C SER D 79 6.12 -14.95 13.66
N MET D 80 7.15 -15.71 13.34
CA MET D 80 8.04 -15.33 12.29
C MET D 80 7.27 -15.26 10.99
N LYS D 81 6.48 -16.28 10.71
CA LYS D 81 5.73 -16.26 9.44
C LYS D 81 4.94 -14.98 9.34
N LEU D 82 4.27 -14.64 10.43
CA LEU D 82 3.47 -13.45 10.50
C LEU D 82 4.28 -12.24 10.10
N LEU D 83 5.46 -12.13 10.70
CA LEU D 83 6.33 -11.00 10.42
C LEU D 83 6.56 -10.93 8.92
N ASP D 84 6.57 -12.09 8.25
CA ASP D 84 6.80 -12.08 6.82
C ASP D 84 5.63 -11.50 6.06
N ASP D 85 4.44 -11.98 6.40
CA ASP D 85 3.17 -11.51 5.81
C ASP D 85 3.06 -10.00 5.97
N LEU D 86 3.73 -9.55 7.01
CA LEU D 86 3.81 -8.15 7.36
C LEU D 86 4.74 -7.45 6.35
N MET D 87 5.73 -8.18 5.82
CA MET D 87 6.67 -7.65 4.83
C MET D 87 5.97 -7.44 3.49
N ASP D 88 5.43 -8.53 2.98
CA ASP D 88 4.76 -8.51 1.70
C ASP D 88 3.45 -7.72 1.60
N ASP D 89 2.73 -7.56 2.71
CA ASP D 89 1.48 -6.81 2.68
C ASP D 89 0.62 -7.18 1.48
N ASP D 90 0.15 -8.42 1.45
CA ASP D 90 -0.69 -8.90 0.37
C ASP D 90 -1.66 -9.93 0.89
N THR D 91 -1.68 -10.10 2.22
CA THR D 91 -2.61 -11.03 2.87
C THR D 91 -3.93 -10.27 3.08
N GLY D 92 -3.92 -9.00 2.66
CA GLY D 92 -5.09 -8.16 2.78
C GLY D 92 -5.58 -8.19 4.21
N LEU D 93 -4.73 -8.69 5.11
CA LEU D 93 -5.04 -8.78 6.53
C LEU D 93 -4.63 -7.45 7.10
N ASP D 94 -4.97 -7.22 8.38
CA ASP D 94 -4.59 -5.94 8.98
C ASP D 94 -3.17 -5.86 9.45
N ARG D 95 -2.51 -4.77 9.07
CA ARG D 95 -1.14 -4.61 9.43
C ARG D 95 -0.97 -4.48 10.90
N VAL D 96 -1.87 -3.83 11.60
CA VAL D 96 -1.66 -3.69 13.04
C VAL D 96 -1.87 -4.99 13.77
N GLU D 97 -2.92 -5.69 13.39
CA GLU D 97 -3.24 -6.98 13.98
C GLU D 97 -2.05 -7.95 13.91
N LEU D 98 -1.47 -8.00 12.70
CA LEU D 98 -0.31 -8.84 12.40
C LEU D 98 0.84 -8.42 13.30
N ALA D 99 1.32 -7.22 13.08
CA ALA D 99 2.43 -6.72 13.87
C ALA D 99 2.33 -7.10 15.33
N CYS D 100 1.22 -6.78 15.97
CA CYS D 100 1.09 -7.06 17.40
C CYS D 100 1.00 -8.48 17.81
N VAL D 101 0.46 -9.32 16.95
CA VAL D 101 0.29 -10.71 17.34
C VAL D 101 1.64 -11.30 17.16
N CYS D 102 2.33 -10.77 16.16
CA CYS D 102 3.67 -11.24 15.86
C CYS D 102 4.52 -11.16 17.12
N LEU D 103 4.53 -9.99 17.71
CA LEU D 103 5.28 -9.78 18.90
C LEU D 103 4.75 -10.66 20.01
N ARG D 104 3.49 -10.48 20.36
CA ARG D 104 2.88 -11.26 21.42
C ARG D 104 3.21 -12.72 21.29
N LEU D 105 3.10 -13.28 20.09
CA LEU D 105 3.38 -14.69 19.91
C LEU D 105 4.81 -15.03 20.20
N HIS D 106 5.70 -14.16 19.74
CA HIS D 106 7.13 -14.38 19.92
C HIS D 106 7.48 -14.24 21.42
N LEU D 107 7.06 -13.15 22.03
CA LEU D 107 7.39 -13.01 23.43
C LEU D 107 6.97 -14.21 24.23
N ARG D 108 5.87 -14.87 23.86
CA ARG D 108 5.47 -16.04 24.65
C ARG D 108 6.43 -17.18 24.39
N ALA D 109 6.68 -17.43 23.10
CA ALA D 109 7.60 -18.49 22.65
C ALA D 109 8.89 -18.35 23.43
N LEU D 110 9.40 -17.12 23.46
CA LEU D 110 10.63 -16.89 24.18
C LEU D 110 10.46 -17.38 25.60
N HIS D 111 9.39 -16.94 26.27
CA HIS D 111 9.18 -17.34 27.65
C HIS D 111 9.05 -18.82 27.85
N GLU D 112 8.27 -19.48 27.01
CA GLU D 112 8.05 -20.90 27.18
C GLU D 112 9.32 -21.69 26.93
N LEU D 113 10.07 -21.34 25.89
CA LEU D 113 11.32 -22.05 25.62
C LEU D 113 12.37 -21.86 26.72
N GLU D 114 12.56 -20.66 27.22
CA GLU D 114 13.54 -20.49 28.25
C GLU D 114 13.17 -21.38 29.42
N SER D 115 11.87 -21.59 29.61
CA SER D 115 11.36 -22.39 30.72
C SER D 115 11.75 -23.84 30.66
N LEU D 116 12.12 -24.30 29.48
CA LEU D 116 12.49 -25.69 29.28
C LEU D 116 13.96 -25.85 28.98
N ALA D 117 14.60 -24.77 28.57
CA ALA D 117 15.99 -24.80 28.21
C ALA D 117 16.95 -25.28 29.26
N ARG D 118 18.04 -25.88 28.78
CA ARG D 118 19.11 -26.44 29.60
C ARG D 118 19.76 -25.31 30.36
N ASP D 119 20.23 -24.31 29.64
CA ASP D 119 20.85 -23.17 30.26
C ASP D 119 20.01 -21.93 29.93
N PRO D 120 19.86 -20.97 30.89
CA PRO D 120 19.06 -19.76 30.62
C PRO D 120 19.35 -19.08 29.27
N LYS D 121 20.64 -18.80 29.07
CA LYS D 121 21.18 -18.12 27.91
C LYS D 121 21.27 -18.91 26.62
N ALA D 122 20.76 -20.12 26.55
CA ALA D 122 20.94 -20.82 25.29
C ALA D 122 19.90 -20.42 24.28
N VAL D 123 18.74 -19.97 24.73
CA VAL D 123 17.76 -19.62 23.74
C VAL D 123 18.20 -18.37 22.98
N THR D 124 18.51 -17.30 23.73
CA THR D 124 18.89 -16.05 23.06
C THR D 124 20.18 -16.20 22.32
N ASP D 125 20.98 -17.18 22.74
CA ASP D 125 22.29 -17.50 22.13
C ASP D 125 22.12 -17.97 20.72
N ILE D 126 21.24 -18.97 20.61
CA ILE D 126 20.90 -19.61 19.35
C ILE D 126 20.23 -18.64 18.39
N LEU D 127 19.29 -17.84 18.89
CA LEU D 127 18.59 -16.87 18.05
C LEU D 127 19.58 -15.79 17.58
N GLU D 128 20.59 -15.50 18.38
CA GLU D 128 21.53 -14.46 18.04
C GLU D 128 22.68 -14.88 17.14
N GLN D 129 23.32 -16.01 17.40
CA GLN D 129 24.46 -16.35 16.58
C GLN D 129 24.31 -16.39 15.08
N ASP D 130 23.14 -16.54 14.53
CA ASP D 130 23.12 -16.48 13.08
C ASP D 130 22.00 -15.57 12.60
N ALA D 131 21.65 -14.64 13.48
CA ALA D 131 20.61 -13.66 13.27
C ALA D 131 21.06 -12.72 12.16
N VAL D 132 22.36 -12.51 12.05
CA VAL D 132 22.84 -11.64 11.01
C VAL D 132 22.79 -12.39 9.71
N HIS D 133 23.21 -13.64 9.75
CA HIS D 133 23.15 -14.45 8.56
C HIS D 133 21.70 -14.53 8.06
N LEU D 134 20.78 -14.76 8.98
CA LEU D 134 19.38 -14.86 8.64
C LEU D 134 18.70 -13.59 8.15
N CYS D 135 18.76 -12.52 8.91
CA CYS D 135 18.12 -11.24 8.54
C CYS D 135 18.66 -10.58 7.28
N GLY D 136 19.99 -10.52 7.15
CA GLY D 136 20.59 -9.93 5.96
C GLY D 136 20.35 -10.87 4.79
N GLY D 137 20.33 -12.16 5.09
CA GLY D 137 20.07 -13.14 4.06
C GLY D 137 18.69 -12.88 3.50
N GLN D 138 17.72 -12.69 4.38
CA GLN D 138 16.36 -12.41 3.98
C GLN D 138 16.30 -11.13 3.14
N ILE D 139 17.09 -10.15 3.55
CA ILE D 139 17.14 -8.88 2.86
C ILE D 139 17.68 -8.97 1.45
N ARG D 140 18.77 -9.73 1.27
CA ARG D 140 19.38 -9.91 -0.04
C ARG D 140 18.56 -10.86 -0.90
N THR D 141 17.94 -11.85 -0.27
CA THR D 141 17.13 -12.77 -1.02
C THR D 141 16.14 -11.97 -1.83
N LYS D 142 15.39 -11.07 -1.20
CA LYS D 142 14.39 -10.37 -1.97
C LYS D 142 14.92 -9.23 -2.78
N ARG D 143 16.14 -8.83 -2.47
CA ARG D 143 16.71 -7.74 -3.23
C ARG D 143 16.92 -8.19 -4.67
N SER D 144 17.65 -9.29 -4.79
CA SER D 144 18.01 -9.86 -6.09
C SER D 144 17.41 -11.26 -6.34
N ARG D 145 16.34 -11.32 -7.14
CA ARG D 145 15.69 -12.59 -7.46
C ARG D 145 16.69 -13.51 -8.20
N ALA D 146 16.68 -14.82 -7.88
CA ALA D 146 17.58 -15.83 -8.48
C ALA D 146 17.30 -16.12 -9.95
N THR D 147 18.33 -16.56 -10.67
CA THR D 147 18.16 -16.82 -12.09
C THR D 147 18.66 -18.18 -12.55
N ASN D 148 19.09 -18.99 -11.59
CA ASN D 148 19.56 -20.34 -11.88
C ASN D 148 19.62 -21.15 -10.58
N LEU D 149 19.68 -22.46 -10.72
CA LEU D 149 19.69 -23.30 -9.56
C LEU D 149 20.74 -22.93 -8.54
N ARG D 150 21.94 -22.63 -9.00
CA ARG D 150 22.99 -22.26 -8.06
C ARG D 150 22.49 -21.17 -7.11
N GLU D 151 21.99 -20.09 -7.68
CA GLU D 151 21.51 -18.97 -6.90
C GLU D 151 20.27 -19.28 -6.08
N TRP D 152 19.37 -20.06 -6.64
CA TRP D 152 18.12 -20.35 -5.93
C TRP D 152 18.45 -21.04 -4.65
N ARG D 153 19.25 -22.10 -4.76
CA ARG D 153 19.62 -22.84 -3.59
C ARG D 153 20.25 -21.87 -2.55
N ALA D 154 21.24 -21.08 -2.96
CA ALA D 154 21.87 -20.11 -2.07
C ALA D 154 20.87 -19.41 -1.18
N HIS D 155 19.86 -18.81 -1.80
CA HIS D 155 18.78 -18.10 -1.10
C HIS D 155 18.02 -19.06 -0.18
N ALA D 156 17.55 -20.13 -0.77
CA ALA D 156 16.80 -21.08 -0.01
C ALA D 156 17.56 -21.39 1.27
N SER D 157 18.88 -21.35 1.20
CA SER D 157 19.74 -21.65 2.33
C SER D 157 19.61 -20.76 3.57
N THR D 158 19.04 -19.57 3.38
CA THR D 158 18.88 -18.62 4.49
C THR D 158 17.46 -18.63 5.04
N TYR D 159 16.50 -18.14 4.26
CA TYR D 159 15.15 -18.12 4.76
C TYR D 159 14.57 -19.53 4.93
N GLY D 160 15.21 -20.52 4.32
CA GLY D 160 14.72 -21.89 4.43
C GLY D 160 15.47 -22.66 5.48
N SER D 161 16.67 -23.10 5.11
CA SER D 161 17.57 -23.90 5.96
C SER D 161 17.93 -23.25 7.29
N THR D 162 18.51 -22.05 7.24
CA THR D 162 18.87 -21.39 8.48
C THR D 162 17.64 -21.09 9.36
N PHE D 163 16.53 -20.73 8.72
CA PHE D 163 15.29 -20.42 9.44
C PHE D 163 14.83 -21.58 10.32
N LEU D 164 14.77 -22.77 9.74
CA LEU D 164 14.34 -23.92 10.51
C LEU D 164 15.44 -24.46 11.38
N GLY D 165 16.65 -24.40 10.85
CA GLY D 165 17.81 -24.88 11.59
C GLY D 165 17.84 -24.33 12.99
N ARG D 166 17.55 -23.04 13.11
CA ARG D 166 17.51 -22.37 14.39
C ARG D 166 16.46 -23.07 15.28
N TYR D 167 15.31 -23.42 14.71
CA TYR D 167 14.27 -24.08 15.48
C TYR D 167 14.68 -25.47 15.86
N GLY D 168 15.47 -26.09 14.99
CA GLY D 168 15.98 -27.41 15.28
C GLY D 168 17.00 -27.33 16.41
N ALA D 169 17.77 -26.27 16.45
CA ALA D 169 18.76 -26.14 17.50
C ALA D 169 18.06 -25.91 18.85
N LEU D 170 16.96 -25.16 18.81
CA LEU D 170 16.20 -24.84 20.01
C LEU D 170 15.54 -26.10 20.52
N ALA D 171 15.02 -26.85 19.56
CA ALA D 171 14.33 -28.10 19.80
C ALA D 171 15.22 -28.96 20.65
N ALA D 172 16.48 -29.09 20.25
CA ALA D 172 17.41 -29.88 21.02
C ALA D 172 17.79 -29.22 22.37
N ALA D 173 18.01 -27.90 22.38
CA ALA D 173 18.37 -27.24 23.65
C ALA D 173 17.31 -27.28 24.74
N CYS D 174 16.04 -27.40 24.37
CA CYS D 174 15.00 -27.44 25.40
C CYS D 174 14.40 -28.86 25.51
N GLY D 175 14.86 -29.76 24.63
CA GLY D 175 14.34 -31.13 24.59
C GLY D 175 14.99 -32.16 25.51
N GLY D 176 15.51 -31.67 26.63
CA GLY D 176 16.15 -32.53 27.60
C GLY D 176 17.32 -33.38 27.15
N GLU D 177 17.36 -34.56 27.77
CA GLU D 177 18.40 -35.57 27.56
C GLU D 177 18.43 -36.30 26.21
N GLY D 178 19.66 -36.62 25.76
CA GLY D 178 19.89 -37.31 24.50
C GLY D 178 19.50 -36.59 23.23
N GLN D 179 19.89 -35.33 23.07
CA GLN D 179 19.55 -34.61 21.87
C GLN D 179 20.78 -34.47 21.01
N PRO D 180 20.84 -35.18 19.87
CA PRO D 180 22.00 -35.07 19.00
C PRO D 180 22.08 -33.66 18.40
N ALA D 181 22.35 -32.70 19.28
CA ALA D 181 22.54 -31.30 18.97
C ALA D 181 22.45 -30.92 17.50
N ASP D 182 23.58 -31.14 16.82
CA ASP D 182 23.77 -30.83 15.41
C ASP D 182 23.02 -31.72 14.42
N SER D 183 22.67 -32.93 14.82
CA SER D 183 21.93 -33.79 13.91
C SER D 183 20.52 -33.24 13.77
N VAL D 184 19.87 -32.90 14.89
CA VAL D 184 18.53 -32.30 14.81
C VAL D 184 18.62 -31.11 13.86
N ARG D 185 19.67 -30.31 13.98
CA ARG D 185 19.76 -29.19 13.08
C ARG D 185 19.92 -29.58 11.63
N GLU D 186 20.84 -30.50 11.37
CA GLU D 186 21.05 -30.87 9.99
C GLU D 186 19.71 -31.37 9.48
N PHE D 187 18.93 -32.05 10.35
CA PHE D 187 17.63 -32.54 9.91
C PHE D 187 16.83 -31.34 9.49
N ALA D 188 16.68 -30.37 10.38
CA ALA D 188 15.90 -29.18 10.03
C ALA D 188 16.42 -28.56 8.76
N GLU D 189 17.69 -28.16 8.80
CA GLU D 189 18.34 -27.50 7.67
C GLU D 189 18.11 -28.16 6.32
N ALA D 190 18.07 -29.48 6.31
CA ALA D 190 17.88 -30.19 5.04
C ALA D 190 16.40 -30.38 4.66
N PHE D 191 15.64 -30.84 5.63
CA PHE D 191 14.24 -31.08 5.46
C PHE D 191 13.63 -29.75 5.00
N ALA D 192 14.04 -28.67 5.66
CA ALA D 192 13.54 -27.31 5.36
C ALA D 192 13.67 -26.97 3.90
N MET D 193 14.81 -27.31 3.32
CA MET D 193 15.09 -27.03 1.94
C MET D 193 14.15 -27.85 1.08
N THR D 194 13.88 -29.09 1.47
CA THR D 194 12.98 -29.89 0.67
C THR D 194 11.58 -29.24 0.62
N ILE D 195 10.94 -29.03 1.76
CA ILE D 195 9.60 -28.42 1.69
C ILE D 195 9.64 -27.06 1.04
N THR D 196 10.74 -26.35 1.19
CA THR D 196 10.82 -25.05 0.55
C THR D 196 10.72 -25.22 -0.97
N MET D 197 11.28 -26.31 -1.49
CA MET D 197 11.24 -26.55 -2.92
C MET D 197 9.83 -26.80 -3.32
N ALA D 198 9.16 -27.60 -2.50
CA ALA D 198 7.78 -27.97 -2.73
C ALA D 198 6.88 -26.74 -2.74
N ASP D 199 7.09 -25.86 -1.77
CA ASP D 199 6.31 -24.64 -1.67
C ASP D 199 6.48 -23.81 -2.96
N ASP D 200 7.72 -23.70 -3.41
CA ASP D 200 8.04 -22.92 -4.60
C ASP D 200 7.23 -23.48 -5.75
N LEU D 201 7.31 -24.78 -5.95
CA LEU D 201 6.60 -25.45 -7.03
C LEU D 201 5.12 -25.51 -6.81
N THR D 202 4.67 -25.02 -5.65
CA THR D 202 3.25 -25.04 -5.36
C THR D 202 2.63 -23.69 -5.65
N ASP D 203 1.61 -23.76 -6.50
CA ASP D 203 0.88 -22.63 -7.00
C ASP D 203 -0.56 -22.66 -6.50
N TYR D 204 -0.92 -21.79 -5.56
CA TYR D 204 -2.29 -21.80 -5.04
C TYR D 204 -3.22 -20.81 -5.78
N ASP D 205 -2.61 -19.86 -6.50
CA ASP D 205 -3.33 -18.85 -7.28
C ASP D 205 -3.61 -17.52 -6.52
N ARG D 206 -4.11 -17.65 -5.28
CA ARG D 206 -4.48 -16.54 -4.38
C ARG D 206 -3.86 -15.14 -4.64
N ASN D 207 -4.72 -14.10 -4.61
CA ASN D 207 -4.39 -12.66 -4.83
C ASN D 207 -3.58 -12.31 -6.12
N GLY D 208 -2.29 -12.00 -5.93
CA GLY D 208 -1.40 -11.67 -7.03
C GLY D 208 -0.11 -12.48 -6.85
N GLU D 209 -0.29 -13.71 -6.36
CA GLU D 209 0.79 -14.64 -6.08
C GLU D 209 1.52 -15.07 -7.35
N ARG D 210 2.78 -14.63 -7.45
CA ARG D 210 3.63 -14.91 -8.60
C ARG D 210 4.16 -16.35 -8.76
N ASP D 211 4.38 -16.73 -10.02
CA ASP D 211 4.92 -18.04 -10.41
C ASP D 211 6.15 -18.39 -9.57
N GLY D 212 6.09 -19.54 -8.88
CA GLY D 212 7.19 -19.98 -8.04
C GLY D 212 8.57 -19.86 -8.64
N ASN D 213 9.36 -18.94 -8.10
CA ASN D 213 10.73 -18.71 -8.54
C ASN D 213 11.29 -19.95 -9.23
N LEU D 214 11.58 -20.99 -8.45
CA LEU D 214 12.14 -22.22 -9.01
C LEU D 214 11.31 -22.84 -10.12
N ALA D 215 10.00 -22.73 -10.02
CA ALA D 215 9.16 -23.31 -11.05
C ALA D 215 9.28 -22.50 -12.32
N HIS D 216 9.51 -21.21 -12.18
CA HIS D 216 9.65 -20.34 -13.34
C HIS D 216 10.90 -20.73 -14.11
N LEU D 217 12.04 -20.65 -13.43
CA LEU D 217 13.34 -21.00 -14.00
C LEU D 217 13.33 -22.40 -14.59
N MET D 218 12.32 -23.18 -14.22
CA MET D 218 12.23 -24.51 -14.73
C MET D 218 11.50 -24.48 -16.06
N ARG D 219 10.36 -23.78 -16.10
CA ARG D 219 9.59 -23.68 -17.35
C ARG D 219 10.25 -22.65 -18.26
N THR D 220 11.44 -22.24 -17.89
CA THR D 220 12.20 -21.25 -18.65
C THR D 220 13.44 -21.91 -19.22
N GLY D 221 13.84 -22.99 -18.58
CA GLY D 221 15.02 -23.69 -19.05
C GLY D 221 16.26 -23.16 -18.37
N ALA D 222 16.10 -22.21 -17.46
CA ALA D 222 17.24 -21.63 -16.72
C ALA D 222 17.71 -22.58 -15.61
N VAL D 223 16.92 -23.64 -15.38
CA VAL D 223 17.20 -24.71 -14.40
C VAL D 223 16.66 -26.03 -14.98
N ALA D 224 17.55 -27.00 -15.14
CA ALA D 224 17.19 -28.28 -15.73
C ALA D 224 16.60 -29.30 -14.74
N GLY D 225 15.47 -29.87 -15.13
CA GLY D 225 14.79 -30.82 -14.30
C GLY D 225 15.73 -31.72 -13.55
N GLN D 226 16.61 -32.42 -14.25
CA GLN D 226 17.49 -33.35 -13.58
C GLN D 226 18.18 -32.74 -12.40
N ASP D 227 18.73 -31.56 -12.58
CA ASP D 227 19.42 -30.87 -11.50
C ASP D 227 18.54 -30.80 -10.22
N VAL D 228 17.24 -30.57 -10.43
CA VAL D 228 16.26 -30.47 -9.37
C VAL D 228 16.16 -31.80 -8.69
N VAL D 229 16.01 -32.84 -9.50
CA VAL D 229 15.90 -34.18 -8.95
C VAL D 229 17.11 -34.53 -8.11
N ASP D 230 18.29 -34.23 -8.62
CA ASP D 230 19.50 -34.55 -7.89
C ASP D 230 19.50 -33.85 -6.55
N LEU D 231 19.08 -32.58 -6.53
CA LEU D 231 19.03 -31.78 -5.31
C LEU D 231 18.08 -32.40 -4.32
N LEU D 232 16.91 -32.75 -4.83
CA LEU D 232 15.91 -33.36 -3.97
C LEU D 232 16.47 -34.62 -3.37
N GLU D 233 17.36 -35.28 -4.10
CA GLU D 233 17.92 -36.49 -3.55
C GLU D 233 19.05 -36.16 -2.60
N GLU D 234 19.83 -35.17 -2.95
CA GLU D 234 20.95 -34.78 -2.11
C GLU D 234 20.39 -34.50 -0.74
N LEU D 235 19.30 -33.73 -0.72
CA LEU D 235 18.64 -33.33 0.51
C LEU D 235 17.98 -34.49 1.28
N ARG D 236 17.50 -35.50 0.54
CA ARG D 236 16.86 -36.63 1.18
C ARG D 236 17.94 -37.43 1.89
N GLY D 237 19.11 -37.47 1.28
CA GLY D 237 20.24 -38.18 1.87
C GLY D 237 20.72 -37.45 3.10
N ARG D 238 20.95 -36.15 2.98
CA ARG D 238 21.42 -35.38 4.12
C ARG D 238 20.51 -35.59 5.32
N ALA D 239 19.20 -35.70 5.10
CA ALA D 239 18.27 -35.88 6.23
C ALA D 239 18.33 -37.28 6.80
N LEU D 240 18.10 -38.28 5.94
CA LEU D 240 18.15 -39.69 6.36
C LEU D 240 19.42 -39.89 7.19
N ALA D 241 20.52 -39.33 6.68
CA ALA D 241 21.81 -39.40 7.34
C ALA D 241 21.67 -38.86 8.76
N ALA D 242 21.18 -37.63 8.89
CA ALA D 242 21.02 -37.00 10.21
C ALA D 242 20.08 -37.78 11.09
N VAL D 243 18.96 -38.15 10.50
CA VAL D 243 17.97 -38.86 11.24
C VAL D 243 18.50 -40.19 11.81
N ALA D 244 19.50 -40.75 11.15
CA ALA D 244 20.03 -42.04 11.61
C ALA D 244 21.31 -41.98 12.48
N ALA D 245 21.79 -40.78 12.74
CA ALA D 245 22.93 -40.68 13.61
C ALA D 245 22.36 -40.87 15.04
N PRO D 246 23.05 -41.67 15.86
CA PRO D 246 22.67 -41.99 17.25
C PRO D 246 22.54 -40.81 18.20
N PRO D 247 21.60 -40.92 19.15
CA PRO D 247 20.73 -42.09 19.28
C PRO D 247 19.72 -42.22 18.12
N GLY D 248 19.81 -41.31 17.14
CA GLY D 248 18.92 -41.32 15.97
C GLY D 248 17.43 -41.23 16.24
N ALA D 249 16.65 -40.93 15.21
CA ALA D 249 15.20 -40.83 15.34
C ALA D 249 14.56 -41.52 14.16
N PRO D 250 14.40 -42.85 14.25
CA PRO D 250 13.81 -43.69 13.20
C PRO D 250 12.48 -43.19 12.62
N GLY D 251 11.66 -42.59 13.50
CA GLY D 251 10.38 -42.08 13.07
C GLY D 251 10.42 -41.23 11.79
N LEU D 252 11.20 -40.18 11.85
CA LEU D 252 11.32 -39.26 10.76
C LEU D 252 11.64 -39.87 9.41
N VAL D 253 12.04 -41.12 9.37
CA VAL D 253 12.41 -41.66 8.05
C VAL D 253 11.32 -41.61 6.97
N PRO D 254 10.14 -42.15 7.30
CA PRO D 254 9.04 -42.14 6.33
C PRO D 254 8.57 -40.68 6.09
N VAL D 255 8.80 -39.84 7.10
CA VAL D 255 8.45 -38.47 7.00
C VAL D 255 9.30 -37.88 5.89
N VAL D 256 10.60 -38.13 5.94
CA VAL D 256 11.53 -37.62 4.93
C VAL D 256 11.14 -38.10 3.51
N HIS D 257 10.78 -39.38 3.42
CA HIS D 257 10.42 -39.98 2.12
C HIS D 257 9.11 -39.44 1.61
N LEU D 258 8.16 -39.31 2.51
CA LEU D 258 6.85 -38.83 2.13
C LEU D 258 6.98 -37.55 1.31
N TYR D 259 7.55 -36.55 1.98
CA TYR D 259 7.76 -35.24 1.41
C TYR D 259 8.66 -35.17 0.19
N THR D 260 9.80 -35.84 0.25
CA THR D 260 10.72 -35.81 -0.86
C THR D 260 10.09 -36.45 -2.07
N ASP D 261 9.46 -37.58 -1.85
CA ASP D 261 8.83 -38.27 -2.96
C ASP D 261 7.65 -37.48 -3.49
N ASP D 262 7.01 -36.71 -2.62
CA ASP D 262 5.87 -35.94 -3.07
C ASP D 262 6.18 -34.88 -4.13
N VAL D 263 7.34 -34.25 -4.00
CA VAL D 263 7.74 -33.22 -4.94
C VAL D 263 8.05 -33.88 -6.24
N LEU D 264 8.62 -35.07 -6.12
CA LEU D 264 9.05 -35.84 -7.26
C LEU D 264 7.96 -36.35 -8.12
N VAL D 265 7.05 -37.04 -7.48
CA VAL D 265 5.92 -37.69 -8.14
C VAL D 265 4.75 -36.81 -8.50
N ARG D 266 4.39 -35.89 -7.60
CA ARG D 266 3.27 -35.01 -7.81
C ARG D 266 3.57 -33.63 -8.35
N LEU D 267 4.58 -32.96 -7.81
CA LEU D 267 4.90 -31.60 -8.22
C LEU D 267 5.84 -31.41 -9.40
N LEU D 268 7.01 -32.06 -9.35
CA LEU D 268 7.97 -31.96 -10.45
C LEU D 268 7.31 -32.13 -11.85
N PRO D 269 6.50 -33.18 -12.06
CA PRO D 269 5.87 -33.31 -13.38
C PRO D 269 4.98 -32.14 -13.87
N ARG D 270 4.52 -31.26 -12.99
CA ARG D 270 3.69 -30.15 -13.44
C ARG D 270 4.51 -29.10 -14.19
N HIS D 271 5.81 -29.10 -13.92
CA HIS D 271 6.70 -28.13 -14.53
C HIS D 271 7.64 -28.64 -15.61
N LEU D 272 7.81 -29.95 -15.72
CA LEU D 272 8.67 -30.46 -16.77
C LEU D 272 7.76 -30.84 -17.89
N GLY D 273 7.26 -32.06 -17.87
CA GLY D 273 6.37 -32.45 -18.93
C GLY D 273 6.22 -33.94 -19.03
N GLU D 274 6.34 -34.44 -20.27
CA GLU D 274 6.24 -35.86 -20.59
C GLU D 274 7.55 -36.58 -20.23
N ALA D 275 8.66 -35.88 -20.46
CA ALA D 275 9.98 -36.41 -20.11
C ALA D 275 10.36 -35.71 -18.77
N GLY D 276 10.50 -36.50 -17.71
CA GLY D 276 10.85 -35.93 -16.42
C GLY D 276 12.10 -35.08 -16.57
N ALA D 277 13.22 -35.65 -16.16
CA ALA D 277 14.48 -34.95 -16.27
C ALA D 277 15.34 -35.84 -17.18
N GLY D 278 16.65 -35.86 -16.96
CA GLY D 278 17.56 -36.68 -17.76
C GLY D 278 17.16 -36.74 -19.23
N ALA D 279 17.85 -37.58 -20.01
CA ALA D 279 17.55 -37.71 -21.45
C ALA D 279 16.46 -38.77 -21.67
N MET D 280 16.09 -39.02 -22.93
CA MET D 280 15.06 -40.02 -23.25
C MET D 280 15.49 -41.48 -22.92
N ALA D 281 14.49 -42.36 -22.84
CA ALA D 281 14.68 -43.79 -22.53
C ALA D 281 14.88 -44.61 -23.80
N THR D 282 16.01 -45.28 -23.91
CA THR D 282 16.23 -46.07 -25.11
C THR D 282 16.53 -47.55 -24.87
N VAL D 283 16.30 -48.35 -25.90
CA VAL D 283 16.55 -49.78 -25.85
C VAL D 283 17.73 -50.06 -26.79
N LYS D 284 18.72 -50.74 -26.25
CA LYS D 284 19.91 -51.11 -27.01
C LYS D 284 19.89 -52.61 -27.31
N PHE D 285 20.02 -52.93 -28.58
CA PHE D 285 20.04 -54.30 -29.02
C PHE D 285 20.83 -54.46 -30.30
N LYS D 286 21.24 -55.70 -30.58
CA LYS D 286 21.97 -56.00 -31.80
C LYS D 286 20.92 -56.67 -32.67
N TYR D 287 20.75 -56.19 -33.89
CA TYR D 287 19.74 -56.75 -34.79
C TYR D 287 20.12 -56.85 -36.27
N LYS D 288 20.41 -58.07 -36.69
CA LYS D 288 20.82 -58.34 -38.05
C LYS D 288 22.25 -57.83 -38.17
N GLY D 289 23.10 -58.28 -37.25
CA GLY D 289 24.51 -57.91 -37.24
C GLY D 289 24.85 -56.48 -36.91
N GLU D 290 23.82 -55.65 -36.82
CA GLU D 290 24.00 -54.23 -36.55
C GLU D 290 23.90 -53.89 -35.09
N GLU D 291 23.74 -52.58 -34.89
CA GLU D 291 23.62 -51.95 -33.58
C GLU D 291 22.44 -50.99 -33.66
N LYS D 292 21.44 -51.21 -32.83
CA LYS D 292 20.31 -50.33 -32.88
C LYS D 292 20.11 -49.69 -31.53
N GLU D 293 19.26 -48.68 -31.53
CA GLU D 293 18.90 -47.95 -30.32
C GLU D 293 17.62 -47.21 -30.67
N VAL D 294 16.51 -47.61 -30.04
CA VAL D 294 15.25 -46.94 -30.32
C VAL D 294 14.66 -46.39 -29.03
N ASP D 295 13.94 -45.28 -29.15
CA ASP D 295 13.32 -44.68 -27.98
C ASP D 295 12.00 -45.37 -27.71
N ILE D 296 11.73 -45.66 -26.45
CA ILE D 296 10.48 -46.32 -26.07
C ILE D 296 9.31 -45.58 -26.72
N SER D 297 9.60 -44.37 -27.18
CA SER D 297 8.60 -43.53 -27.82
C SER D 297 8.22 -44.01 -29.23
N LYS D 298 8.98 -44.96 -29.75
CA LYS D 298 8.71 -45.51 -31.07
C LYS D 298 8.23 -46.98 -30.99
N ILE D 299 8.48 -47.61 -29.84
CA ILE D 299 8.07 -49.00 -29.59
C ILE D 299 6.57 -49.20 -29.49
N LYS D 300 6.04 -49.87 -30.50
CA LYS D 300 4.62 -50.16 -30.56
C LYS D 300 4.31 -51.34 -29.66
N LYS D 301 4.25 -52.55 -30.24
CA LYS D 301 3.96 -53.80 -29.52
C LYS D 301 5.19 -54.41 -28.80
N VAL D 302 4.98 -54.97 -27.61
CA VAL D 302 6.07 -55.55 -26.84
C VAL D 302 5.56 -56.65 -25.92
N TRP D 303 6.11 -57.84 -26.06
CA TRP D 303 5.67 -58.95 -25.24
C TRP D 303 6.82 -59.71 -24.62
N ARG D 304 6.48 -60.76 -23.88
CA ARG D 304 7.52 -61.54 -23.25
C ARG D 304 7.53 -63.01 -23.66
N VAL D 305 8.72 -63.59 -23.60
CA VAL D 305 8.92 -64.98 -23.91
C VAL D 305 10.02 -65.35 -22.96
N GLY D 306 9.66 -66.07 -21.91
CA GLY D 306 10.66 -66.50 -20.94
C GLY D 306 11.24 -65.30 -20.28
N LYS D 307 12.55 -65.13 -20.34
CA LYS D 307 13.15 -63.97 -19.72
C LYS D 307 13.64 -62.99 -20.74
N MET D 308 13.06 -63.08 -21.94
CA MET D 308 13.40 -62.22 -23.05
C MET D 308 12.23 -61.29 -23.34
N ILE D 309 12.50 -60.14 -23.92
CA ILE D 309 11.42 -59.25 -24.21
C ILE D 309 11.55 -59.01 -25.69
N SER D 310 10.55 -59.44 -26.45
CA SER D 310 10.53 -59.26 -27.90
C SER D 310 9.64 -58.05 -28.19
N PHE D 311 9.99 -57.23 -29.19
CA PHE D 311 9.19 -56.04 -29.48
C PHE D 311 9.26 -55.64 -30.95
N THR D 312 8.52 -54.58 -31.27
CA THR D 312 8.49 -53.97 -32.61
C THR D 312 8.44 -52.44 -32.44
N TYR D 313 9.05 -51.73 -33.38
CA TYR D 313 9.05 -50.29 -33.29
C TYR D 313 8.75 -49.66 -34.64
N ASP D 314 8.60 -48.32 -34.65
CA ASP D 314 8.35 -47.54 -35.86
C ASP D 314 9.74 -47.10 -36.34
N GLU D 315 10.30 -47.83 -37.30
CA GLU D 315 11.65 -47.60 -37.80
C GLU D 315 11.88 -46.45 -38.81
N GLY D 316 10.86 -46.10 -39.59
CA GLY D 316 11.02 -45.03 -40.57
C GLY D 316 9.92 -45.01 -41.63
N GLY D 317 8.89 -44.20 -41.37
CA GLY D 317 7.75 -44.12 -42.28
C GLY D 317 6.78 -45.22 -41.89
N GLY D 318 6.35 -46.00 -42.87
CA GLY D 318 5.45 -47.10 -42.58
C GLY D 318 6.26 -48.34 -42.27
N LYS D 319 7.57 -48.17 -42.07
CA LYS D 319 8.49 -49.27 -41.77
C LYS D 319 8.44 -49.77 -40.32
N THR D 320 8.21 -51.09 -40.15
CA THR D 320 8.16 -51.72 -38.82
C THR D 320 9.37 -52.61 -38.55
N GLY D 321 10.30 -52.11 -37.73
CA GLY D 321 11.48 -52.89 -37.40
C GLY D 321 11.17 -53.70 -36.16
N ARG D 322 12.01 -54.71 -35.89
CA ARG D 322 11.84 -55.59 -34.72
C ARG D 322 13.13 -55.76 -33.91
N GLY D 323 12.97 -56.36 -32.73
CA GLY D 323 14.09 -56.59 -31.83
C GLY D 323 13.63 -57.32 -30.59
N ALA D 324 14.61 -57.83 -29.84
CA ALA D 324 14.35 -58.57 -28.62
C ALA D 324 15.56 -58.47 -27.74
N VAL D 325 15.35 -58.17 -26.47
CA VAL D 325 16.46 -58.05 -25.52
C VAL D 325 16.18 -58.86 -24.27
N SER D 326 17.22 -59.13 -23.48
CA SER D 326 17.01 -59.86 -22.25
C SER D 326 16.27 -58.85 -21.36
N GLU D 327 15.49 -59.29 -20.37
CA GLU D 327 14.77 -58.34 -19.52
C GLU D 327 15.76 -57.52 -18.67
N LYS D 328 17.01 -57.94 -18.66
CA LYS D 328 18.06 -57.25 -17.92
C LYS D 328 18.55 -56.00 -18.64
N ASP D 329 18.80 -56.13 -19.93
CA ASP D 329 19.25 -54.98 -20.72
C ASP D 329 17.98 -54.23 -21.17
N ALA D 330 16.88 -54.43 -20.46
CA ALA D 330 15.62 -53.79 -20.83
C ALA D 330 15.24 -52.61 -19.93
N PRO D 331 15.12 -51.41 -20.49
CA PRO D 331 14.76 -50.23 -19.71
C PRO D 331 13.41 -50.33 -18.99
N LYS D 332 13.36 -49.91 -17.73
CA LYS D 332 12.11 -49.97 -16.95
C LYS D 332 10.95 -49.38 -17.78
N GLU D 333 11.22 -48.30 -18.50
CA GLU D 333 10.19 -47.64 -19.30
C GLU D 333 9.59 -48.54 -20.38
N LEU D 334 10.24 -49.68 -20.65
CA LEU D 334 9.76 -50.63 -21.64
C LEU D 334 9.05 -51.80 -20.92
N LEU D 335 9.64 -52.28 -19.82
CA LEU D 335 9.07 -53.36 -19.02
C LEU D 335 7.71 -52.90 -18.56
N GLN D 336 7.55 -51.59 -18.44
CA GLN D 336 6.29 -50.99 -18.03
C GLN D 336 5.24 -51.26 -19.12
N MET D 337 5.62 -51.11 -20.39
CA MET D 337 4.70 -51.33 -21.52
C MET D 337 4.14 -52.75 -21.58
N LEU D 338 4.88 -53.71 -21.03
CA LEU D 338 4.42 -55.10 -20.97
C LEU D 338 3.10 -55.14 -20.20
N GLU D 339 3.09 -54.36 -19.12
CA GLU D 339 1.94 -54.24 -18.23
C GLU D 339 0.67 -53.70 -18.90
N LYS D 340 0.80 -52.58 -19.59
CA LYS D 340 -0.32 -51.95 -20.28
C LYS D 340 -0.96 -53.02 -21.21
N GLN D 341 -0.10 -53.73 -21.92
CA GLN D 341 -0.49 -54.79 -22.85
C GLN D 341 -0.80 -56.11 -22.12
N HIS E 5 -20.30 -11.46 -39.76
CA HIS E 5 -19.74 -12.48 -40.70
C HIS E 5 -19.60 -13.83 -39.99
N HIS E 6 -20.72 -14.52 -39.87
CA HIS E 6 -20.81 -15.82 -39.20
C HIS E 6 -21.71 -16.72 -40.09
N HIS E 7 -21.11 -17.68 -40.79
CA HIS E 7 -21.88 -18.53 -41.71
C HIS E 7 -22.28 -19.95 -41.27
N HIS E 8 -22.06 -20.26 -40.00
CA HIS E 8 -22.35 -21.58 -39.46
C HIS E 8 -23.06 -21.51 -38.12
N VAL E 9 -23.88 -20.49 -37.98
CA VAL E 9 -24.64 -20.33 -36.75
C VAL E 9 -25.57 -21.56 -36.75
N ASP E 10 -25.78 -22.16 -35.58
CA ASP E 10 -26.69 -23.31 -35.44
C ASP E 10 -28.10 -22.75 -35.06
N ASP E 11 -29.12 -23.06 -35.90
CA ASP E 11 -30.48 -22.55 -35.68
C ASP E 11 -31.70 -23.51 -35.81
N ASP E 12 -31.52 -24.80 -35.49
CA ASP E 12 -32.65 -25.74 -35.58
C ASP E 12 -33.60 -25.28 -34.51
N ASP E 13 -34.88 -25.40 -34.74
CA ASP E 13 -35.78 -24.97 -33.69
C ASP E 13 -35.92 -26.01 -32.60
N LYS E 14 -36.09 -27.27 -33.00
CA LYS E 14 -36.24 -28.36 -32.03
C LYS E 14 -35.17 -28.21 -30.96
N MET E 15 -33.99 -27.80 -31.43
CA MET E 15 -32.77 -27.60 -30.64
C MET E 15 -32.82 -26.35 -29.78
N LEU E 16 -32.98 -25.22 -30.45
CA LEU E 16 -33.05 -23.93 -29.78
C LEU E 16 -34.10 -23.90 -28.70
N ALA E 17 -35.10 -24.76 -28.86
CA ALA E 17 -36.20 -24.86 -27.93
C ALA E 17 -35.80 -25.71 -26.76
N ALA E 18 -35.01 -26.75 -27.01
CA ALA E 18 -34.53 -27.65 -25.95
C ALA E 18 -33.56 -26.88 -25.06
N GLU E 19 -32.64 -26.18 -25.71
CA GLU E 19 -31.65 -25.41 -24.99
C GLU E 19 -32.37 -24.45 -24.07
N ALA E 20 -33.48 -23.91 -24.55
CA ALA E 20 -34.28 -22.94 -23.78
C ALA E 20 -35.04 -23.64 -22.68
N ALA E 21 -35.47 -24.87 -23.00
CA ALA E 21 -36.19 -25.71 -22.07
C ALA E 21 -35.26 -25.96 -20.91
N ASN E 22 -34.08 -26.49 -21.21
CA ASN E 22 -33.06 -26.78 -20.23
C ASN E 22 -32.79 -25.53 -19.39
N ARG E 23 -32.45 -24.44 -20.07
CA ARG E 23 -32.16 -23.16 -19.46
C ARG E 23 -33.16 -22.89 -18.37
N ASP E 24 -34.43 -23.08 -18.70
CA ASP E 24 -35.48 -22.88 -17.74
C ASP E 24 -35.35 -23.72 -16.49
N HIS E 25 -35.31 -25.04 -16.67
CA HIS E 25 -35.21 -26.00 -15.59
C HIS E 25 -34.02 -25.62 -14.74
N VAL E 26 -32.93 -25.28 -15.40
CA VAL E 26 -31.73 -24.94 -14.67
C VAL E 26 -31.86 -23.63 -13.88
N THR E 27 -32.21 -22.51 -14.51
CA THR E 27 -32.31 -21.24 -13.77
C THR E 27 -33.39 -21.25 -12.72
N ARG E 28 -34.48 -21.92 -13.01
CA ARG E 28 -35.60 -22.06 -12.11
C ARG E 28 -35.11 -22.76 -10.81
N CYS E 29 -34.39 -23.84 -11.03
CA CYS E 29 -33.81 -24.64 -9.98
C CYS E 29 -32.88 -23.77 -9.10
N VAL E 30 -31.99 -23.02 -9.74
CA VAL E 30 -31.06 -22.16 -9.01
C VAL E 30 -31.75 -21.13 -8.12
N ALA E 31 -32.68 -20.41 -8.75
CA ALA E 31 -33.49 -19.37 -8.13
C ALA E 31 -34.22 -19.94 -6.92
N GLN E 32 -34.78 -21.13 -7.05
CA GLN E 32 -35.51 -21.76 -5.97
C GLN E 32 -34.62 -21.97 -4.76
N THR E 33 -33.31 -22.05 -5.03
CA THR E 33 -32.36 -22.30 -3.98
C THR E 33 -31.79 -21.07 -3.41
N GLY E 34 -32.24 -19.94 -3.95
CA GLY E 34 -31.80 -18.66 -3.45
C GLY E 34 -30.64 -18.02 -4.15
N GLY E 35 -30.38 -18.44 -5.40
CA GLY E 35 -29.29 -17.85 -6.16
C GLY E 35 -29.63 -16.40 -6.47
N SER E 36 -28.61 -15.60 -6.67
CA SER E 36 -28.82 -14.19 -6.95
C SER E 36 -29.16 -14.00 -8.42
N PRO E 37 -29.60 -12.75 -8.81
CA PRO E 37 -29.97 -12.39 -10.18
C PRO E 37 -28.73 -12.56 -11.02
N ASP E 38 -27.59 -12.40 -10.35
CA ASP E 38 -26.25 -12.54 -10.91
C ASP E 38 -25.93 -13.99 -11.23
N LEU E 39 -26.22 -14.89 -10.29
CA LEU E 39 -25.94 -16.31 -10.51
C LEU E 39 -26.94 -16.94 -11.50
N VAL E 40 -28.19 -16.47 -11.54
CA VAL E 40 -29.15 -17.01 -12.52
C VAL E 40 -28.74 -16.47 -13.88
N ALA E 41 -28.27 -15.23 -13.94
CA ALA E 41 -27.84 -14.67 -15.21
C ALA E 41 -26.68 -15.50 -15.74
N HIS E 42 -25.75 -15.85 -14.85
CA HIS E 42 -24.56 -16.65 -15.16
C HIS E 42 -24.88 -18.02 -15.77
N THR E 43 -25.69 -18.84 -15.09
CA THR E 43 -26.00 -20.18 -15.60
C THR E 43 -26.78 -20.14 -16.93
N ALA E 44 -27.58 -19.09 -17.10
CA ALA E 44 -28.36 -18.92 -18.31
C ALA E 44 -27.43 -18.64 -19.51
N ALA E 45 -26.34 -17.97 -19.21
CA ALA E 45 -25.37 -17.64 -20.23
C ALA E 45 -24.57 -18.85 -20.72
N LEU E 46 -24.65 -19.99 -20.04
CA LEU E 46 -23.87 -21.15 -20.46
C LEU E 46 -24.61 -21.87 -21.57
N ARG E 47 -24.70 -21.24 -22.74
CA ARG E 47 -25.42 -21.78 -23.91
C ARG E 47 -25.05 -23.17 -24.38
N LEU E 48 -23.76 -23.46 -24.50
CA LEU E 48 -23.35 -24.76 -24.96
C LEU E 48 -23.77 -25.89 -24.06
N TYR E 49 -23.44 -25.73 -22.78
CA TYR E 49 -23.74 -26.70 -21.76
C TYR E 49 -25.23 -26.97 -21.70
N LEU E 50 -26.04 -25.97 -21.93
CA LEU E 50 -27.49 -26.16 -21.91
C LEU E 50 -27.91 -26.84 -23.20
N ARG E 51 -27.17 -26.64 -24.26
CA ARG E 51 -27.53 -27.22 -25.53
C ARG E 51 -26.94 -28.64 -25.77
N VAL E 52 -25.68 -28.82 -25.38
CA VAL E 52 -25.00 -30.08 -25.61
C VAL E 52 -25.83 -31.36 -25.29
N PRO E 53 -26.68 -31.34 -24.22
CA PRO E 53 -27.50 -32.51 -23.86
C PRO E 53 -28.53 -32.79 -24.93
N HIS E 54 -28.93 -31.77 -25.69
CA HIS E 54 -29.92 -32.02 -26.71
C HIS E 54 -29.29 -32.97 -27.70
N PHE E 55 -28.00 -32.80 -27.99
CA PHE E 55 -27.32 -33.70 -28.93
C PHE E 55 -27.11 -35.07 -28.29
N LEU E 56 -26.63 -35.08 -27.04
CA LEU E 56 -26.37 -36.34 -26.33
C LEU E 56 -27.61 -37.24 -26.27
N THR E 57 -28.77 -36.67 -26.51
CA THR E 57 -30.01 -37.42 -26.42
C THR E 57 -30.71 -37.68 -27.75
N GLU E 58 -30.05 -37.47 -28.89
CA GLU E 58 -30.68 -37.68 -30.20
C GLU E 58 -31.31 -39.11 -30.38
N TRP E 59 -30.61 -40.13 -29.92
CA TRP E 59 -31.09 -41.50 -30.03
C TRP E 59 -32.43 -41.75 -29.31
N THR E 60 -32.60 -41.18 -28.14
CA THR E 60 -33.83 -41.35 -27.37
C THR E 60 -35.04 -41.05 -28.27
N THR E 61 -35.86 -42.05 -28.56
CA THR E 61 -36.98 -41.82 -29.47
C THR E 61 -38.22 -41.19 -28.84
N ASP E 62 -38.61 -41.61 -27.64
CA ASP E 62 -39.79 -41.01 -27.00
C ASP E 62 -39.50 -39.54 -26.71
N PRO E 63 -40.32 -38.64 -27.26
CA PRO E 63 -40.14 -37.20 -27.04
C PRO E 63 -40.11 -36.70 -25.58
N ASP E 64 -40.97 -37.24 -24.73
CA ASP E 64 -41.03 -36.84 -23.32
C ASP E 64 -39.84 -37.29 -22.49
N ARG E 65 -39.40 -38.51 -22.73
CA ARG E 65 -38.25 -39.06 -22.02
C ARG E 65 -37.08 -38.19 -22.41
N ARG E 66 -36.99 -37.93 -23.72
CA ARG E 66 -35.95 -37.06 -24.29
C ARG E 66 -35.86 -35.77 -23.47
N ALA E 67 -36.95 -35.02 -23.50
CA ALA E 67 -37.00 -33.78 -22.76
C ALA E 67 -36.48 -33.93 -21.31
N ALA E 68 -36.95 -35.00 -20.66
CA ALA E 68 -36.58 -35.26 -19.28
C ALA E 68 -35.10 -35.56 -19.12
N VAL E 69 -34.52 -36.41 -19.97
CA VAL E 69 -33.10 -36.67 -19.83
C VAL E 69 -32.29 -35.40 -20.15
N SER E 70 -32.66 -34.74 -21.25
CA SER E 70 -31.97 -33.53 -21.73
C SER E 70 -31.77 -32.51 -20.63
N ARG E 71 -32.82 -32.25 -19.84
CA ARG E 71 -32.69 -31.27 -18.79
C ARG E 71 -32.06 -31.84 -17.53
N ALA E 72 -32.26 -33.14 -17.26
CA ALA E 72 -31.64 -33.75 -16.07
C ALA E 72 -30.16 -33.58 -16.25
N LEU E 73 -29.70 -33.92 -17.44
CA LEU E 73 -28.29 -33.80 -17.78
C LEU E 73 -27.80 -32.37 -17.71
N ALA E 74 -28.61 -31.43 -18.18
CA ALA E 74 -28.19 -30.04 -18.15
C ALA E 74 -27.85 -29.66 -16.70
N LEU E 75 -28.65 -30.17 -15.76
CA LEU E 75 -28.49 -29.87 -14.33
C LEU E 75 -27.14 -30.27 -13.84
N ASP E 76 -26.69 -31.46 -14.22
CA ASP E 76 -25.39 -31.86 -13.74
C ASP E 76 -24.25 -31.25 -14.50
N ILE E 77 -24.43 -31.07 -15.80
CA ILE E 77 -23.37 -30.45 -16.57
C ILE E 77 -23.13 -29.03 -16.07
N VAL E 78 -24.18 -28.33 -15.63
CA VAL E 78 -24.01 -26.97 -15.15
C VAL E 78 -23.38 -26.97 -13.79
N SER E 79 -23.77 -27.92 -12.96
CA SER E 79 -23.25 -28.03 -11.61
C SER E 79 -21.73 -28.23 -11.61
N MET E 80 -21.25 -29.08 -12.50
CA MET E 80 -19.82 -29.32 -12.60
C MET E 80 -19.08 -28.07 -13.15
N LYS E 81 -19.77 -27.27 -13.96
CA LYS E 81 -19.21 -26.05 -14.54
C LYS E 81 -19.08 -25.11 -13.39
N LEU E 82 -20.11 -25.07 -12.57
CA LEU E 82 -20.09 -24.22 -11.40
C LEU E 82 -18.93 -24.60 -10.46
N LEU E 83 -18.79 -25.89 -10.13
CA LEU E 83 -17.67 -26.32 -9.28
C LEU E 83 -16.33 -25.90 -9.94
N ASP E 84 -16.24 -25.95 -11.26
CA ASP E 84 -15.02 -25.52 -11.89
C ASP E 84 -14.78 -24.07 -11.57
N ASP E 85 -15.83 -23.25 -11.62
CA ASP E 85 -15.71 -21.83 -11.31
C ASP E 85 -15.29 -21.65 -9.86
N LEU E 86 -15.91 -22.43 -8.97
CA LEU E 86 -15.60 -22.38 -7.56
C LEU E 86 -14.11 -22.66 -7.23
N MET E 87 -13.39 -23.38 -8.08
CA MET E 87 -11.98 -23.63 -7.80
C MET E 87 -11.06 -22.65 -8.50
N ASP E 88 -11.63 -21.86 -9.42
CA ASP E 88 -10.91 -20.83 -10.17
C ASP E 88 -11.00 -19.49 -9.44
N ASP E 89 -12.05 -19.34 -8.64
CA ASP E 89 -12.34 -18.14 -7.85
C ASP E 89 -12.16 -16.82 -8.58
N ASP E 90 -12.61 -16.78 -9.83
CA ASP E 90 -12.45 -15.57 -10.61
C ASP E 90 -13.71 -15.05 -11.24
N THR E 91 -14.86 -15.63 -10.93
CA THR E 91 -16.09 -15.15 -11.55
C THR E 91 -16.70 -13.96 -10.83
N GLY E 92 -16.23 -13.67 -9.62
CA GLY E 92 -16.78 -12.55 -8.90
C GLY E 92 -18.08 -12.91 -8.21
N LEU E 93 -18.56 -14.12 -8.44
CA LEU E 93 -19.80 -14.58 -7.84
C LEU E 93 -19.45 -14.94 -6.41
N ASP E 94 -20.43 -14.90 -5.50
CA ASP E 94 -20.17 -15.27 -4.11
C ASP E 94 -19.78 -16.74 -4.04
N ARG E 95 -18.66 -17.05 -3.37
CA ARG E 95 -18.26 -18.44 -3.29
C ARG E 95 -19.27 -19.32 -2.57
N VAL E 96 -20.02 -18.75 -1.62
CA VAL E 96 -21.00 -19.51 -0.86
C VAL E 96 -22.20 -19.89 -1.75
N GLU E 97 -22.58 -18.96 -2.60
CA GLU E 97 -23.68 -19.12 -3.54
C GLU E 97 -23.32 -20.21 -4.55
N LEU E 98 -22.13 -20.08 -5.09
CA LEU E 98 -21.63 -21.01 -6.07
C LEU E 98 -21.60 -22.41 -5.51
N ALA E 99 -20.98 -22.54 -4.34
CA ALA E 99 -20.83 -23.81 -3.65
C ALA E 99 -22.18 -24.45 -3.48
N CYS E 100 -23.10 -23.69 -2.91
CA CYS E 100 -24.40 -24.22 -2.62
C CYS E 100 -25.29 -24.43 -3.78
N VAL E 101 -25.25 -23.58 -4.78
CA VAL E 101 -26.13 -23.89 -5.90
C VAL E 101 -25.58 -25.13 -6.56
N CYS E 102 -24.26 -25.12 -6.77
CA CYS E 102 -23.56 -26.27 -7.30
C CYS E 102 -24.12 -27.60 -6.77
N LEU E 103 -23.97 -27.82 -5.46
CA LEU E 103 -24.46 -29.03 -4.83
C LEU E 103 -25.94 -29.29 -5.00
N ARG E 104 -26.79 -28.27 -4.85
CA ARG E 104 -28.25 -28.46 -5.01
C ARG E 104 -28.61 -29.04 -6.40
N LEU E 105 -28.08 -28.40 -7.45
CA LEU E 105 -28.27 -28.82 -8.83
C LEU E 105 -27.79 -30.24 -8.98
N HIS E 106 -26.54 -30.47 -8.61
CA HIS E 106 -25.99 -31.82 -8.68
C HIS E 106 -26.93 -32.84 -8.02
N LEU E 107 -27.28 -32.58 -6.75
CA LEU E 107 -28.16 -33.46 -6.02
C LEU E 107 -29.47 -33.73 -6.79
N ARG E 108 -29.99 -32.68 -7.40
CA ARG E 108 -31.21 -32.85 -8.14
C ARG E 108 -30.98 -33.71 -9.34
N ALA E 109 -29.97 -33.39 -10.13
CA ALA E 109 -29.74 -34.17 -11.32
C ALA E 109 -29.63 -35.66 -11.03
N LEU E 110 -29.01 -36.00 -9.90
CA LEU E 110 -28.86 -37.42 -9.56
C LEU E 110 -30.26 -37.98 -9.39
N HIS E 111 -31.13 -37.22 -8.74
CA HIS E 111 -32.51 -37.68 -8.53
C HIS E 111 -33.33 -37.86 -9.83
N GLU E 112 -33.16 -36.96 -10.79
CA GLU E 112 -33.89 -37.06 -12.04
C GLU E 112 -33.26 -38.13 -12.95
N LEU E 113 -31.92 -38.18 -13.00
CA LEU E 113 -31.24 -39.20 -13.79
C LEU E 113 -31.60 -40.62 -13.36
N GLU E 114 -31.62 -40.89 -12.04
CA GLU E 114 -31.92 -42.22 -11.52
C GLU E 114 -33.38 -42.52 -11.56
N SER E 115 -34.20 -41.49 -11.64
CA SER E 115 -35.62 -41.74 -11.72
C SER E 115 -35.92 -42.10 -13.17
N LEU E 116 -35.02 -41.78 -14.09
CA LEU E 116 -35.21 -42.07 -15.52
C LEU E 116 -34.47 -43.23 -16.06
N ALA E 117 -33.46 -43.70 -15.34
CA ALA E 117 -32.63 -44.81 -15.79
C ALA E 117 -33.34 -46.13 -15.70
N ARG E 118 -33.00 -47.06 -16.60
CA ARG E 118 -33.60 -48.40 -16.60
C ARG E 118 -33.21 -49.04 -15.27
N ASP E 119 -31.95 -48.89 -14.89
CA ASP E 119 -31.47 -49.38 -13.61
C ASP E 119 -30.81 -48.22 -12.89
N PRO E 120 -31.35 -47.80 -11.75
CA PRO E 120 -30.74 -46.68 -11.03
C PRO E 120 -29.24 -46.80 -10.75
N LYS E 121 -28.79 -47.99 -10.42
CA LYS E 121 -27.38 -48.17 -10.12
C LYS E 121 -26.46 -47.70 -11.24
N ALA E 122 -26.91 -47.82 -12.48
CA ALA E 122 -26.11 -47.37 -13.62
C ALA E 122 -25.65 -45.91 -13.48
N VAL E 123 -26.46 -45.09 -12.84
CA VAL E 123 -26.08 -43.70 -12.66
C VAL E 123 -24.83 -43.60 -11.80
N THR E 124 -24.92 -43.99 -10.54
CA THR E 124 -23.73 -43.87 -9.72
C THR E 124 -22.59 -44.72 -10.27
N ASP E 125 -22.94 -45.74 -11.05
CA ASP E 125 -21.92 -46.61 -11.66
C ASP E 125 -21.05 -45.83 -12.67
N ILE E 126 -21.69 -45.18 -13.62
CA ILE E 126 -21.00 -44.38 -14.61
C ILE E 126 -20.12 -43.30 -13.94
N LEU E 127 -20.71 -42.58 -12.97
CA LEU E 127 -20.00 -41.48 -12.28
C LEU E 127 -18.76 -41.91 -11.55
N GLU E 128 -18.83 -43.04 -10.88
CA GLU E 128 -17.69 -43.54 -10.14
C GLU E 128 -16.69 -44.21 -11.07
N GLN E 129 -17.21 -44.91 -12.06
CA GLN E 129 -16.38 -45.63 -13.04
C GLN E 129 -15.02 -45.05 -13.37
N ASP E 130 -15.03 -43.82 -13.88
CA ASP E 130 -13.85 -43.09 -14.32
C ASP E 130 -13.68 -41.87 -13.46
N ALA E 131 -14.20 -41.91 -12.25
CA ALA E 131 -14.08 -40.77 -11.37
C ALA E 131 -12.68 -40.40 -11.06
N VAL E 132 -11.78 -41.35 -10.89
CA VAL E 132 -10.42 -40.96 -10.53
C VAL E 132 -9.66 -40.42 -11.69
N HIS E 133 -10.09 -40.82 -12.87
CA HIS E 133 -9.49 -40.34 -14.11
C HIS E 133 -9.89 -38.86 -14.26
N LEU E 134 -11.18 -38.60 -14.05
CA LEU E 134 -11.73 -37.27 -14.16
C LEU E 134 -11.18 -36.29 -13.16
N CYS E 135 -11.24 -36.67 -11.90
CA CYS E 135 -10.81 -35.81 -10.80
C CYS E 135 -9.32 -35.63 -10.74
N GLY E 136 -8.59 -36.74 -10.61
CA GLY E 136 -7.15 -36.63 -10.57
C GLY E 136 -6.75 -35.94 -11.86
N GLY E 137 -7.48 -36.20 -12.94
CA GLY E 137 -7.15 -35.56 -14.21
C GLY E 137 -7.21 -34.05 -14.15
N GLN E 138 -8.38 -33.52 -13.83
CA GLN E 138 -8.59 -32.08 -13.75
C GLN E 138 -7.45 -31.42 -12.94
N ILE E 139 -7.07 -32.02 -11.81
CA ILE E 139 -6.00 -31.45 -11.02
C ILE E 139 -4.76 -31.22 -11.85
N ARG E 140 -4.34 -32.22 -12.60
CA ARG E 140 -3.14 -32.10 -13.46
C ARG E 140 -3.27 -31.04 -14.57
N THR E 141 -4.43 -31.00 -15.20
CA THR E 141 -4.70 -30.07 -16.27
C THR E 141 -4.68 -28.63 -15.76
N LYS E 142 -5.35 -28.41 -14.64
CA LYS E 142 -5.44 -27.09 -14.02
C LYS E 142 -4.09 -26.62 -13.52
N ARG E 143 -3.14 -27.55 -13.34
CA ARG E 143 -1.85 -27.22 -12.78
C ARG E 143 -0.56 -27.41 -13.60
N SER E 144 -0.67 -27.72 -14.91
CA SER E 144 0.49 -27.82 -15.83
C SER E 144 0.11 -27.28 -17.21
N ARG E 145 1.11 -26.95 -18.01
CA ARG E 145 0.88 -26.39 -19.33
C ARG E 145 1.11 -27.36 -20.43
N ALA E 146 0.38 -27.17 -21.52
CA ALA E 146 0.53 -28.02 -22.68
C ALA E 146 1.52 -27.29 -23.59
N THR E 147 2.68 -27.91 -23.78
CA THR E 147 3.76 -27.36 -24.57
C THR E 147 3.74 -27.78 -26.04
N ASN E 148 2.84 -28.68 -26.39
CA ASN E 148 2.74 -29.11 -27.78
C ASN E 148 1.41 -29.82 -28.03
N LEU E 149 1.11 -30.06 -29.32
CA LEU E 149 -0.14 -30.71 -29.70
C LEU E 149 -0.43 -31.93 -28.86
N ARG E 150 0.47 -32.91 -28.90
CA ARG E 150 0.29 -34.13 -28.11
C ARG E 150 -0.22 -33.81 -26.70
N GLU E 151 0.52 -32.94 -26.01
CA GLU E 151 0.17 -32.53 -24.66
C GLU E 151 -1.19 -31.82 -24.65
N TRP E 152 -1.41 -30.93 -25.61
CA TRP E 152 -2.68 -30.25 -25.66
C TRP E 152 -3.80 -31.27 -25.59
N ARG E 153 -3.78 -32.26 -26.48
CA ARG E 153 -4.82 -33.29 -26.48
C ARG E 153 -4.96 -33.92 -25.12
N ALA E 154 -3.84 -34.29 -24.51
CA ALA E 154 -3.91 -34.92 -23.22
C ALA E 154 -4.82 -34.15 -22.30
N HIS E 155 -4.55 -32.85 -22.18
CA HIS E 155 -5.32 -32.00 -21.29
C HIS E 155 -6.75 -31.94 -21.78
N ALA E 156 -6.94 -31.57 -23.03
CA ALA E 156 -8.28 -31.45 -23.54
C ALA E 156 -9.06 -32.75 -23.37
N SER E 157 -8.48 -33.89 -23.74
CA SER E 157 -9.23 -35.16 -23.63
C SER E 157 -9.67 -35.52 -22.20
N THR E 158 -9.27 -34.69 -21.24
CA THR E 158 -9.63 -34.89 -19.85
C THR E 158 -10.72 -33.87 -19.39
N TYR E 159 -10.44 -32.57 -19.37
CA TYR E 159 -11.48 -31.61 -18.98
C TYR E 159 -12.52 -31.46 -20.10
N GLY E 160 -12.39 -32.25 -21.16
CA GLY E 160 -13.33 -32.11 -22.23
C GLY E 160 -13.94 -33.38 -22.76
N SER E 161 -13.10 -34.33 -23.16
CA SER E 161 -13.58 -35.58 -23.74
C SER E 161 -14.14 -36.46 -22.68
N THR E 162 -13.40 -36.59 -21.59
CA THR E 162 -13.80 -37.43 -20.45
C THR E 162 -15.01 -36.82 -19.79
N PHE E 163 -14.96 -35.51 -19.62
CA PHE E 163 -16.08 -34.83 -18.99
C PHE E 163 -17.40 -35.19 -19.66
N LEU E 164 -17.55 -34.79 -20.92
CA LEU E 164 -18.76 -35.01 -21.72
C LEU E 164 -19.05 -36.48 -22.03
N GLY E 165 -18.00 -37.30 -22.06
CA GLY E 165 -18.16 -38.72 -22.32
C GLY E 165 -19.05 -39.33 -21.27
N ARG E 166 -18.78 -38.99 -20.01
CA ARG E 166 -19.57 -39.47 -18.90
C ARG E 166 -21.05 -39.12 -19.12
N TYR E 167 -21.32 -37.93 -19.66
CA TYR E 167 -22.71 -37.59 -19.87
C TYR E 167 -23.36 -38.33 -21.05
N GLY E 168 -22.56 -38.66 -22.04
CA GLY E 168 -23.13 -39.38 -23.16
C GLY E 168 -23.50 -40.77 -22.67
N ALA E 169 -22.72 -41.26 -21.71
CA ALA E 169 -22.96 -42.59 -21.16
C ALA E 169 -24.22 -42.58 -20.33
N LEU E 170 -24.46 -41.49 -19.62
CA LEU E 170 -25.65 -41.42 -18.81
C LEU E 170 -26.82 -41.16 -19.73
N ALA E 171 -26.51 -40.50 -20.85
CA ALA E 171 -27.51 -40.15 -21.84
C ALA E 171 -28.20 -41.38 -22.42
N ALA E 172 -27.41 -42.42 -22.62
CA ALA E 172 -27.94 -43.64 -23.18
C ALA E 172 -28.56 -44.47 -22.09
N ALA E 173 -27.92 -44.48 -20.91
CA ALA E 173 -28.38 -45.27 -19.77
C ALA E 173 -29.75 -44.87 -19.24
N CYS E 174 -30.16 -43.63 -19.50
CA CYS E 174 -31.46 -43.14 -19.08
C CYS E 174 -32.43 -43.04 -20.25
N GLY E 175 -31.89 -43.08 -21.47
CA GLY E 175 -32.74 -42.95 -22.63
C GLY E 175 -33.50 -44.16 -23.16
N GLY E 176 -33.82 -45.14 -22.32
CA GLY E 176 -34.56 -46.30 -22.81
C GLY E 176 -33.80 -47.19 -23.77
N GLU E 177 -34.50 -48.07 -24.47
CA GLU E 177 -33.79 -48.98 -25.36
C GLU E 177 -33.52 -48.53 -26.75
N GLY E 178 -32.63 -49.31 -27.35
CA GLY E 178 -32.22 -49.06 -28.70
C GLY E 178 -31.18 -47.98 -28.67
N GLN E 179 -30.33 -47.99 -27.64
CA GLN E 179 -29.29 -46.99 -27.61
C GLN E 179 -27.94 -47.69 -27.55
N PRO E 180 -27.04 -47.42 -28.55
CA PRO E 180 -25.70 -47.98 -28.69
C PRO E 180 -24.72 -47.40 -27.67
N ALA E 181 -24.95 -47.75 -26.41
CA ALA E 181 -24.16 -47.29 -25.28
C ALA E 181 -22.76 -46.76 -25.52
N ASP E 182 -21.97 -47.54 -26.25
CA ASP E 182 -20.60 -47.15 -26.52
C ASP E 182 -20.44 -46.09 -27.59
N SER E 183 -21.35 -46.06 -28.55
CA SER E 183 -21.29 -45.08 -29.63
C SER E 183 -21.75 -43.69 -29.12
N VAL E 184 -22.74 -43.64 -28.23
CA VAL E 184 -23.20 -42.36 -27.71
C VAL E 184 -22.02 -41.70 -27.04
N ARG E 185 -21.27 -42.47 -26.27
CA ARG E 185 -20.11 -41.96 -25.57
C ARG E 185 -19.00 -41.56 -26.52
N GLU E 186 -18.85 -42.36 -27.58
CA GLU E 186 -17.83 -42.13 -28.60
C GLU E 186 -18.09 -40.74 -29.18
N PHE E 187 -19.36 -40.53 -29.51
CA PHE E 187 -19.83 -39.28 -30.07
C PHE E 187 -19.50 -38.11 -29.21
N ALA E 188 -19.91 -38.19 -27.95
CA ALA E 188 -19.68 -37.13 -26.98
C ALA E 188 -18.20 -36.93 -26.74
N GLU E 189 -17.41 -38.00 -26.78
CA GLU E 189 -15.98 -37.88 -26.52
C GLU E 189 -15.29 -37.19 -27.65
N ALA E 190 -15.71 -37.48 -28.88
CA ALA E 190 -15.14 -36.88 -30.10
C ALA E 190 -15.69 -35.46 -30.26
N PHE E 191 -17.01 -35.32 -30.26
CA PHE E 191 -17.63 -33.99 -30.39
C PHE E 191 -16.99 -33.03 -29.42
N ALA E 192 -17.06 -33.35 -28.12
CA ALA E 192 -16.47 -32.54 -27.06
C ALA E 192 -15.14 -31.94 -27.46
N MET E 193 -14.23 -32.77 -27.96
CA MET E 193 -12.94 -32.20 -28.32
C MET E 193 -12.99 -31.24 -29.50
N THR E 194 -13.97 -31.38 -30.39
CA THR E 194 -14.08 -30.44 -31.51
C THR E 194 -14.37 -29.10 -30.84
N ILE E 195 -15.34 -29.10 -29.94
CA ILE E 195 -15.74 -27.93 -29.18
C ILE E 195 -14.57 -27.25 -28.51
N THR E 196 -13.72 -28.07 -27.90
CA THR E 196 -12.53 -27.56 -27.19
C THR E 196 -11.62 -26.78 -28.12
N MET E 197 -11.34 -27.34 -29.30
CA MET E 197 -10.48 -26.70 -30.28
C MET E 197 -11.07 -25.37 -30.65
N ALA E 198 -12.36 -25.38 -31.00
CA ALA E 198 -13.06 -24.15 -31.38
C ALA E 198 -12.89 -23.06 -30.31
N ASP E 199 -13.02 -23.45 -29.05
CA ASP E 199 -12.89 -22.55 -27.89
C ASP E 199 -11.48 -21.98 -27.82
N ASP E 200 -10.47 -22.84 -27.75
CA ASP E 200 -9.09 -22.43 -27.69
C ASP E 200 -8.72 -21.47 -28.80
N LEU E 201 -9.18 -21.79 -29.99
CA LEU E 201 -8.92 -20.93 -31.14
C LEU E 201 -9.63 -19.58 -30.96
N THR E 202 -10.81 -19.58 -30.35
CA THR E 202 -11.52 -18.34 -30.14
C THR E 202 -10.89 -17.50 -29.06
N ASP E 203 -10.84 -18.08 -27.87
CA ASP E 203 -10.27 -17.43 -26.71
C ASP E 203 -8.91 -16.78 -26.96
N TYR E 204 -8.16 -17.18 -27.99
CA TYR E 204 -6.86 -16.55 -28.21
C TYR E 204 -7.00 -15.04 -28.42
N ASP E 205 -8.16 -14.62 -28.94
CA ASP E 205 -8.43 -13.21 -29.14
C ASP E 205 -9.53 -12.69 -28.21
N ARG E 206 -10.52 -13.52 -27.90
CA ARG E 206 -11.59 -13.14 -26.98
C ARG E 206 -10.98 -12.59 -25.68
N ASN E 207 -9.83 -13.11 -25.28
CA ASN E 207 -9.21 -12.64 -24.06
C ASN E 207 -7.74 -12.92 -24.03
N GLY E 208 -7.17 -12.93 -25.22
CA GLY E 208 -5.74 -13.13 -25.38
C GLY E 208 -5.10 -14.21 -24.55
N GLU E 209 -5.68 -15.41 -24.57
CA GLU E 209 -5.21 -16.58 -23.84
C GLU E 209 -3.93 -17.07 -24.52
N ARG E 210 -2.88 -17.36 -23.74
CA ARG E 210 -1.58 -17.81 -24.29
C ARG E 210 -0.93 -19.10 -23.75
N ASP E 211 -0.92 -19.31 -22.44
CA ASP E 211 -0.30 -20.51 -21.87
C ASP E 211 -1.00 -21.80 -22.17
N GLY E 212 -0.40 -22.57 -23.07
CA GLY E 212 -0.96 -23.84 -23.48
C GLY E 212 -2.16 -23.73 -24.40
N ASN E 213 -2.40 -22.54 -24.96
CA ASN E 213 -3.53 -22.31 -25.86
C ASN E 213 -3.21 -22.77 -27.26
N LEU E 214 -4.05 -23.62 -27.83
CA LEU E 214 -3.80 -24.13 -29.16
C LEU E 214 -3.36 -23.04 -30.15
N ALA E 215 -4.23 -22.06 -30.41
CA ALA E 215 -3.90 -20.98 -31.36
C ALA E 215 -2.52 -20.43 -31.02
N HIS E 216 -2.24 -20.31 -29.73
CA HIS E 216 -0.93 -19.80 -29.35
C HIS E 216 0.15 -20.76 -29.78
N LEU E 217 0.02 -22.02 -29.35
CA LEU E 217 0.97 -23.05 -29.72
C LEU E 217 1.24 -23.06 -31.24
N MET E 218 0.21 -22.86 -32.07
CA MET E 218 0.39 -22.81 -33.52
C MET E 218 1.33 -21.67 -33.98
N ARG E 219 1.02 -20.42 -33.60
CA ARG E 219 1.86 -19.30 -33.98
C ARG E 219 3.27 -19.44 -33.39
N THR E 220 3.39 -19.87 -32.15
CA THR E 220 4.70 -20.07 -31.54
C THR E 220 5.49 -21.12 -32.33
N GLY E 221 4.81 -22.03 -33.05
CA GLY E 221 5.52 -23.04 -33.80
C GLY E 221 5.53 -24.43 -33.14
N ALA E 222 5.23 -24.48 -31.86
CA ALA E 222 5.19 -25.77 -31.17
C ALA E 222 4.10 -26.69 -31.72
N VAL E 223 3.31 -26.23 -32.68
CA VAL E 223 2.27 -27.07 -33.23
C VAL E 223 2.19 -26.80 -34.70
N ALA E 224 2.11 -27.86 -35.48
CA ALA E 224 2.02 -27.74 -36.93
C ALA E 224 0.59 -27.41 -37.37
N GLY E 225 0.52 -26.58 -38.42
CA GLY E 225 -0.77 -26.19 -38.94
C GLY E 225 -1.57 -27.34 -39.52
N GLN E 226 -0.87 -28.25 -40.21
CA GLN E 226 -1.53 -29.41 -40.82
C GLN E 226 -2.08 -30.32 -39.71
N ASP E 227 -1.29 -30.51 -38.66
CA ASP E 227 -1.67 -31.33 -37.51
C ASP E 227 -3.06 -30.96 -36.94
N VAL E 228 -3.30 -29.66 -36.79
CA VAL E 228 -4.57 -29.20 -36.27
C VAL E 228 -5.69 -29.51 -37.25
N VAL E 229 -5.41 -29.38 -38.55
CA VAL E 229 -6.45 -29.69 -39.52
C VAL E 229 -6.69 -31.18 -39.51
N ASP E 230 -5.61 -31.93 -39.34
CA ASP E 230 -5.73 -33.38 -39.37
C ASP E 230 -6.46 -33.93 -38.14
N LEU E 231 -6.13 -33.35 -36.98
CA LEU E 231 -6.75 -33.73 -35.71
C LEU E 231 -8.20 -33.39 -35.79
N LEU E 232 -8.44 -32.23 -36.33
CA LEU E 232 -9.78 -31.75 -36.42
C LEU E 232 -10.66 -32.68 -37.23
N GLU E 233 -10.14 -33.13 -38.36
CA GLU E 233 -10.91 -34.02 -39.20
C GLU E 233 -11.03 -35.44 -38.59
N GLU E 234 -10.01 -35.84 -37.82
CA GLU E 234 -10.02 -37.15 -37.16
C GLU E 234 -11.22 -37.16 -36.21
N LEU E 235 -11.43 -36.02 -35.57
CA LEU E 235 -12.53 -35.87 -34.64
C LEU E 235 -13.83 -35.85 -35.47
N ARG E 236 -13.81 -35.22 -36.64
CA ARG E 236 -15.02 -35.21 -37.46
C ARG E 236 -15.36 -36.64 -37.89
N GLY E 237 -14.32 -37.45 -38.14
CA GLY E 237 -14.52 -38.81 -38.55
C GLY E 237 -15.12 -39.68 -37.47
N ARG E 238 -14.47 -39.64 -36.30
CA ARG E 238 -14.91 -40.38 -35.12
C ARG E 238 -16.37 -40.13 -34.76
N ALA E 239 -16.81 -38.89 -34.77
CA ALA E 239 -18.21 -38.64 -34.44
C ALA E 239 -19.13 -39.17 -35.52
N LEU E 240 -18.88 -38.79 -36.76
CA LEU E 240 -19.72 -39.26 -37.84
C LEU E 240 -19.87 -40.79 -37.76
N ALA E 241 -18.72 -41.45 -37.52
CA ALA E 241 -18.64 -42.89 -37.36
C ALA E 241 -19.72 -43.38 -36.38
N ALA E 242 -19.59 -42.93 -35.13
CA ALA E 242 -20.47 -43.28 -34.03
C ALA E 242 -21.95 -42.95 -34.22
N VAL E 243 -22.29 -41.76 -34.74
CA VAL E 243 -23.71 -41.44 -34.93
C VAL E 243 -24.32 -42.24 -36.07
N ALA E 244 -23.45 -42.90 -36.84
CA ALA E 244 -23.85 -43.75 -37.98
C ALA E 244 -24.09 -45.23 -37.56
N ALA E 245 -23.36 -45.72 -36.55
CA ALA E 245 -23.52 -47.08 -36.01
C ALA E 245 -24.98 -47.30 -35.53
N PRO E 246 -25.58 -48.44 -35.91
CA PRO E 246 -26.94 -48.85 -35.59
C PRO E 246 -27.32 -48.80 -34.11
N PRO E 247 -28.57 -48.39 -33.82
CA PRO E 247 -29.58 -48.00 -34.83
C PRO E 247 -29.36 -46.62 -35.43
N GLY E 248 -28.23 -45.99 -35.08
CA GLY E 248 -27.87 -44.67 -35.60
C GLY E 248 -28.62 -43.42 -35.13
N ALA E 249 -27.98 -42.27 -35.38
CA ALA E 249 -28.51 -40.96 -35.04
C ALA E 249 -28.11 -40.03 -36.21
N PRO E 250 -28.75 -40.23 -37.39
CA PRO E 250 -28.49 -39.44 -38.59
C PRO E 250 -28.71 -37.98 -38.36
N GLY E 251 -29.65 -37.65 -37.45
CA GLY E 251 -29.99 -36.28 -37.11
C GLY E 251 -28.77 -35.48 -36.71
N LEU E 252 -27.82 -36.18 -36.10
CA LEU E 252 -26.59 -35.58 -35.65
C LEU E 252 -25.59 -35.30 -36.77
N VAL E 253 -25.81 -35.84 -37.94
CA VAL E 253 -24.88 -35.61 -39.03
C VAL E 253 -24.68 -34.10 -39.36
N PRO E 254 -25.78 -33.37 -39.63
CA PRO E 254 -25.68 -31.94 -39.95
C PRO E 254 -24.96 -31.19 -38.86
N VAL E 255 -25.24 -31.63 -37.63
CA VAL E 255 -24.64 -31.05 -36.43
C VAL E 255 -23.11 -31.27 -36.45
N VAL E 256 -22.65 -32.53 -36.57
CA VAL E 256 -21.22 -32.80 -36.58
C VAL E 256 -20.50 -31.99 -37.64
N HIS E 257 -21.13 -31.81 -38.81
CA HIS E 257 -20.53 -31.02 -39.91
C HIS E 257 -20.52 -29.54 -39.60
N LEU E 258 -21.67 -28.99 -39.17
CA LEU E 258 -21.75 -27.58 -38.83
C LEU E 258 -20.65 -27.13 -37.89
N TYR E 259 -20.47 -27.81 -36.77
CA TYR E 259 -19.44 -27.42 -35.81
C TYR E 259 -17.99 -27.59 -36.30
N THR E 260 -17.74 -28.55 -37.19
CA THR E 260 -16.39 -28.70 -37.69
C THR E 260 -16.12 -27.66 -38.77
N ASP E 261 -17.11 -27.41 -39.63
CA ASP E 261 -16.93 -26.43 -40.70
C ASP E 261 -16.72 -25.05 -40.07
N ASP E 262 -17.36 -24.85 -38.94
CA ASP E 262 -17.28 -23.59 -38.21
C ASP E 262 -15.81 -23.36 -37.87
N VAL E 263 -15.14 -24.37 -37.33
CA VAL E 263 -13.75 -24.18 -36.98
C VAL E 263 -12.97 -24.01 -38.27
N LEU E 264 -13.23 -24.88 -39.25
CA LEU E 264 -12.49 -24.77 -40.50
C LEU E 264 -12.56 -23.41 -41.18
N VAL E 265 -13.77 -22.96 -41.47
CA VAL E 265 -13.95 -21.70 -42.15
C VAL E 265 -13.68 -20.41 -41.36
N ARG E 266 -14.27 -20.29 -40.16
CA ARG E 266 -14.15 -19.06 -39.37
C ARG E 266 -13.01 -18.85 -38.40
N LEU E 267 -12.60 -19.88 -37.67
CA LEU E 267 -11.57 -19.72 -36.64
C LEU E 267 -10.19 -20.24 -36.92
N LEU E 268 -10.08 -21.18 -37.84
CA LEU E 268 -8.80 -21.76 -38.12
C LEU E 268 -7.89 -21.00 -39.06
N PRO E 269 -8.45 -20.32 -40.07
CA PRO E 269 -7.56 -19.60 -40.97
C PRO E 269 -6.65 -18.51 -40.35
N ARG E 270 -7.21 -17.61 -39.53
CA ARG E 270 -6.40 -16.56 -38.93
C ARG E 270 -5.12 -17.16 -38.36
N HIS E 271 -5.25 -18.14 -37.49
CA HIS E 271 -4.07 -18.75 -36.90
C HIS E 271 -3.26 -19.62 -37.84
N LEU E 272 -3.71 -19.79 -39.07
CA LEU E 272 -2.96 -20.64 -39.98
C LEU E 272 -1.81 -20.02 -40.75
N GLY E 273 -0.74 -20.82 -40.84
CA GLY E 273 0.48 -20.42 -41.55
C GLY E 273 1.71 -20.14 -40.69
N GLU E 274 1.45 -19.75 -39.43
CA GLU E 274 2.48 -19.40 -38.45
C GLU E 274 3.40 -20.56 -38.06
N ASP F 11 -16.98 -49.53 25.31
CA ASP F 11 -16.86 -49.61 23.80
C ASP F 11 -16.16 -48.36 23.33
N ASP F 12 -15.11 -47.97 24.03
CA ASP F 12 -14.36 -46.76 23.66
C ASP F 12 -13.22 -47.08 22.70
N ASP F 13 -13.08 -48.36 22.35
CA ASP F 13 -12.05 -48.82 21.43
C ASP F 13 -12.77 -49.05 20.14
N LYS F 14 -13.76 -49.91 20.26
CA LYS F 14 -14.60 -50.30 19.17
C LYS F 14 -14.85 -49.08 18.29
N MET F 15 -15.15 -47.95 18.92
CA MET F 15 -15.43 -46.74 18.19
C MET F 15 -14.14 -46.08 17.75
N LEU F 16 -13.12 -46.12 18.61
CA LEU F 16 -11.80 -45.55 18.31
C LEU F 16 -11.16 -46.24 17.12
N ALA F 17 -11.54 -47.48 16.91
CA ALA F 17 -11.01 -48.21 15.81
C ALA F 17 -11.82 -47.87 14.57
N ALA F 18 -13.11 -47.63 14.72
CA ALA F 18 -13.97 -47.28 13.58
C ALA F 18 -13.51 -45.94 13.04
N GLU F 19 -13.22 -45.02 13.95
CA GLU F 19 -12.74 -43.71 13.56
C GLU F 19 -11.46 -43.92 12.74
N ALA F 20 -10.57 -44.79 13.25
CA ALA F 20 -9.26 -45.12 12.62
C ALA F 20 -9.43 -45.75 11.25
N ALA F 21 -10.37 -46.66 11.17
CA ALA F 21 -10.64 -47.33 9.94
C ALA F 21 -11.28 -46.36 8.93
N ASN F 22 -12.14 -45.44 9.40
CA ASN F 22 -12.75 -44.51 8.47
C ASN F 22 -11.69 -43.54 8.05
N ARG F 23 -10.88 -43.11 9.00
CA ARG F 23 -9.81 -42.20 8.67
C ARG F 23 -9.02 -42.77 7.49
N ASP F 24 -8.65 -44.04 7.60
CA ASP F 24 -7.87 -44.67 6.55
C ASP F 24 -8.58 -44.73 5.23
N HIS F 25 -9.87 -45.05 5.25
CA HIS F 25 -10.64 -45.16 4.03
C HIS F 25 -10.68 -43.81 3.34
N VAL F 26 -10.82 -42.75 4.13
CA VAL F 26 -10.90 -41.42 3.57
C VAL F 26 -9.56 -40.96 3.04
N THR F 27 -8.53 -40.93 3.88
CA THR F 27 -7.22 -40.51 3.40
C THR F 27 -6.71 -41.38 2.26
N ARG F 28 -6.84 -42.70 2.36
CA ARG F 28 -6.39 -43.59 1.27
C ARG F 28 -7.02 -43.09 -0.05
N CYS F 29 -8.34 -42.91 -0.06
CA CYS F 29 -9.06 -42.45 -1.25
C CYS F 29 -8.66 -41.00 -1.71
N VAL F 30 -8.21 -40.15 -0.78
CA VAL F 30 -7.82 -38.77 -1.11
C VAL F 30 -6.56 -38.82 -1.91
N ALA F 31 -5.59 -39.46 -1.26
CA ALA F 31 -4.23 -39.67 -1.74
C ALA F 31 -4.13 -40.21 -3.16
N GLN F 32 -4.95 -41.21 -3.43
CA GLN F 32 -5.01 -41.85 -4.71
C GLN F 32 -5.59 -40.94 -5.75
N THR F 33 -6.23 -39.86 -5.33
CA THR F 33 -6.83 -38.97 -6.31
C THR F 33 -5.79 -37.95 -6.73
N GLY F 34 -4.76 -37.83 -5.92
CA GLY F 34 -3.71 -36.90 -6.23
C GLY F 34 -3.67 -35.80 -5.21
N GLY F 35 -4.11 -36.13 -4.01
CA GLY F 35 -4.11 -35.15 -2.95
C GLY F 35 -2.70 -34.95 -2.45
N SER F 36 -2.45 -33.75 -1.97
CA SER F 36 -1.17 -33.41 -1.44
C SER F 36 -1.11 -33.96 -0.02
N PRO F 37 0.10 -34.08 0.52
CA PRO F 37 0.22 -34.57 1.89
C PRO F 37 -0.60 -33.62 2.72
N ASP F 38 -0.50 -32.34 2.39
CA ASP F 38 -1.21 -31.34 3.15
C ASP F 38 -2.74 -31.59 3.22
N LEU F 39 -3.37 -32.01 2.12
CA LEU F 39 -4.82 -32.24 2.13
C LEU F 39 -5.15 -33.45 2.95
N VAL F 40 -4.30 -34.47 2.85
CA VAL F 40 -4.49 -35.69 3.60
C VAL F 40 -4.43 -35.44 5.09
N ALA F 41 -3.48 -34.65 5.55
CA ALA F 41 -3.39 -34.34 6.97
C ALA F 41 -4.64 -33.53 7.31
N HIS F 42 -5.15 -32.78 6.33
CA HIS F 42 -6.34 -31.98 6.56
C HIS F 42 -7.54 -32.86 6.86
N THR F 43 -7.88 -33.76 5.94
CA THR F 43 -9.01 -34.63 6.15
C THR F 43 -8.80 -35.55 7.35
N ALA F 44 -7.56 -35.95 7.56
CA ALA F 44 -7.18 -36.86 8.66
C ALA F 44 -7.55 -36.30 10.00
N ALA F 45 -7.40 -34.99 10.10
CA ALA F 45 -7.68 -34.23 11.30
C ALA F 45 -9.18 -34.04 11.63
N LEU F 46 -10.06 -34.37 10.68
CA LEU F 46 -11.53 -34.22 10.88
C LEU F 46 -12.10 -35.38 11.73
N ARG F 47 -11.64 -35.47 12.97
CA ARG F 47 -12.05 -36.52 13.88
C ARG F 47 -13.54 -36.68 14.13
N LEU F 48 -14.27 -35.59 14.30
CA LEU F 48 -15.69 -35.72 14.57
C LEU F 48 -16.41 -36.39 13.42
N TYR F 49 -16.14 -35.86 12.25
CA TYR F 49 -16.73 -36.36 11.03
C TYR F 49 -16.36 -37.77 10.76
N LEU F 50 -15.15 -38.16 11.17
CA LEU F 50 -14.70 -39.54 10.98
C LEU F 50 -15.25 -40.48 12.08
N ARG F 51 -15.62 -39.90 13.21
CA ARG F 51 -16.16 -40.64 14.33
C ARG F 51 -17.69 -40.70 14.41
N VAL F 52 -18.39 -39.63 14.01
CA VAL F 52 -19.87 -39.57 14.06
C VAL F 52 -20.58 -40.70 13.23
N PRO F 53 -19.95 -41.15 12.12
CA PRO F 53 -20.58 -42.22 11.33
C PRO F 53 -20.74 -43.44 12.16
N HIS F 54 -19.82 -43.60 13.10
CA HIS F 54 -19.84 -44.76 13.98
C HIS F 54 -21.10 -44.78 14.81
N PHE F 55 -21.49 -43.63 15.35
CA PHE F 55 -22.71 -43.57 16.12
C PHE F 55 -23.90 -43.81 15.18
N LEU F 56 -23.94 -43.16 14.03
CA LEU F 56 -25.06 -43.36 13.14
C LEU F 56 -25.29 -44.80 12.73
N THR F 57 -24.32 -45.65 12.95
CA THR F 57 -24.50 -47.04 12.54
C THR F 57 -24.66 -48.04 13.68
N GLU F 58 -24.92 -47.53 14.88
CA GLU F 58 -25.10 -48.34 16.07
C GLU F 58 -26.13 -49.47 15.83
N TRP F 59 -27.29 -49.10 15.31
CA TRP F 59 -28.34 -50.06 15.01
C TRP F 59 -28.01 -51.18 13.98
N THR F 60 -26.95 -51.00 13.19
CA THR F 60 -26.59 -52.03 12.20
C THR F 60 -26.14 -53.24 12.97
N THR F 61 -26.76 -54.38 12.69
CA THR F 61 -26.42 -55.59 13.44
C THR F 61 -25.16 -56.29 12.97
N ASP F 62 -25.03 -56.52 11.66
CA ASP F 62 -23.84 -57.20 11.12
C ASP F 62 -22.59 -56.31 11.21
N PRO F 63 -21.51 -56.79 11.86
CA PRO F 63 -20.31 -55.94 11.95
C PRO F 63 -19.70 -55.57 10.58
N ASP F 64 -19.82 -56.45 9.60
CA ASP F 64 -19.30 -56.13 8.29
C ASP F 64 -20.07 -55.04 7.62
N ARG F 65 -21.37 -55.24 7.41
CA ARG F 65 -22.19 -54.19 6.81
C ARG F 65 -21.93 -52.91 7.61
N ARG F 66 -21.85 -53.02 8.91
CA ARG F 66 -21.67 -51.82 9.64
C ARG F 66 -20.45 -51.08 9.20
N ALA F 67 -19.29 -51.73 9.24
CA ALA F 67 -18.02 -51.06 8.88
C ALA F 67 -18.07 -50.36 7.50
N ALA F 68 -18.70 -51.04 6.53
CA ALA F 68 -18.88 -50.55 5.18
C ALA F 68 -19.70 -49.27 5.18
N VAL F 69 -20.89 -49.30 5.78
CA VAL F 69 -21.74 -48.13 5.85
C VAL F 69 -21.01 -46.98 6.57
N SER F 70 -20.34 -47.28 7.69
CA SER F 70 -19.60 -46.28 8.46
C SER F 70 -18.58 -45.54 7.59
N ARG F 71 -17.79 -46.26 6.78
CA ARG F 71 -16.80 -45.57 5.93
C ARG F 71 -17.44 -44.84 4.71
N ALA F 72 -18.45 -45.43 4.09
CA ALA F 72 -19.17 -44.78 2.97
C ALA F 72 -19.65 -43.45 3.53
N LEU F 73 -20.34 -43.50 4.66
CA LEU F 73 -20.83 -42.29 5.33
C LEU F 73 -19.73 -41.32 5.61
N ALA F 74 -18.60 -41.82 6.11
CA ALA F 74 -17.44 -40.98 6.40
C ALA F 74 -16.96 -40.21 5.16
N LEU F 75 -17.00 -40.88 4.00
CA LEU F 75 -16.60 -40.26 2.77
C LEU F 75 -17.45 -39.08 2.39
N ASP F 76 -18.78 -39.26 2.33
CA ASP F 76 -19.59 -38.11 1.95
C ASP F 76 -19.52 -36.99 2.96
N ILE F 77 -19.60 -37.32 4.25
CA ILE F 77 -19.49 -36.28 5.28
C ILE F 77 -18.18 -35.48 5.15
N VAL F 78 -17.06 -36.12 4.79
CA VAL F 78 -15.85 -35.32 4.66
C VAL F 78 -15.86 -34.55 3.33
N SER F 79 -16.49 -35.09 2.30
CA SER F 79 -16.53 -34.37 1.03
C SER F 79 -17.34 -33.10 1.21
N MET F 80 -18.40 -33.19 1.99
CA MET F 80 -19.21 -32.02 2.21
C MET F 80 -18.42 -31.04 3.04
N LYS F 81 -17.59 -31.57 3.95
CA LYS F 81 -16.75 -30.71 4.76
C LYS F 81 -15.79 -29.98 3.86
N LEU F 82 -15.29 -30.69 2.86
CA LEU F 82 -14.38 -30.03 1.97
C LEU F 82 -15.09 -28.97 1.13
N LEU F 83 -16.35 -29.20 0.72
CA LEU F 83 -17.03 -28.19 -0.06
C LEU F 83 -17.21 -26.95 0.81
N ASP F 84 -17.43 -27.15 2.11
CA ASP F 84 -17.57 -26.03 3.04
C ASP F 84 -16.28 -25.22 2.97
N ASP F 85 -15.14 -25.90 3.12
CA ASP F 85 -13.84 -25.25 3.06
C ASP F 85 -13.67 -24.49 1.74
N LEU F 86 -14.13 -25.16 0.69
CA LEU F 86 -14.08 -24.63 -0.65
C LEU F 86 -14.87 -23.33 -0.81
N MET F 87 -15.85 -23.04 0.04
CA MET F 87 -16.56 -21.78 -0.14
C MET F 87 -16.07 -20.74 0.79
N ASP F 88 -15.29 -21.17 1.78
CA ASP F 88 -14.73 -20.22 2.75
C ASP F 88 -13.36 -19.73 2.29
N ASP F 89 -12.65 -20.57 1.55
CA ASP F 89 -11.32 -20.25 1.02
C ASP F 89 -10.43 -19.61 2.05
N ASP F 90 -10.23 -20.30 3.17
CA ASP F 90 -9.43 -19.75 4.26
C ASP F 90 -8.62 -20.86 4.89
N THR F 91 -8.59 -22.01 4.20
CA THR F 91 -7.87 -23.18 4.67
C THR F 91 -6.42 -23.28 4.20
N GLY F 92 -6.02 -22.42 3.26
CA GLY F 92 -4.65 -22.42 2.78
C GLY F 92 -4.30 -23.51 1.79
N LEU F 93 -5.29 -24.34 1.46
CA LEU F 93 -5.17 -25.49 0.56
C LEU F 93 -5.46 -25.05 -0.86
N ASP F 94 -4.81 -25.64 -1.85
CA ASP F 94 -5.11 -25.23 -3.21
C ASP F 94 -6.61 -25.44 -3.56
N ARG F 95 -7.21 -24.40 -4.10
CA ARG F 95 -8.60 -24.46 -4.50
C ARG F 95 -8.85 -25.66 -5.43
N VAL F 96 -7.87 -26.05 -6.24
CA VAL F 96 -8.06 -27.15 -7.20
C VAL F 96 -8.09 -28.59 -6.62
N GLU F 97 -7.15 -28.89 -5.76
CA GLU F 97 -7.06 -30.15 -5.01
C GLU F 97 -8.44 -30.34 -4.34
N LEU F 98 -8.87 -29.30 -3.60
CA LEU F 98 -10.14 -29.28 -2.90
C LEU F 98 -11.39 -29.59 -3.75
N ALA F 99 -11.68 -28.77 -4.74
CA ALA F 99 -12.86 -29.05 -5.54
C ALA F 99 -12.81 -30.45 -6.07
N CYS F 100 -11.65 -30.87 -6.54
CA CYS F 100 -11.53 -32.22 -7.12
C CYS F 100 -11.51 -33.38 -6.18
N VAL F 101 -10.90 -33.25 -5.00
CA VAL F 101 -10.95 -34.40 -4.12
C VAL F 101 -12.36 -34.38 -3.61
N CYS F 102 -12.86 -33.19 -3.30
CA CYS F 102 -14.23 -33.10 -2.84
C CYS F 102 -15.16 -33.97 -3.73
N LEU F 103 -15.24 -33.66 -5.02
CA LEU F 103 -16.10 -34.42 -5.90
C LEU F 103 -15.74 -35.91 -5.90
N ARG F 104 -14.45 -36.25 -5.90
CA ARG F 104 -14.11 -37.67 -5.96
C ARG F 104 -14.61 -38.50 -4.79
N LEU F 105 -14.52 -37.97 -3.58
CA LEU F 105 -14.97 -38.68 -2.41
C LEU F 105 -16.48 -38.84 -2.45
N HIS F 106 -17.18 -37.75 -2.72
CA HIS F 106 -18.62 -37.80 -2.82
C HIS F 106 -19.03 -38.80 -3.88
N LEU F 107 -18.38 -38.77 -5.05
CA LEU F 107 -18.73 -39.71 -6.10
C LEU F 107 -18.59 -41.17 -5.68
N ARG F 108 -17.59 -41.43 -4.84
CA ARG F 108 -17.27 -42.78 -4.31
C ARG F 108 -18.30 -43.24 -3.26
N ALA F 109 -18.65 -42.30 -2.38
CA ALA F 109 -19.60 -42.52 -1.30
C ALA F 109 -20.97 -42.81 -1.83
N LEU F 110 -21.37 -42.14 -2.91
CA LEU F 110 -22.69 -42.44 -3.43
C LEU F 110 -22.65 -43.91 -3.86
N HIS F 111 -21.65 -44.29 -4.63
CA HIS F 111 -21.54 -45.65 -5.11
C HIS F 111 -21.51 -46.67 -3.99
N GLU F 112 -20.58 -46.55 -3.04
CA GLU F 112 -20.55 -47.50 -1.92
C GLU F 112 -21.95 -47.49 -1.19
N LEU F 113 -22.51 -46.30 -0.87
CA LEU F 113 -23.79 -46.23 -0.21
C LEU F 113 -24.94 -46.90 -1.00
N GLU F 114 -25.00 -46.73 -2.31
CA GLU F 114 -26.09 -47.34 -3.05
C GLU F 114 -25.98 -48.86 -3.19
N SER F 115 -24.77 -49.39 -3.02
CA SER F 115 -24.52 -50.82 -3.13
C SER F 115 -24.97 -51.58 -1.89
N LEU F 116 -25.22 -50.87 -0.79
CA LEU F 116 -25.67 -51.53 0.43
C LEU F 116 -27.07 -51.12 0.77
N ALA F 117 -27.60 -50.18 0.03
CA ALA F 117 -28.94 -49.63 0.24
C ALA F 117 -30.07 -50.61 0.02
N ARG F 118 -31.16 -50.46 0.78
CA ARG F 118 -32.30 -51.34 0.62
C ARG F 118 -32.86 -51.23 -0.78
N ASP F 119 -33.25 -50.04 -1.19
CA ASP F 119 -33.80 -49.83 -2.52
C ASP F 119 -32.82 -49.02 -3.38
N PRO F 120 -32.73 -49.32 -4.68
CA PRO F 120 -31.81 -48.59 -5.57
C PRO F 120 -31.92 -47.07 -5.56
N LYS F 121 -33.15 -46.59 -5.76
CA LYS F 121 -33.49 -45.17 -5.81
C LYS F 121 -33.60 -44.52 -4.43
N ALA F 122 -33.13 -45.18 -3.38
CA ALA F 122 -33.24 -44.63 -2.03
C ALA F 122 -32.24 -43.58 -1.64
N VAL F 123 -30.98 -43.74 -2.04
CA VAL F 123 -29.99 -42.75 -1.60
C VAL F 123 -30.22 -41.38 -2.25
N THR F 124 -30.29 -41.36 -3.58
CA THR F 124 -30.55 -40.14 -4.31
C THR F 124 -31.86 -39.53 -3.81
N ASP F 125 -32.75 -40.37 -3.32
CA ASP F 125 -34.05 -39.95 -2.77
C ASP F 125 -33.85 -39.10 -1.51
N ILE F 126 -33.15 -39.67 -0.53
CA ILE F 126 -32.85 -39.03 0.77
C ILE F 126 -32.05 -37.76 0.52
N LEU F 127 -31.13 -37.83 -0.46
CA LEU F 127 -30.25 -36.71 -0.83
C LEU F 127 -30.90 -35.49 -1.38
N GLU F 128 -31.95 -35.69 -2.15
CA GLU F 128 -32.66 -34.63 -2.80
C GLU F 128 -33.81 -34.09 -1.96
N GLN F 129 -34.53 -35.02 -1.35
CA GLN F 129 -35.68 -34.74 -0.52
C GLN F 129 -35.65 -33.38 0.16
N ASP F 130 -34.62 -33.13 0.97
CA ASP F 130 -34.50 -31.86 1.69
C ASP F 130 -33.26 -31.10 1.31
N ALA F 131 -32.85 -31.27 0.06
CA ALA F 131 -31.69 -30.58 -0.47
C ALA F 131 -31.85 -29.02 -0.52
N VAL F 132 -32.99 -28.54 -1.01
CA VAL F 132 -33.19 -27.09 -1.07
C VAL F 132 -33.12 -26.51 0.31
N HIS F 133 -33.62 -27.24 1.31
CA HIS F 133 -33.57 -26.77 2.70
C HIS F 133 -32.12 -26.69 3.17
N LEU F 134 -31.36 -27.73 2.87
CA LEU F 134 -29.98 -27.77 3.27
C LEU F 134 -29.16 -26.73 2.58
N CYS F 135 -29.14 -26.76 1.23
CA CYS F 135 -28.34 -25.84 0.42
C CYS F 135 -28.73 -24.40 0.39
N GLY F 136 -30.02 -24.10 0.46
CA GLY F 136 -30.41 -22.72 0.43
C GLY F 136 -30.29 -22.12 1.82
N GLY F 137 -30.50 -22.99 2.80
CA GLY F 137 -30.44 -22.61 4.19
C GLY F 137 -29.01 -22.36 4.55
N GLN F 138 -28.13 -23.12 3.92
CA GLN F 138 -26.72 -22.98 4.11
C GLN F 138 -26.31 -21.61 3.61
N ILE F 139 -26.87 -21.16 2.49
CA ILE F 139 -26.51 -19.81 1.99
C ILE F 139 -26.93 -18.71 2.96
N ARG F 140 -28.10 -18.84 3.56
CA ARG F 140 -28.52 -17.84 4.51
C ARG F 140 -27.63 -17.91 5.74
N THR F 141 -27.42 -19.11 6.29
CA THR F 141 -26.56 -19.32 7.47
C THR F 141 -25.19 -18.61 7.44
N LYS F 142 -24.49 -18.71 6.31
CA LYS F 142 -23.19 -18.12 6.15
C LYS F 142 -23.18 -16.64 5.83
N ARG F 143 -24.34 -16.07 5.53
CA ARG F 143 -24.43 -14.66 5.13
C ARG F 143 -25.19 -13.75 6.06
N SER F 144 -25.84 -14.34 7.05
CA SER F 144 -26.56 -13.58 8.05
C SER F 144 -26.09 -14.06 9.42
N ARG F 145 -26.34 -13.27 10.47
CA ARG F 145 -25.93 -13.72 11.81
C ARG F 145 -27.10 -13.78 12.77
N ALA F 146 -27.06 -14.76 13.65
CA ALA F 146 -28.13 -14.91 14.59
C ALA F 146 -27.92 -13.85 15.65
N THR F 147 -29.02 -13.27 16.13
CA THR F 147 -28.89 -12.24 17.14
C THR F 147 -29.60 -12.57 18.45
N ASN F 148 -30.28 -13.73 18.46
CA ASN F 148 -31.00 -14.21 19.64
C ASN F 148 -31.10 -15.78 19.64
N LEU F 149 -31.51 -16.44 20.75
CA LEU F 149 -31.56 -17.92 20.72
C LEU F 149 -32.36 -18.55 19.59
N ARG F 150 -33.56 -18.05 19.35
CA ARG F 150 -34.40 -18.58 18.29
C ARG F 150 -33.61 -18.59 16.98
N GLU F 151 -33.24 -17.41 16.48
CA GLU F 151 -32.46 -17.38 15.26
C GLU F 151 -31.23 -18.30 15.36
N TRP F 152 -30.56 -18.34 16.50
CA TRP F 152 -29.38 -19.18 16.61
C TRP F 152 -29.68 -20.63 16.25
N ARG F 153 -30.77 -21.13 16.83
CA ARG F 153 -31.22 -22.50 16.62
C ARG F 153 -31.62 -22.75 15.15
N ALA F 154 -32.05 -21.69 14.44
CA ALA F 154 -32.45 -21.72 13.03
C ALA F 154 -31.24 -22.03 12.19
N HIS F 155 -30.16 -21.34 12.50
CA HIS F 155 -28.93 -21.59 11.77
C HIS F 155 -28.38 -22.97 12.08
N ALA F 156 -28.22 -23.31 13.36
CA ALA F 156 -27.71 -24.62 13.72
C ALA F 156 -28.56 -25.73 13.12
N SER F 157 -29.88 -25.59 13.18
CA SER F 157 -30.78 -26.60 12.63
C SER F 157 -30.36 -27.07 11.26
N THR F 158 -29.95 -26.14 10.40
CA THR F 158 -29.55 -26.50 9.05
C THR F 158 -28.10 -26.98 8.93
N TYR F 159 -27.11 -26.16 9.29
CA TYR F 159 -25.72 -26.60 9.17
C TYR F 159 -25.35 -27.68 10.15
N GLY F 160 -26.31 -28.10 10.96
CA GLY F 160 -26.00 -29.13 11.93
C GLY F 160 -27.01 -30.24 11.88
N SER F 161 -28.21 -29.94 12.35
CA SER F 161 -29.27 -30.93 12.38
C SER F 161 -29.64 -31.46 11.02
N THR F 162 -29.98 -30.58 10.09
CA THR F 162 -30.35 -31.03 8.78
C THR F 162 -29.19 -31.77 8.13
N PHE F 163 -27.98 -31.26 8.26
CA PHE F 163 -26.79 -31.93 7.68
C PHE F 163 -26.62 -33.36 8.24
N LEU F 164 -26.58 -33.52 9.58
CA LEU F 164 -26.41 -34.86 10.15
C LEU F 164 -27.63 -35.74 9.96
N GLY F 165 -28.82 -35.12 9.96
CA GLY F 165 -30.07 -35.86 9.77
C GLY F 165 -30.03 -36.69 8.50
N ARG F 166 -29.56 -36.08 7.42
CA ARG F 166 -29.44 -36.75 6.16
C ARG F 166 -28.55 -38.02 6.24
N TYR F 167 -27.47 -37.98 7.00
CA TYR F 167 -26.64 -39.17 7.11
C TYR F 167 -27.29 -40.16 8.07
N GLY F 168 -28.10 -39.68 9.01
CA GLY F 168 -28.77 -40.62 9.88
C GLY F 168 -29.66 -41.47 8.98
N ALA F 169 -30.43 -40.79 8.16
CA ALA F 169 -31.34 -41.41 7.21
C ALA F 169 -30.63 -42.43 6.34
N LEU F 170 -29.46 -42.08 5.84
CA LEU F 170 -28.72 -42.96 4.97
C LEU F 170 -28.20 -44.13 5.74
N ALA F 171 -27.83 -43.89 7.00
CA ALA F 171 -27.32 -44.97 7.82
C ALA F 171 -28.39 -46.08 7.92
N ALA F 172 -29.64 -45.67 8.03
CA ALA F 172 -30.72 -46.62 8.17
C ALA F 172 -31.17 -47.17 6.83
N ALA F 173 -31.04 -46.35 5.77
CA ALA F 173 -31.44 -46.76 4.42
C ALA F 173 -30.46 -47.79 3.89
N CYS F 174 -29.26 -47.79 4.46
CA CYS F 174 -28.23 -48.74 4.08
C CYS F 174 -27.89 -49.76 5.19
N GLY F 175 -28.21 -49.46 6.44
CA GLY F 175 -27.87 -50.35 7.54
C GLY F 175 -28.53 -51.72 7.69
N GLY F 176 -29.09 -52.28 6.63
CA GLY F 176 -29.73 -53.58 6.75
C GLY F 176 -31.10 -53.63 7.43
N GLU F 177 -31.39 -54.77 8.04
CA GLU F 177 -32.67 -54.98 8.72
C GLU F 177 -32.62 -54.48 10.15
N GLY F 178 -33.80 -54.21 10.70
CA GLY F 178 -33.89 -53.74 12.08
C GLY F 178 -33.36 -52.34 12.33
N GLN F 179 -33.64 -51.45 11.39
CA GLN F 179 -33.21 -50.07 11.49
C GLN F 179 -34.45 -49.28 11.73
N PRO F 180 -34.52 -48.58 12.85
CA PRO F 180 -35.69 -47.78 13.19
C PRO F 180 -35.79 -46.48 12.43
N ALA F 181 -35.82 -46.56 11.09
CA ALA F 181 -35.89 -45.42 10.16
C ALA F 181 -35.88 -44.02 10.76
N ASP F 182 -37.08 -43.58 11.12
CA ASP F 182 -37.27 -42.26 11.68
C ASP F 182 -36.45 -41.99 12.91
N SER F 183 -36.28 -42.99 13.78
CA SER F 183 -35.52 -42.82 15.02
C SER F 183 -34.01 -42.60 14.80
N VAL F 184 -33.43 -43.20 13.77
CA VAL F 184 -32.01 -43.03 13.56
C VAL F 184 -31.78 -41.61 13.14
N ARG F 185 -32.73 -41.01 12.42
CA ARG F 185 -32.58 -39.61 11.98
C ARG F 185 -32.79 -38.57 13.08
N GLU F 186 -33.78 -38.82 13.92
CA GLU F 186 -34.09 -37.96 15.02
C GLU F 186 -32.90 -37.91 15.95
N PHE F 187 -32.28 -39.06 16.15
CA PHE F 187 -31.14 -39.11 17.03
C PHE F 187 -30.06 -38.25 16.47
N ALA F 188 -29.80 -38.43 15.18
CA ALA F 188 -28.78 -37.65 14.47
C ALA F 188 -29.05 -36.13 14.51
N GLU F 189 -30.30 -35.74 14.27
CA GLU F 189 -30.59 -34.32 14.30
C GLU F 189 -30.49 -33.72 15.68
N ALA F 190 -30.80 -34.48 16.70
CA ALA F 190 -30.74 -33.87 18.00
C ALA F 190 -29.33 -33.93 18.49
N PHE F 191 -28.66 -35.05 18.26
CA PHE F 191 -27.28 -35.19 18.72
C PHE F 191 -26.42 -34.11 18.12
N ALA F 192 -26.59 -33.91 16.81
CA ALA F 192 -25.85 -32.94 16.04
C ALA F 192 -25.91 -31.52 16.59
N MET F 193 -27.10 -31.10 17.00
CA MET F 193 -27.32 -29.78 17.54
C MET F 193 -26.56 -29.68 18.82
N THR F 194 -26.53 -30.75 19.62
CA THR F 194 -25.79 -30.71 20.89
C THR F 194 -24.33 -30.39 20.51
N ILE F 195 -23.80 -31.13 19.55
CA ILE F 195 -22.45 -30.96 19.06
C ILE F 195 -22.23 -29.51 18.63
N THR F 196 -23.21 -28.92 17.96
CA THR F 196 -23.11 -27.53 17.51
C THR F 196 -22.88 -26.47 18.61
N MET F 197 -23.64 -26.61 19.70
CA MET F 197 -23.56 -25.73 20.86
C MET F 197 -22.22 -25.98 21.56
N ALA F 198 -21.76 -27.23 21.59
CA ALA F 198 -20.47 -27.53 22.24
C ALA F 198 -19.39 -26.80 21.51
N ASP F 199 -19.50 -26.84 20.19
CA ASP F 199 -18.57 -26.16 19.31
C ASP F 199 -18.57 -24.63 19.55
N ASP F 200 -19.74 -24.00 19.58
CA ASP F 200 -19.83 -22.56 19.80
C ASP F 200 -19.27 -22.09 21.13
N LEU F 201 -19.55 -22.82 22.22
CA LEU F 201 -19.05 -22.42 23.53
C LEU F 201 -17.56 -22.67 23.58
N THR F 202 -17.10 -23.59 22.74
CA THR F 202 -15.68 -23.91 22.65
C THR F 202 -14.94 -22.83 21.84
N ASP F 203 -15.30 -22.67 20.57
CA ASP F 203 -14.67 -21.70 19.71
C ASP F 203 -14.70 -20.25 20.21
N TYR F 204 -15.49 -19.93 21.24
CA TYR F 204 -15.51 -18.58 21.76
C TYR F 204 -14.12 -18.24 22.24
N ASP F 205 -13.43 -19.22 22.80
CA ASP F 205 -12.09 -19.00 23.28
C ASP F 205 -11.03 -19.52 22.30
N ARG F 206 -11.21 -20.74 21.79
CA ARG F 206 -10.31 -21.39 20.80
C ARG F 206 -9.92 -20.42 19.67
N ASN F 207 -10.87 -19.59 19.23
CA ASN F 207 -10.60 -18.61 18.20
C ASN F 207 -11.38 -17.29 18.29
N GLY F 208 -11.64 -16.84 19.51
CA GLY F 208 -12.34 -15.59 19.74
C GLY F 208 -13.50 -15.21 18.84
N GLU F 209 -14.29 -16.21 18.48
CA GLU F 209 -15.44 -16.06 17.60
C GLU F 209 -16.45 -15.24 18.37
N ARG F 210 -17.15 -14.33 17.68
CA ARG F 210 -18.15 -13.46 18.31
C ARG F 210 -19.40 -13.10 17.50
N ASP F 211 -19.28 -13.03 16.18
CA ASP F 211 -20.46 -12.69 15.35
C ASP F 211 -21.52 -13.82 15.39
N GLY F 212 -22.54 -13.64 16.24
CA GLY F 212 -23.59 -14.64 16.33
C GLY F 212 -23.19 -15.97 16.94
N ASN F 213 -22.25 -15.93 17.89
CA ASN F 213 -21.77 -17.11 18.61
C ASN F 213 -22.62 -17.22 19.87
N LEU F 214 -23.02 -18.43 20.23
CA LEU F 214 -23.87 -18.68 21.39
C LEU F 214 -23.36 -18.06 22.70
N ALA F 215 -22.12 -18.42 23.03
CA ALA F 215 -21.43 -17.96 24.22
C ALA F 215 -21.54 -16.48 24.29
N HIS F 216 -21.22 -15.84 23.17
CA HIS F 216 -21.28 -14.40 23.06
C HIS F 216 -22.71 -13.92 23.18
N LEU F 217 -23.64 -14.59 22.51
CA LEU F 217 -25.06 -14.20 22.60
C LEU F 217 -25.44 -14.20 24.08
N MET F 218 -24.89 -15.15 24.83
CA MET F 218 -25.10 -15.24 26.28
C MET F 218 -24.39 -14.08 27.05
N ARG F 219 -23.08 -13.87 26.86
CA ARG F 219 -22.41 -12.79 27.58
C ARG F 219 -22.98 -11.43 27.23
N THR F 220 -23.76 -11.35 26.16
CA THR F 220 -24.38 -10.10 25.68
C THR F 220 -25.72 -9.79 26.30
N GLY F 221 -26.38 -10.83 26.78
CA GLY F 221 -27.69 -10.66 27.35
C GLY F 221 -28.72 -11.03 26.31
N ALA F 222 -28.27 -11.18 25.05
CA ALA F 222 -29.14 -11.53 23.93
C ALA F 222 -29.81 -12.90 24.08
N VAL F 223 -29.13 -13.80 24.75
CA VAL F 223 -29.65 -15.14 24.96
C VAL F 223 -29.60 -15.36 26.45
N ALA F 224 -30.70 -15.85 27.02
CA ALA F 224 -30.73 -16.11 28.45
C ALA F 224 -30.07 -17.45 28.80
N GLY F 225 -29.19 -17.43 29.79
CA GLY F 225 -28.50 -18.63 30.18
C GLY F 225 -29.39 -19.82 30.48
N GLN F 226 -30.56 -19.59 31.06
CA GLN F 226 -31.44 -20.72 31.37
C GLN F 226 -31.84 -21.45 30.10
N ASP F 227 -32.27 -20.68 29.10
CA ASP F 227 -32.71 -21.22 27.81
C ASP F 227 -31.75 -22.17 27.13
N VAL F 228 -30.46 -21.88 27.23
CA VAL F 228 -29.43 -22.74 26.66
C VAL F 228 -29.42 -24.08 27.41
N VAL F 229 -29.50 -24.01 28.74
CA VAL F 229 -29.53 -25.22 29.55
C VAL F 229 -30.79 -25.95 29.15
N ASP F 230 -31.87 -25.19 29.13
CA ASP F 230 -33.15 -25.75 28.75
C ASP F 230 -33.07 -26.51 27.41
N LEU F 231 -32.59 -25.82 26.36
CA LEU F 231 -32.45 -26.39 25.00
C LEU F 231 -31.54 -27.58 24.99
N LEU F 232 -30.45 -27.48 25.73
CA LEU F 232 -29.47 -28.54 25.87
C LEU F 232 -30.13 -29.84 26.40
N GLU F 233 -30.94 -29.67 27.45
CA GLU F 233 -31.66 -30.78 28.07
C GLU F 233 -32.68 -31.32 27.07
N GLU F 234 -33.39 -30.40 26.42
CA GLU F 234 -34.36 -30.80 25.43
C GLU F 234 -33.69 -31.72 24.43
N LEU F 235 -32.60 -31.23 23.84
CA LEU F 235 -31.82 -31.96 22.87
C LEU F 235 -31.46 -33.35 23.39
N ARG F 236 -30.98 -33.42 24.63
CA ARG F 236 -30.63 -34.69 25.28
C ARG F 236 -31.83 -35.65 25.34
N GLY F 237 -32.99 -35.09 25.68
CA GLY F 237 -34.18 -35.90 25.79
C GLY F 237 -34.52 -36.50 24.47
N ARG F 238 -34.62 -35.65 23.47
CA ARG F 238 -34.92 -36.05 22.09
C ARG F 238 -34.02 -37.16 21.65
N ALA F 239 -32.74 -36.99 21.90
CA ALA F 239 -31.79 -37.98 21.52
C ALA F 239 -32.03 -39.23 22.31
N LEU F 240 -32.23 -39.10 23.61
CA LEU F 240 -32.43 -40.31 24.42
C LEU F 240 -33.64 -41.09 23.97
N ALA F 241 -34.77 -40.42 23.81
CA ALA F 241 -36.01 -41.04 23.33
C ALA F 241 -35.79 -41.81 21.99
N ALA F 242 -35.24 -41.12 21.01
CA ALA F 242 -34.97 -41.69 19.70
C ALA F 242 -34.17 -42.96 19.85
N VAL F 243 -33.19 -42.91 20.73
CA VAL F 243 -32.32 -44.06 20.94
C VAL F 243 -32.97 -45.25 21.67
N ALA F 244 -34.05 -44.96 22.39
CA ALA F 244 -34.82 -45.97 23.15
C ALA F 244 -35.90 -46.66 22.33
N ALA F 245 -36.37 -46.01 21.25
CA ALA F 245 -37.40 -46.55 20.33
C ALA F 245 -36.92 -47.86 19.75
N PRO F 246 -37.71 -48.88 19.92
CA PRO F 246 -37.33 -50.19 19.41
C PRO F 246 -37.08 -50.24 17.88
N PRO F 247 -36.18 -51.14 17.43
CA PRO F 247 -35.38 -52.11 18.22
C PRO F 247 -34.44 -51.57 19.24
N GLY F 248 -34.22 -50.26 19.25
CA GLY F 248 -33.29 -49.71 20.24
C GLY F 248 -31.77 -49.79 20.02
N ALA F 249 -31.10 -48.81 20.58
CA ALA F 249 -29.68 -48.68 20.47
C ALA F 249 -29.28 -48.19 21.83
N PRO F 250 -29.30 -49.10 22.80
CA PRO F 250 -28.95 -48.77 24.18
C PRO F 250 -27.51 -48.28 24.33
N GLY F 251 -26.60 -48.80 23.50
CA GLY F 251 -25.21 -48.36 23.56
C GLY F 251 -24.95 -46.85 23.46
N LEU F 252 -25.84 -46.15 22.75
CA LEU F 252 -25.73 -44.72 22.54
C LEU F 252 -26.20 -43.92 23.72
N VAL F 253 -26.74 -44.56 24.75
CA VAL F 253 -27.18 -43.78 25.91
C VAL F 253 -26.00 -43.08 26.60
N PRO F 254 -24.90 -43.85 26.86
CA PRO F 254 -23.69 -43.31 27.51
C PRO F 254 -23.18 -42.17 26.60
N VAL F 255 -23.07 -42.47 25.31
CA VAL F 255 -22.65 -41.49 24.33
C VAL F 255 -23.48 -40.23 24.52
N VAL F 256 -24.82 -40.30 24.37
CA VAL F 256 -25.66 -39.10 24.49
C VAL F 256 -25.32 -38.30 25.72
N HIS F 257 -25.30 -39.02 26.84
CA HIS F 257 -25.00 -38.41 28.12
C HIS F 257 -23.64 -37.76 28.24
N LEU F 258 -22.62 -38.39 27.66
CA LEU F 258 -21.27 -37.83 27.73
C LEU F 258 -21.29 -36.44 27.12
N TYR F 259 -21.64 -36.36 25.84
CA TYR F 259 -21.72 -35.10 25.09
C TYR F 259 -22.61 -34.02 25.68
N THR F 260 -23.74 -34.38 26.28
CA THR F 260 -24.59 -33.33 26.86
C THR F 260 -24.00 -32.91 28.20
N ASP F 261 -23.50 -33.87 28.96
CA ASP F 261 -22.93 -33.55 30.25
C ASP F 261 -21.62 -32.80 30.18
N ASP F 262 -20.84 -33.05 29.13
CA ASP F 262 -19.58 -32.36 29.02
C ASP F 262 -19.82 -30.91 28.67
N VAL F 263 -20.96 -30.63 28.02
CA VAL F 263 -21.28 -29.26 27.66
C VAL F 263 -21.81 -28.54 28.88
N LEU F 264 -22.37 -29.31 29.82
CA LEU F 264 -22.92 -28.67 31.01
C LEU F 264 -21.93 -28.43 32.13
N VAL F 265 -21.04 -29.38 32.39
CA VAL F 265 -20.02 -29.18 33.44
C VAL F 265 -18.71 -28.54 32.93
N ARG F 266 -18.32 -28.78 31.67
CA ARG F 266 -17.08 -28.20 31.16
C ARG F 266 -17.17 -26.95 30.31
N LEU F 267 -18.26 -26.76 29.57
CA LEU F 267 -18.31 -25.61 28.70
C LEU F 267 -19.26 -24.52 29.07
N LEU F 268 -20.42 -24.88 29.59
CA LEU F 268 -21.39 -23.85 29.91
C LEU F 268 -21.19 -23.09 31.23
N PRO F 269 -20.34 -23.59 32.14
CA PRO F 269 -20.19 -22.83 33.38
C PRO F 269 -19.55 -21.48 33.11
N ARG F 270 -18.43 -21.53 32.41
CA ARG F 270 -17.65 -20.34 32.06
C ARG F 270 -18.57 -19.18 31.65
N HIS F 271 -19.34 -19.38 30.60
CA HIS F 271 -20.20 -18.31 30.09
C HIS F 271 -21.45 -18.09 30.87
N LEU F 272 -21.62 -18.78 31.98
CA LEU F 272 -22.83 -18.61 32.75
C LEU F 272 -22.71 -17.54 33.80
N GLY F 273 -21.72 -17.70 34.68
CA GLY F 273 -21.52 -16.75 35.77
C GLY F 273 -20.70 -15.54 35.39
N GLU F 274 -20.63 -15.24 34.09
CA GLU F 274 -19.89 -14.08 33.56
C GLU F 274 -20.76 -13.35 32.52
N ALA F 275 -22.06 -13.67 32.54
CA ALA F 275 -23.03 -13.09 31.60
C ALA F 275 -24.36 -12.71 32.25
N GLY F 276 -25.41 -12.83 31.46
CA GLY F 276 -26.75 -12.50 31.91
C GLY F 276 -27.02 -11.02 32.10
N ALA F 277 -27.84 -10.42 31.22
CA ALA F 277 -28.21 -9.01 31.30
C ALA F 277 -29.45 -8.88 32.20
N GLY F 278 -30.47 -8.12 31.77
CA GLY F 278 -31.68 -7.94 32.59
C GLY F 278 -32.82 -8.96 32.50
N ALA F 279 -32.48 -10.26 32.59
CA ALA F 279 -33.45 -11.35 32.50
C ALA F 279 -34.53 -11.36 33.60
N MET F 280 -35.04 -12.56 33.93
CA MET F 280 -36.08 -12.75 34.97
C MET F 280 -35.54 -12.35 36.36
N ALA F 281 -34.40 -11.67 36.37
CA ALA F 281 -33.73 -11.26 37.60
C ALA F 281 -34.19 -9.95 38.26
N THR F 282 -35.19 -10.07 39.12
CA THR F 282 -35.70 -8.94 39.89
C THR F 282 -35.62 -9.37 41.35
N VAL F 283 -35.35 -8.44 42.26
CA VAL F 283 -35.27 -8.81 43.65
C VAL F 283 -36.52 -8.35 44.37
N LYS F 284 -37.17 -9.28 45.05
CA LYS F 284 -38.38 -8.97 45.80
C LYS F 284 -38.05 -8.91 47.31
N PHE F 285 -38.35 -7.78 47.93
CA PHE F 285 -38.09 -7.60 49.35
C PHE F 285 -39.09 -6.66 50.02
N LYS F 286 -39.13 -6.66 51.36
CA LYS F 286 -40.02 -5.78 52.09
C LYS F 286 -39.16 -4.67 52.69
N TYR F 287 -39.39 -3.43 52.27
CA TYR F 287 -38.59 -2.31 52.76
C TYR F 287 -39.37 -1.09 53.22
N LYS F 288 -39.25 -0.80 54.52
CA LYS F 288 -39.93 0.33 55.16
C LYS F 288 -41.44 0.21 55.05
N GLY F 289 -41.96 -0.97 55.42
CA GLY F 289 -43.39 -1.22 55.37
C GLY F 289 -43.95 -1.38 53.96
N GLU F 290 -43.11 -1.26 52.95
CA GLU F 290 -43.54 -1.38 51.56
C GLU F 290 -43.16 -2.70 50.91
N GLU F 291 -43.41 -2.75 49.60
CA GLU F 291 -43.12 -3.89 48.76
C GLU F 291 -42.24 -3.38 47.64
N LYS F 292 -41.12 -4.04 47.41
CA LYS F 292 -40.25 -3.58 46.34
C LYS F 292 -39.80 -4.69 45.41
N GLU F 293 -39.37 -4.27 44.24
CA GLU F 293 -38.88 -5.17 43.23
C GLU F 293 -38.01 -4.34 42.29
N VAL F 294 -36.73 -4.66 42.30
CA VAL F 294 -35.77 -3.95 41.45
C VAL F 294 -35.10 -5.01 40.56
N ASP F 295 -34.52 -4.54 39.46
CA ASP F 295 -33.85 -5.45 38.54
C ASP F 295 -32.38 -5.49 38.90
N ILE F 296 -31.76 -6.66 38.75
CA ILE F 296 -30.36 -6.80 39.07
C ILE F 296 -29.52 -5.86 38.21
N SER F 297 -30.18 -5.24 37.24
CA SER F 297 -29.55 -4.29 36.31
C SER F 297 -29.31 -2.91 36.94
N LYS F 298 -30.07 -2.60 37.99
CA LYS F 298 -29.97 -1.32 38.68
C LYS F 298 -29.20 -1.48 40.00
N ILE F 299 -29.16 -2.71 40.51
CA ILE F 299 -28.46 -3.01 41.75
C ILE F 299 -26.98 -2.66 41.62
N LYS F 300 -26.53 -1.70 42.45
CA LYS F 300 -25.15 -1.24 42.48
C LYS F 300 -24.30 -2.11 43.39
N LYS F 301 -24.23 -1.72 44.66
CA LYS F 301 -23.45 -2.49 45.61
C LYS F 301 -24.24 -3.63 46.23
N VAL F 302 -23.57 -4.74 46.55
CA VAL F 302 -24.18 -5.90 47.17
C VAL F 302 -23.11 -6.71 47.90
N TRP F 303 -23.38 -7.00 49.17
CA TRP F 303 -22.45 -7.75 50.00
C TRP F 303 -23.21 -8.72 50.88
N ARG F 304 -22.47 -9.53 51.62
CA ARG F 304 -23.10 -10.50 52.48
C ARG F 304 -22.78 -10.30 53.96
N VAL F 305 -23.76 -10.70 54.77
CA VAL F 305 -23.74 -10.65 56.24
C VAL F 305 -24.51 -11.89 56.73
N GLY F 306 -23.77 -12.86 57.26
CA GLY F 306 -24.37 -14.08 57.77
C GLY F 306 -24.99 -14.84 56.63
N LYS F 307 -26.31 -14.89 56.61
CA LYS F 307 -27.04 -15.54 55.54
C LYS F 307 -28.01 -14.55 54.92
N MET F 308 -27.66 -13.27 55.04
CA MET F 308 -28.43 -12.17 54.49
C MET F 308 -27.60 -11.54 53.35
N ILE F 309 -28.29 -10.98 52.34
CA ILE F 309 -27.61 -10.35 51.21
C ILE F 309 -28.10 -8.91 51.26
N SER F 310 -27.24 -8.01 51.72
CA SER F 310 -27.63 -6.62 51.81
C SER F 310 -27.17 -5.99 50.50
N PHE F 311 -27.95 -5.03 49.99
CA PHE F 311 -27.61 -4.36 48.73
C PHE F 311 -28.10 -2.92 48.66
N THR F 312 -27.70 -2.24 47.58
CA THR F 312 -28.06 -0.85 47.29
C THR F 312 -28.31 -0.77 45.78
N TYR F 313 -29.45 -0.21 45.38
CA TYR F 313 -29.80 -0.09 43.97
C TYR F 313 -30.07 1.34 43.54
N ASP F 314 -30.30 1.54 42.24
CA ASP F 314 -30.63 2.87 41.72
C ASP F 314 -32.15 2.95 41.56
N GLU F 315 -32.77 3.51 42.61
CA GLU F 315 -34.22 3.65 42.73
C GLU F 315 -34.82 4.70 41.82
N GLY F 316 -34.06 5.74 41.48
CA GLY F 316 -34.59 6.77 40.62
C GLY F 316 -33.79 8.05 40.62
N GLY F 317 -33.07 8.28 39.52
CA GLY F 317 -32.25 9.46 39.40
C GLY F 317 -31.02 9.17 40.23
N GLY F 318 -30.46 10.21 40.86
CA GLY F 318 -29.29 10.02 41.70
C GLY F 318 -29.66 9.40 43.03
N LYS F 319 -30.90 8.90 43.12
CA LYS F 319 -31.45 8.28 44.34
C LYS F 319 -31.02 6.82 44.51
N THR F 320 -30.41 6.54 45.67
CA THR F 320 -29.92 5.20 45.99
C THR F 320 -30.74 4.57 47.10
N GLY F 321 -31.52 3.56 46.73
CA GLY F 321 -32.34 2.84 47.68
C GLY F 321 -31.63 1.60 48.19
N ARG F 322 -32.03 1.11 49.35
CA ARG F 322 -31.38 -0.06 49.92
C ARG F 322 -32.35 -1.20 50.08
N GLY F 323 -31.82 -2.36 50.44
CA GLY F 323 -32.64 -3.54 50.63
C GLY F 323 -31.77 -4.68 51.11
N ALA F 324 -32.39 -5.70 51.66
CA ALA F 324 -31.65 -6.85 52.17
C ALA F 324 -32.59 -8.04 52.23
N VAL F 325 -32.22 -9.14 51.56
CA VAL F 325 -33.06 -10.34 51.58
C VAL F 325 -32.28 -11.55 52.06
N SER F 326 -33.00 -12.62 52.33
CA SER F 326 -32.37 -13.85 52.76
C SER F 326 -31.63 -14.34 51.52
N GLU F 327 -30.66 -15.22 51.69
CA GLU F 327 -29.93 -15.70 50.53
C GLU F 327 -30.82 -16.70 49.83
N LYS F 328 -31.90 -17.12 50.51
CA LYS F 328 -32.86 -18.06 49.91
C LYS F 328 -33.73 -17.39 48.86
N ASP F 329 -34.35 -16.27 49.23
CA ASP F 329 -35.21 -15.51 48.31
C ASP F 329 -34.36 -14.55 47.48
N ALA F 330 -33.13 -14.97 47.16
CA ALA F 330 -32.26 -14.13 46.35
C ALA F 330 -31.98 -14.79 45.00
N PRO F 331 -32.21 -14.06 43.89
CA PRO F 331 -32.02 -14.47 42.49
C PRO F 331 -30.59 -14.88 42.16
N LYS F 332 -30.38 -16.08 41.60
CA LYS F 332 -29.03 -16.52 41.26
C LYS F 332 -28.21 -15.38 40.65
N GLU F 333 -28.89 -14.50 39.92
CA GLU F 333 -28.27 -13.37 39.25
C GLU F 333 -27.75 -12.29 40.18
N LEU F 334 -28.26 -12.28 41.40
CA LEU F 334 -27.83 -11.31 42.39
C LEU F 334 -26.69 -11.92 43.20
N LEU F 335 -26.82 -13.21 43.53
CA LEU F 335 -25.82 -13.94 44.32
C LEU F 335 -24.54 -14.03 43.51
N GLN F 336 -24.65 -13.73 42.23
CA GLN F 336 -23.50 -13.74 41.36
C GLN F 336 -22.74 -12.43 41.59
N MET F 337 -23.45 -11.31 41.60
CA MET F 337 -22.80 -10.01 41.82
C MET F 337 -21.83 -10.09 43.00
N LEU F 338 -22.19 -10.87 44.02
CA LEU F 338 -21.35 -11.07 45.21
C LEU F 338 -19.94 -11.55 44.87
N GLU F 339 -19.84 -12.48 43.93
CA GLU F 339 -18.55 -13.03 43.51
C GLU F 339 -17.67 -11.98 42.83
N LYS F 340 -18.25 -11.21 41.91
CA LYS F 340 -17.52 -10.17 41.20
C LYS F 340 -16.91 -9.24 42.26
N GLN F 341 -17.73 -8.81 43.21
CA GLN F 341 -17.28 -7.90 44.27
C GLN F 341 -16.44 -8.53 45.40
N LYS F 342 -17.03 -9.45 46.16
CA LYS F 342 -16.36 -10.09 47.29
C LYS F 342 -15.49 -11.27 46.87
N HIS G 8 43.98 8.77 23.40
CA HIS G 8 44.28 9.97 22.55
C HIS G 8 43.13 10.97 22.50
N VAL G 9 42.17 10.86 23.43
CA VAL G 9 41.00 11.73 23.45
C VAL G 9 41.37 13.21 23.59
N ASP G 10 40.82 13.95 22.62
CA ASP G 10 40.96 15.39 22.39
C ASP G 10 40.58 16.26 23.63
N ASP G 11 40.44 15.61 24.80
CA ASP G 11 40.05 16.20 26.11
C ASP G 11 41.16 16.98 26.83
N ASP G 12 41.38 18.23 26.43
CA ASP G 12 42.42 19.08 27.06
C ASP G 12 41.80 19.90 28.22
N ASP G 13 41.94 21.23 28.27
CA ASP G 13 41.32 21.99 29.38
C ASP G 13 40.77 23.37 29.07
N LYS G 14 41.64 24.35 28.84
CA LYS G 14 41.25 25.73 28.51
C LYS G 14 40.17 25.67 27.42
N MET G 15 40.32 24.62 26.60
CA MET G 15 39.46 24.28 25.46
C MET G 15 38.12 23.73 25.86
N LEU G 16 38.15 22.59 26.56
CA LEU G 16 36.92 21.97 27.06
C LEU G 16 36.06 23.04 27.72
N ALA G 17 36.73 24.07 28.20
CA ALA G 17 36.11 25.21 28.83
C ALA G 17 35.41 26.01 27.74
N ALA G 18 36.18 26.44 26.72
CA ALA G 18 35.64 27.25 25.62
C ALA G 18 34.53 26.48 24.91
N GLU G 19 34.74 25.20 24.66
CA GLU G 19 33.71 24.42 23.97
C GLU G 19 32.40 24.51 24.76
N ALA G 20 32.49 24.43 26.08
CA ALA G 20 31.30 24.51 26.89
C ALA G 20 30.73 25.92 26.74
N ALA G 21 31.59 26.91 26.85
CA ALA G 21 31.15 28.28 26.74
C ALA G 21 30.41 28.43 25.43
N ASN G 22 30.98 27.88 24.37
CA ASN G 22 30.32 28.00 23.10
C ASN G 22 28.98 27.27 23.08
N ARG G 23 28.96 26.06 23.64
CA ARG G 23 27.72 25.26 23.70
C ARG G 23 26.62 26.12 24.32
N ASP G 24 26.92 26.74 25.44
CA ASP G 24 25.91 27.56 26.10
C ASP G 24 25.41 28.78 25.40
N HIS G 25 26.30 29.50 24.76
CA HIS G 25 25.87 30.68 24.05
C HIS G 25 24.90 30.16 23.00
N VAL G 26 25.26 29.03 22.39
CA VAL G 26 24.43 28.43 21.34
C VAL G 26 23.11 27.91 21.84
N THR G 27 23.18 26.96 22.76
CA THR G 27 21.95 26.41 23.29
C THR G 27 21.03 27.53 23.87
N ARG G 28 21.63 28.55 24.48
CA ARG G 28 20.84 29.63 25.06
C ARG G 28 20.10 30.29 23.92
N CYS G 29 20.87 30.70 22.92
CA CYS G 29 20.35 31.38 21.74
C CYS G 29 19.19 30.59 21.11
N VAL G 30 19.39 29.30 20.90
CA VAL G 30 18.38 28.39 20.34
C VAL G 30 17.08 28.42 21.10
N ALA G 31 17.19 28.07 22.39
CA ALA G 31 16.08 28.01 23.33
C ALA G 31 15.22 29.26 23.36
N GLN G 32 15.87 30.41 23.36
CA GLN G 32 15.15 31.64 23.38
C GLN G 32 14.41 31.88 22.08
N THR G 33 14.69 31.12 21.04
CA THR G 33 13.96 31.33 19.79
C THR G 33 12.78 30.37 19.72
N GLY G 34 12.69 29.49 20.70
CA GLY G 34 11.58 28.54 20.71
C GLY G 34 11.91 27.11 20.27
N GLY G 35 13.22 26.80 20.21
CA GLY G 35 13.64 25.47 19.80
C GLY G 35 13.13 24.45 20.79
N SER G 36 12.95 23.22 20.34
CA SER G 36 12.44 22.16 21.19
C SER G 36 13.58 21.57 21.95
N PRO G 37 13.28 20.68 22.92
CA PRO G 37 14.29 20.01 23.73
C PRO G 37 15.20 19.19 22.82
N ASP G 38 14.68 18.74 21.67
CA ASP G 38 15.45 17.97 20.69
C ASP G 38 16.41 18.85 19.92
N LEU G 39 15.93 19.94 19.36
CA LEU G 39 16.82 20.81 18.64
C LEU G 39 17.91 21.35 19.58
N VAL G 40 17.56 21.73 20.83
CA VAL G 40 18.59 22.19 21.75
C VAL G 40 19.56 21.01 21.95
N ALA G 41 19.05 19.85 22.36
CA ALA G 41 19.91 18.69 22.51
C ALA G 41 20.79 18.42 21.29
N HIS G 42 20.24 18.65 20.10
CA HIS G 42 20.96 18.40 18.83
C HIS G 42 22.17 19.36 18.58
N THR G 43 21.94 20.66 18.67
CA THR G 43 23.02 21.61 18.46
C THR G 43 24.09 21.38 19.51
N ALA G 44 23.67 21.07 20.72
CA ALA G 44 24.58 20.80 21.84
C ALA G 44 25.54 19.60 21.58
N ALA G 45 25.02 18.58 20.90
CA ALA G 45 25.82 17.43 20.63
C ALA G 45 26.83 17.66 19.54
N LEU G 46 26.79 18.83 18.92
CA LEU G 46 27.70 19.18 17.82
C LEU G 46 29.06 19.67 18.31
N ARG G 47 29.74 18.81 19.09
CA ARG G 47 31.03 19.15 19.72
C ARG G 47 32.17 19.79 18.92
N LEU G 48 32.61 19.15 17.84
CA LEU G 48 33.69 19.72 17.04
C LEU G 48 33.30 21.10 16.53
N TYR G 49 32.08 21.23 16.01
CA TYR G 49 31.65 22.51 15.54
C TYR G 49 31.71 23.56 16.67
N LEU G 50 31.32 23.14 17.88
CA LEU G 50 31.34 24.01 18.99
C LEU G 50 32.75 24.22 19.49
N ARG G 51 33.69 23.42 19.05
CA ARG G 51 35.04 23.57 19.55
C ARG G 51 36.07 24.08 18.55
N VAL G 52 35.72 23.98 17.30
CA VAL G 52 36.65 24.41 16.28
C VAL G 52 36.94 25.93 16.39
N PRO G 53 35.95 26.72 16.84
CA PRO G 53 36.19 28.16 16.94
C PRO G 53 37.25 28.49 17.97
N HIS G 54 37.54 27.54 18.85
CA HIS G 54 38.56 27.77 19.87
C HIS G 54 39.92 27.81 19.23
N PHE G 55 40.17 26.85 18.34
CA PHE G 55 41.45 26.81 17.62
C PHE G 55 41.51 27.98 16.63
N LEU G 56 40.42 28.31 15.96
CA LEU G 56 40.47 29.41 15.02
C LEU G 56 40.83 30.71 15.73
N THR G 57 40.62 30.77 17.04
CA THR G 57 40.92 32.00 17.78
C THR G 57 42.19 32.02 18.60
N GLU G 58 43.08 31.06 18.36
CA GLU G 58 44.35 30.93 19.07
C GLU G 58 45.27 32.18 19.03
N TRP G 59 45.30 32.87 17.88
CA TRP G 59 46.09 34.09 17.68
C TRP G 59 45.57 35.31 18.44
N THR G 60 44.31 35.30 18.82
CA THR G 60 43.74 36.44 19.56
C THR G 60 44.22 36.44 21.01
N THR G 61 45.03 37.45 21.35
CA THR G 61 45.62 37.60 22.66
C THR G 61 44.67 37.88 23.83
N ASP G 62 43.94 38.98 23.71
CA ASP G 62 43.02 39.39 24.76
C ASP G 62 42.04 38.28 25.05
N PRO G 63 42.04 37.78 26.28
CA PRO G 63 41.13 36.70 26.68
C PRO G 63 39.63 36.98 26.49
N ASP G 64 39.24 38.23 26.74
CA ASP G 64 37.85 38.63 26.60
C ASP G 64 37.39 38.72 25.15
N ARG G 65 38.15 39.41 24.29
CA ARG G 65 37.82 39.48 22.86
C ARG G 65 37.76 38.02 22.29
N ARG G 66 38.76 37.20 22.64
CA ARG G 66 38.85 35.78 22.25
C ARG G 66 37.45 35.17 22.44
N ALA G 67 37.12 34.89 23.71
CA ALA G 67 35.86 34.32 24.11
C ALA G 67 34.68 34.81 23.26
N ALA G 68 34.62 36.12 23.05
CA ALA G 68 33.55 36.73 22.30
C ALA G 68 33.59 36.35 20.84
N VAL G 69 34.77 36.27 20.21
CA VAL G 69 34.81 35.85 18.79
C VAL G 69 34.52 34.33 18.69
N SER G 70 35.02 33.56 19.65
CA SER G 70 34.85 32.11 19.67
C SER G 70 33.38 31.80 19.66
N ARG G 71 32.59 32.41 20.51
CA ARG G 71 31.18 32.08 20.49
C ARG G 71 30.42 32.69 19.31
N ALA G 72 30.86 33.83 18.79
CA ALA G 72 30.15 34.38 17.65
C ALA G 72 30.32 33.39 16.51
N LEU G 73 31.55 32.94 16.28
CA LEU G 73 31.77 31.98 15.23
C LEU G 73 30.98 30.68 15.45
N ALA G 74 30.89 30.18 16.68
CA ALA G 74 30.14 28.93 16.95
C ALA G 74 28.66 29.09 16.53
N LEU G 75 28.12 30.30 16.69
CA LEU G 75 26.76 30.55 16.29
C LEU G 75 26.62 30.34 14.81
N ASP G 76 27.42 31.02 14.01
CA ASP G 76 27.25 30.83 12.59
C ASP G 76 27.66 29.46 12.06
N ILE G 77 28.61 28.81 12.71
CA ILE G 77 29.02 27.49 12.27
C ILE G 77 27.86 26.56 12.57
N VAL G 78 27.37 26.55 13.81
CA VAL G 78 26.24 25.68 14.10
C VAL G 78 25.09 26.01 13.13
N SER G 79 24.87 27.29 12.84
CA SER G 79 23.79 27.70 11.94
C SER G 79 23.83 27.02 10.58
N MET G 80 25.00 27.05 9.96
CA MET G 80 25.20 26.46 8.64
C MET G 80 25.12 24.92 8.69
N LYS G 81 25.30 24.36 9.88
CA LYS G 81 25.20 22.93 10.03
C LYS G 81 23.71 22.70 10.05
N LEU G 82 22.97 23.61 10.70
CA LEU G 82 21.51 23.50 10.72
C LEU G 82 20.93 23.62 9.28
N LEU G 83 21.48 24.48 8.43
CA LEU G 83 21.02 24.56 7.05
C LEU G 83 21.42 23.26 6.30
N ASP G 84 22.62 22.76 6.49
CA ASP G 84 22.98 21.52 5.81
C ASP G 84 21.92 20.50 6.19
N ASP G 85 21.64 20.43 7.50
CA ASP G 85 20.68 19.52 8.09
C ASP G 85 19.29 19.62 7.45
N LEU G 86 18.91 20.86 7.20
CA LEU G 86 17.64 21.19 6.62
C LEU G 86 17.58 20.81 5.13
N MET G 87 18.70 20.64 4.46
CA MET G 87 18.60 20.25 3.06
C MET G 87 18.66 18.75 2.91
N ASP G 88 19.12 18.05 3.95
CA ASP G 88 19.19 16.59 3.93
C ASP G 88 17.87 16.00 4.45
N ASP G 89 17.18 16.76 5.30
CA ASP G 89 15.88 16.34 5.81
C ASP G 89 15.86 14.93 6.40
N ASP G 90 16.98 14.51 6.98
CA ASP G 90 17.09 13.18 7.54
C ASP G 90 17.29 13.14 9.05
N THR G 91 17.12 14.31 9.66
CA THR G 91 17.25 14.54 11.10
C THR G 91 16.01 14.17 11.94
N GLY G 92 14.85 14.18 11.31
CA GLY G 92 13.63 13.86 12.02
C GLY G 92 13.21 15.03 12.88
N LEU G 93 13.87 16.17 12.64
CA LEU G 93 13.57 17.40 13.33
C LEU G 93 12.54 18.18 12.52
N ASP G 94 11.74 19.02 13.18
CA ASP G 94 10.71 19.81 12.49
C ASP G 94 11.38 20.75 11.50
N ARG G 95 11.17 20.53 10.22
CA ARG G 95 11.79 21.39 9.23
C ARG G 95 11.57 22.84 9.59
N VAL G 96 10.42 23.15 10.17
CA VAL G 96 10.15 24.53 10.57
C VAL G 96 11.09 25.08 11.71
N GLU G 97 11.34 24.31 12.77
CA GLU G 97 12.27 24.77 13.83
C GLU G 97 13.62 24.99 13.21
N LEU G 98 14.05 23.99 12.46
CA LEU G 98 15.32 24.03 11.81
C LEU G 98 15.57 25.30 10.97
N ALA G 99 14.65 25.62 10.06
CA ALA G 99 14.78 26.78 9.21
C ALA G 99 14.83 28.01 10.08
N CYS G 100 13.91 28.08 11.01
CA CYS G 100 13.85 29.21 11.89
C CYS G 100 15.00 29.40 12.83
N VAL G 101 15.43 28.36 13.51
CA VAL G 101 16.59 28.56 14.37
C VAL G 101 17.80 28.87 13.51
N CYS G 102 17.98 28.16 12.40
CA CYS G 102 19.08 28.43 11.50
C CYS G 102 19.19 29.93 11.20
N LEU G 103 18.15 30.53 10.63
CA LEU G 103 18.18 31.97 10.34
C LEU G 103 18.46 32.86 11.59
N ARG G 104 17.88 32.53 12.73
CA ARG G 104 18.12 33.31 13.93
C ARG G 104 19.59 33.23 14.41
N LEU G 105 20.16 32.04 14.55
CA LEU G 105 21.54 32.03 14.99
C LEU G 105 22.40 32.78 13.98
N HIS G 106 22.18 32.54 12.70
CA HIS G 106 22.98 33.23 11.68
C HIS G 106 22.86 34.73 11.82
N LEU G 107 21.64 35.21 11.98
CA LEU G 107 21.46 36.63 12.11
C LEU G 107 22.19 37.14 13.36
N ARG G 108 22.19 36.34 14.42
CA ARG G 108 22.83 36.78 15.64
C ARG G 108 24.31 36.92 15.48
N ALA G 109 24.93 35.89 14.95
CA ALA G 109 26.35 35.89 14.75
C ALA G 109 26.81 37.04 13.83
N LEU G 110 26.11 37.31 12.73
CA LEU G 110 26.57 38.41 11.89
C LEU G 110 26.65 39.68 12.76
N HIS G 111 25.72 39.82 13.71
CA HIS G 111 25.69 40.99 14.59
C HIS G 111 26.85 40.95 15.57
N GLU G 112 27.02 39.81 16.26
CA GLU G 112 28.13 39.66 17.19
C GLU G 112 29.48 39.88 16.47
N LEU G 113 29.67 39.20 15.34
CA LEU G 113 30.90 39.36 14.56
C LEU G 113 31.10 40.79 14.04
N GLU G 114 30.09 41.39 13.41
CA GLU G 114 30.26 42.75 12.90
C GLU G 114 30.63 43.77 13.99
N SER G 115 30.19 43.47 15.21
CA SER G 115 30.46 44.35 16.33
C SER G 115 31.87 44.10 16.91
N LEU G 116 32.54 43.05 16.45
CA LEU G 116 33.87 42.77 16.96
C LEU G 116 34.97 43.13 15.97
N ALA G 117 34.63 43.08 14.70
CA ALA G 117 35.61 43.38 13.66
C ALA G 117 36.08 44.81 13.71
N ARG G 118 37.35 45.03 13.34
CA ARG G 118 37.91 46.38 13.35
C ARG G 118 37.11 47.21 12.34
N ASP G 119 36.72 46.54 11.26
CA ASP G 119 35.94 47.15 10.20
C ASP G 119 34.80 46.20 9.91
N PRO G 120 33.55 46.65 10.15
CA PRO G 120 32.32 45.87 9.95
C PRO G 120 32.12 45.29 8.56
N LYS G 121 32.40 46.11 7.55
CA LYS G 121 32.25 45.68 6.18
C LYS G 121 33.08 44.45 5.85
N ALA G 122 34.01 44.11 6.71
CA ALA G 122 34.89 42.95 6.51
C ALA G 122 34.16 41.62 6.63
N VAL G 123 33.15 41.58 7.48
CA VAL G 123 32.46 40.33 7.63
C VAL G 123 31.67 40.00 6.38
N THR G 124 30.84 40.94 5.89
CA THR G 124 30.07 40.63 4.69
C THR G 124 31.03 40.48 3.53
N ASP G 125 32.16 41.19 3.63
CA ASP G 125 33.15 41.09 2.58
C ASP G 125 33.60 39.65 2.51
N ILE G 126 33.99 39.09 3.63
CA ILE G 126 34.46 37.75 3.58
C ILE G 126 33.38 36.76 3.18
N LEU G 127 32.18 36.94 3.72
CA LEU G 127 31.11 35.96 3.44
C LEU G 127 30.79 35.82 1.98
N GLU G 128 30.82 36.96 1.28
CA GLU G 128 30.49 37.07 -0.13
C GLU G 128 31.62 36.73 -1.05
N GLN G 129 32.80 37.18 -0.66
CA GLN G 129 33.96 36.97 -1.49
C GLN G 129 34.08 35.57 -2.07
N ASP G 130 34.01 34.52 -1.26
CA ASP G 130 34.12 33.14 -1.78
C ASP G 130 32.75 32.45 -1.80
N ALA G 131 31.68 33.21 -1.55
CA ALA G 131 30.33 32.69 -1.49
C ALA G 131 29.85 31.78 -2.64
N VAL G 132 29.97 32.25 -3.89
CA VAL G 132 29.49 31.42 -4.99
C VAL G 132 30.28 30.14 -5.07
N HIS G 133 31.58 30.20 -4.77
CA HIS G 133 32.38 28.99 -4.78
C HIS G 133 31.88 27.97 -3.67
N LEU G 134 31.54 28.47 -2.49
CA LEU G 134 31.08 27.61 -1.43
C LEU G 134 29.69 27.07 -1.67
N CYS G 135 28.78 27.94 -2.11
CA CYS G 135 27.39 27.58 -2.33
C CYS G 135 27.15 26.74 -3.53
N GLY G 136 27.78 27.11 -4.63
CA GLY G 136 27.66 26.34 -5.85
C GLY G 136 28.41 25.05 -5.67
N GLY G 137 29.52 25.07 -4.94
CA GLY G 137 30.29 23.85 -4.72
C GLY G 137 29.55 22.86 -3.83
N GLN G 138 28.95 23.37 -2.76
CA GLN G 138 28.20 22.53 -1.88
C GLN G 138 27.17 21.75 -2.72
N ILE G 139 26.58 22.37 -3.74
CA ILE G 139 25.62 21.64 -4.57
C ILE G 139 26.30 20.47 -5.27
N ARG G 140 27.28 20.76 -6.10
CA ARG G 140 28.01 19.73 -6.84
C ARG G 140 28.42 18.53 -5.97
N THR G 141 28.95 18.82 -4.78
CA THR G 141 29.39 17.81 -3.83
C THR G 141 28.26 16.89 -3.36
N LYS G 142 27.15 17.51 -2.98
CA LYS G 142 25.98 16.81 -2.50
C LYS G 142 25.35 16.00 -3.61
N ARG G 143 25.61 16.40 -4.86
CA ARG G 143 25.01 15.70 -6.00
C ARG G 143 25.97 14.89 -6.89
N SER G 144 27.23 14.81 -6.47
CA SER G 144 28.24 14.07 -7.18
C SER G 144 28.83 12.98 -6.29
N ARG G 145 29.60 12.10 -6.93
CA ARG G 145 30.21 10.97 -6.27
C ARG G 145 31.69 11.02 -6.45
N ALA G 146 32.41 10.81 -5.35
CA ALA G 146 33.87 10.79 -5.38
C ALA G 146 34.36 9.37 -5.68
N THR G 147 35.03 9.24 -6.81
CA THR G 147 35.51 7.94 -7.26
C THR G 147 37.01 7.63 -7.16
N ASN G 148 37.75 8.58 -6.58
CA ASN G 148 39.18 8.45 -6.38
C ASN G 148 39.67 9.54 -5.39
N LEU G 149 40.94 9.53 -5.03
CA LEU G 149 41.43 10.54 -4.07
C LEU G 149 41.29 11.95 -4.57
N ARG G 150 41.68 12.16 -5.82
CA ARG G 150 41.65 13.49 -6.48
C ARG G 150 40.26 14.09 -6.33
N GLU G 151 39.26 13.31 -6.66
CA GLU G 151 37.89 13.74 -6.52
C GLU G 151 37.57 13.78 -5.06
N TRP G 152 38.00 12.78 -4.28
CA TRP G 152 37.72 12.82 -2.86
C TRP G 152 38.12 14.19 -2.28
N ARG G 153 39.28 14.71 -2.72
CA ARG G 153 39.76 16.00 -2.25
C ARG G 153 38.89 17.14 -2.72
N ALA G 154 38.56 17.15 -4.00
CA ALA G 154 37.71 18.19 -4.57
C ALA G 154 36.43 18.39 -3.78
N HIS G 155 35.92 17.32 -3.19
CA HIS G 155 34.71 17.40 -2.41
C HIS G 155 35.03 17.88 -1.02
N ALA G 156 36.05 17.32 -0.41
CA ALA G 156 36.42 17.72 0.93
C ALA G 156 36.78 19.18 0.91
N SER G 157 37.51 19.56 -0.13
CA SER G 157 37.96 20.94 -0.33
C SER G 157 36.84 21.96 -0.13
N THR G 158 35.63 21.63 -0.56
CA THR G 158 34.54 22.58 -0.39
C THR G 158 33.67 22.41 0.86
N TYR G 159 33.12 21.25 1.17
CA TYR G 159 32.32 21.24 2.40
C TYR G 159 33.15 21.26 3.72
N GLY G 160 34.48 21.23 3.60
CA GLY G 160 35.31 21.23 4.79
C GLY G 160 36.38 22.29 4.78
N SER G 161 37.19 22.33 3.73
CA SER G 161 38.26 23.32 3.62
C SER G 161 37.73 24.73 3.40
N THR G 162 36.99 24.90 2.32
CA THR G 162 36.41 26.18 1.99
C THR G 162 35.48 26.66 3.10
N PHE G 163 34.75 25.74 3.71
CA PHE G 163 33.83 26.10 4.76
C PHE G 163 34.49 26.64 6.04
N LEU G 164 35.41 25.90 6.63
CA LEU G 164 36.04 26.38 7.84
C LEU G 164 37.06 27.45 7.47
N GLY G 165 37.53 27.41 6.22
CA GLY G 165 38.47 28.40 5.73
C GLY G 165 37.94 29.81 5.95
N ARG G 166 36.69 30.05 5.55
CA ARG G 166 36.03 31.36 5.73
C ARG G 166 35.80 31.76 7.22
N TYR G 167 35.59 30.81 8.12
CA TYR G 167 35.44 31.17 9.53
C TYR G 167 36.86 31.45 10.05
N GLY G 168 37.86 30.93 9.38
CA GLY G 168 39.19 31.20 9.86
C GLY G 168 39.48 32.66 9.58
N ALA G 169 39.10 33.07 8.38
CA ALA G 169 39.30 34.43 7.90
C ALA G 169 38.50 35.47 8.70
N LEU G 170 37.43 35.01 9.33
CA LEU G 170 36.60 35.87 10.13
C LEU G 170 37.19 35.92 11.52
N ALA G 171 37.89 34.87 11.92
CA ALA G 171 38.48 34.89 13.26
C ALA G 171 39.60 35.95 13.27
N ALA G 172 40.29 36.10 12.14
CA ALA G 172 41.36 37.08 12.00
C ALA G 172 40.77 38.46 11.85
N ALA G 173 39.64 38.56 11.18
CA ALA G 173 39.00 39.86 11.00
C ALA G 173 38.43 40.45 12.29
N CYS G 174 37.99 39.59 13.19
CA CYS G 174 37.41 40.03 14.44
C CYS G 174 38.36 39.92 15.60
N GLY G 175 39.49 39.26 15.35
CA GLY G 175 40.44 39.07 16.42
C GLY G 175 41.44 40.16 16.71
N GLY G 176 41.06 41.42 16.56
CA GLY G 176 42.02 42.47 16.85
C GLY G 176 43.33 42.26 16.08
N GLU G 177 44.28 43.14 16.31
CA GLU G 177 45.51 43.04 15.56
C GLU G 177 46.47 41.94 15.87
N GLY G 178 47.51 41.95 15.04
CA GLY G 178 48.59 40.98 15.15
C GLY G 178 48.06 39.63 14.79
N GLN G 179 47.45 39.54 13.61
CA GLN G 179 46.91 38.26 13.18
C GLN G 179 47.17 38.13 11.67
N PRO G 180 48.00 37.15 11.24
CA PRO G 180 48.35 36.88 9.83
C PRO G 180 47.15 36.25 9.17
N ALA G 181 46.15 37.09 8.87
CA ALA G 181 44.89 36.66 8.27
C ALA G 181 44.98 35.49 7.29
N ASP G 182 46.03 35.44 6.48
CA ASP G 182 46.20 34.37 5.49
C ASP G 182 46.53 33.08 6.19
N SER G 183 47.37 33.17 7.20
CA SER G 183 47.81 31.98 7.92
C SER G 183 46.68 31.30 8.73
N VAL G 184 45.82 32.12 9.34
CA VAL G 184 44.69 31.59 10.11
C VAL G 184 43.82 30.81 9.12
N ARG G 185 43.73 31.30 7.89
CA ARG G 185 42.92 30.61 6.90
C ARG G 185 43.60 29.31 6.52
N GLU G 186 44.91 29.39 6.24
CA GLU G 186 45.66 28.20 5.85
C GLU G 186 45.53 27.16 6.92
N PHE G 187 45.64 27.60 8.17
CA PHE G 187 45.50 26.66 9.27
C PHE G 187 44.18 25.98 9.17
N ALA G 188 43.12 26.79 9.17
CA ALA G 188 41.72 26.35 9.10
C ALA G 188 41.42 25.44 7.91
N GLU G 189 41.93 25.83 6.73
CA GLU G 189 41.69 25.04 5.52
C GLU G 189 42.35 23.69 5.56
N ALA G 190 43.57 23.61 6.06
CA ALA G 190 44.24 22.33 6.13
C ALA G 190 43.66 21.50 7.26
N PHE G 191 43.51 22.13 8.42
CA PHE G 191 42.98 21.46 9.59
C PHE G 191 41.63 20.86 9.26
N ALA G 192 40.78 21.66 8.62
CA ALA G 192 39.44 21.24 8.22
C ALA G 192 39.47 19.88 7.55
N MET G 193 40.38 19.75 6.60
CA MET G 193 40.54 18.52 5.84
C MET G 193 41.00 17.32 6.65
N THR G 194 41.89 17.52 7.61
CA THR G 194 42.36 16.42 8.46
C THR G 194 41.13 15.93 9.22
N ILE G 195 40.26 16.88 9.57
CA ILE G 195 38.99 16.62 10.27
C ILE G 195 38.13 15.69 9.40
N THR G 196 38.02 16.02 8.12
CA THR G 196 37.24 15.26 7.17
C THR G 196 37.72 13.80 7.05
N MET G 197 39.00 13.59 6.72
CA MET G 197 39.56 12.24 6.60
C MET G 197 39.24 11.42 7.82
N ALA G 198 39.53 12.00 8.98
CA ALA G 198 39.29 11.36 10.25
C ALA G 198 37.83 10.95 10.31
N ASP G 199 36.98 11.84 9.86
CA ASP G 199 35.55 11.61 9.83
C ASP G 199 35.18 10.42 8.96
N ASP G 200 35.61 10.45 7.70
CA ASP G 200 35.34 9.43 6.72
C ASP G 200 35.85 8.06 7.18
N LEU G 201 36.98 8.02 7.86
CA LEU G 201 37.51 6.74 8.33
C LEU G 201 36.72 6.23 9.53
N THR G 202 35.95 7.11 10.13
CA THR G 202 35.13 6.72 11.27
C THR G 202 33.75 6.24 10.87
N ASP G 203 33.09 7.12 10.11
CA ASP G 203 31.76 6.93 9.55
C ASP G 203 31.65 5.63 8.78
N TYR G 204 32.76 5.10 8.28
CA TYR G 204 32.72 3.84 7.55
C TYR G 204 32.27 2.69 8.45
N ASP G 205 32.60 2.75 9.74
CA ASP G 205 32.22 1.70 10.67
C ASP G 205 31.02 2.15 11.49
N ARG G 206 31.03 3.39 11.94
CA ARG G 206 29.90 3.90 12.71
C ARG G 206 28.56 3.71 11.98
N ASN G 207 28.50 3.92 10.68
CA ASN G 207 27.23 3.73 9.99
C ASN G 207 27.28 3.19 8.56
N GLY G 208 28.32 2.40 8.29
CA GLY G 208 28.52 1.77 6.99
C GLY G 208 28.55 2.62 5.73
N GLU G 209 29.00 3.86 5.84
CA GLU G 209 29.06 4.77 4.70
C GLU G 209 29.87 4.10 3.61
N ARG G 210 29.54 4.31 2.34
CA ARG G 210 30.33 3.71 1.30
C ARG G 210 30.44 4.58 0.07
N ASP G 211 29.37 5.20 -0.36
CA ASP G 211 29.51 6.01 -1.56
C ASP G 211 30.40 7.22 -1.43
N GLY G 212 31.53 7.16 -2.12
CA GLY G 212 32.48 8.26 -2.11
C GLY G 212 33.16 8.49 -0.78
N ASN G 213 33.22 7.44 0.04
CA ASN G 213 33.83 7.50 1.35
C ASN G 213 35.20 6.92 1.27
N LEU G 214 36.19 7.71 1.71
CA LEU G 214 37.62 7.38 1.69
C LEU G 214 38.01 5.97 2.11
N ALA G 215 37.66 5.58 3.33
CA ALA G 215 37.95 4.24 3.86
C ALA G 215 37.45 3.17 2.90
N HIS G 216 36.33 3.46 2.24
CA HIS G 216 35.75 2.56 1.28
C HIS G 216 36.57 2.62 0.00
N LEU G 217 36.82 3.80 -0.55
CA LEU G 217 37.62 3.91 -1.77
C LEU G 217 38.96 3.19 -1.59
N MET G 218 39.46 3.16 -0.36
CA MET G 218 40.69 2.45 -0.03
C MET G 218 40.46 0.93 -0.24
N ARG G 219 39.56 0.35 0.54
CA ARG G 219 39.22 -1.06 0.40
C ARG G 219 38.93 -1.46 -1.07
N THR G 220 38.22 -0.60 -1.80
CA THR G 220 37.89 -0.77 -3.22
C THR G 220 39.14 -0.92 -4.04
N GLY G 221 40.17 -0.18 -3.68
CA GLY G 221 41.38 -0.22 -4.46
C GLY G 221 41.49 1.07 -5.27
N ALA G 222 40.38 1.80 -5.43
CA ALA G 222 40.43 3.05 -6.16
C ALA G 222 41.31 4.14 -5.49
N VAL G 223 41.75 3.93 -4.24
CA VAL G 223 42.63 4.87 -3.53
C VAL G 223 43.72 4.06 -2.86
N ALA G 224 44.97 4.45 -3.11
CA ALA G 224 46.12 3.75 -2.54
C ALA G 224 46.34 4.14 -1.09
N GLY G 225 46.67 3.16 -0.26
CA GLY G 225 46.90 3.47 1.14
C GLY G 225 48.08 4.43 1.35
N GLN G 226 49.07 4.37 0.47
CA GLN G 226 50.18 5.26 0.66
C GLN G 226 49.78 6.71 0.39
N ASP G 227 48.95 6.92 -0.63
CA ASP G 227 48.51 8.26 -1.01
C ASP G 227 47.71 8.93 0.07
N VAL G 228 47.12 8.13 0.94
CA VAL G 228 46.35 8.64 2.05
C VAL G 228 47.24 9.09 3.20
N VAL G 229 48.22 8.26 3.49
CA VAL G 229 49.17 8.55 4.52
C VAL G 229 49.91 9.81 4.10
N ASP G 230 50.17 9.98 2.80
CA ASP G 230 50.85 11.17 2.25
C ASP G 230 49.98 12.42 2.24
N LEU G 231 48.67 12.25 2.04
CA LEU G 231 47.74 13.37 2.06
C LEU G 231 47.63 13.90 3.48
N LEU G 232 47.54 12.95 4.39
CA LEU G 232 47.41 13.26 5.79
C LEU G 232 48.66 13.97 6.29
N GLU G 233 49.83 13.51 5.86
CA GLU G 233 51.08 14.11 6.29
C GLU G 233 51.17 15.48 5.73
N GLU G 234 50.74 15.66 4.49
CA GLU G 234 50.80 16.97 3.85
C GLU G 234 49.95 17.98 4.56
N LEU G 235 48.76 17.54 4.94
CA LEU G 235 47.86 18.42 5.64
C LEU G 235 48.51 18.84 6.94
N ARG G 236 49.06 17.89 7.68
CA ARG G 236 49.71 18.19 8.95
C ARG G 236 50.82 19.18 8.74
N GLY G 237 51.45 19.12 7.58
CA GLY G 237 52.56 20.01 7.30
C GLY G 237 52.05 21.41 7.07
N ARG G 238 51.01 21.52 6.25
CA ARG G 238 50.42 22.79 5.93
C ARG G 238 49.93 23.49 7.17
N ALA G 239 49.47 22.72 8.14
CA ALA G 239 48.93 23.31 9.36
C ALA G 239 50.05 23.81 10.22
N LEU G 240 50.94 22.90 10.60
CA LEU G 240 52.08 23.26 11.43
C LEU G 240 52.73 24.56 10.92
N ALA G 241 52.94 24.61 9.62
CA ALA G 241 53.54 25.77 9.00
C ALA G 241 52.78 27.06 9.24
N ALA G 242 51.46 27.01 9.14
CA ALA G 242 50.65 28.21 9.32
C ALA G 242 50.65 28.68 10.78
N VAL G 243 50.68 27.72 11.70
CA VAL G 243 50.67 28.03 13.11
C VAL G 243 51.97 28.72 13.43
N ALA G 244 53.02 28.35 12.67
CA ALA G 244 54.41 28.85 12.82
C ALA G 244 54.73 30.24 12.22
N ALA G 245 53.99 30.64 11.19
CA ALA G 245 54.20 31.94 10.59
C ALA G 245 53.86 32.97 11.66
N PRO G 246 54.78 33.92 11.85
CA PRO G 246 54.78 35.05 12.78
C PRO G 246 53.57 35.94 12.63
N PRO G 247 53.05 36.41 13.75
CA PRO G 247 53.57 36.14 15.09
C PRO G 247 53.55 34.70 15.56
N GLY G 248 52.73 33.86 14.94
CA GLY G 248 52.69 32.46 15.38
C GLY G 248 51.69 32.17 16.50
N ALA G 249 51.22 30.93 16.53
CA ALA G 249 50.26 30.44 17.52
C ALA G 249 50.75 29.08 17.97
N PRO G 250 51.95 29.03 18.61
CA PRO G 250 52.49 27.74 19.05
C PRO G 250 51.60 26.88 19.92
N GLY G 251 50.43 27.40 20.28
CA GLY G 251 49.51 26.62 21.11
C GLY G 251 48.73 25.57 20.32
N LEU G 252 48.67 25.76 19.01
CA LEU G 252 47.97 24.84 18.14
C LEU G 252 48.84 23.66 17.69
N VAL G 253 50.14 23.74 17.93
CA VAL G 253 50.98 22.63 17.50
C VAL G 253 50.53 21.32 18.10
N PRO G 254 50.34 21.22 19.45
CA PRO G 254 49.89 19.99 20.14
C PRO G 254 48.54 19.57 19.57
N VAL G 255 47.76 20.58 19.20
CA VAL G 255 46.45 20.41 18.60
C VAL G 255 46.61 19.75 17.23
N VAL G 256 47.31 20.41 16.30
CA VAL G 256 47.52 19.80 14.99
C VAL G 256 48.04 18.38 15.12
N HIS G 257 48.99 18.11 16.01
CA HIS G 257 49.51 16.76 16.15
C HIS G 257 48.57 15.78 16.74
N LEU G 258 47.77 16.24 17.70
CA LEU G 258 46.74 15.45 18.42
C LEU G 258 45.66 14.86 17.46
N TYR G 259 45.23 15.68 16.50
CA TYR G 259 44.23 15.27 15.52
C TYR G 259 44.80 14.50 14.34
N THR G 260 46.11 14.62 14.10
CA THR G 260 46.70 13.87 13.02
C THR G 260 47.16 12.54 13.56
N ASP G 261 47.65 12.52 14.81
CA ASP G 261 48.11 11.26 15.41
C ASP G 261 46.91 10.38 15.60
N ASP G 262 45.80 10.99 16.01
CA ASP G 262 44.59 10.19 16.23
C ASP G 262 44.21 9.42 14.94
N VAL G 263 44.25 10.07 13.80
CA VAL G 263 43.93 9.37 12.59
C VAL G 263 44.98 8.29 12.41
N LEU G 264 46.25 8.65 12.55
CA LEU G 264 47.34 7.69 12.39
C LEU G 264 47.26 6.42 13.24
N VAL G 265 47.03 6.59 14.52
CA VAL G 265 47.01 5.46 15.44
C VAL G 265 45.73 4.66 15.57
N ARG G 266 44.60 5.36 15.59
CA ARG G 266 43.25 4.79 15.78
C ARG G 266 42.43 4.39 14.52
N LEU G 267 42.27 5.33 13.60
CA LEU G 267 41.46 5.11 12.41
C LEU G 267 42.14 4.66 11.12
N LEU G 268 43.39 5.03 10.91
CA LEU G 268 44.01 4.65 9.67
C LEU G 268 44.44 3.20 9.55
N PRO G 269 44.92 2.58 10.62
CA PRO G 269 45.36 1.18 10.53
C PRO G 269 44.29 0.19 10.07
N ARG G 270 43.12 0.31 10.67
CA ARG G 270 41.98 -0.54 10.36
C ARG G 270 41.85 -0.76 8.84
N HIS G 271 41.85 0.35 8.10
CA HIS G 271 41.68 0.33 6.65
C HIS G 271 42.98 0.25 5.89
N LEU G 272 44.08 0.62 6.53
CA LEU G 272 45.38 0.61 5.89
C LEU G 272 45.74 -0.81 5.65
N GLY G 273 45.22 -1.69 6.47
CA GLY G 273 45.48 -3.09 6.24
C GLY G 273 44.93 -3.36 4.83
N GLU G 274 43.63 -3.63 4.76
CA GLU G 274 42.93 -3.91 3.51
C GLU G 274 42.80 -2.72 2.52
N ASP H 10 1.03 54.95 -16.60
CA ASP H 10 2.41 55.09 -17.13
C ASP H 10 3.51 54.75 -16.08
N ASP H 11 3.33 55.18 -14.83
CA ASP H 11 4.29 54.89 -13.74
C ASP H 11 4.24 53.43 -13.36
N ASP H 12 3.70 52.67 -14.31
CA ASP H 12 3.60 51.24 -14.24
C ASP H 12 4.89 50.90 -14.93
N ASP H 13 5.31 51.76 -15.85
CA ASP H 13 6.56 51.57 -16.56
C ASP H 13 7.66 51.63 -15.55
N LYS H 14 7.59 52.65 -14.71
CA LYS H 14 8.56 52.89 -13.65
C LYS H 14 8.71 51.66 -12.79
N MET H 15 7.58 51.19 -12.28
CA MET H 15 7.50 50.02 -11.43
C MET H 15 7.87 48.79 -12.18
N LEU H 16 6.97 48.41 -13.08
CA LEU H 16 7.17 47.25 -13.92
C LEU H 16 8.61 47.12 -14.35
N ALA H 17 9.25 48.24 -14.67
CA ALA H 17 10.63 48.14 -15.09
C ALA H 17 11.52 47.80 -13.91
N ALA H 18 11.24 48.35 -12.73
CA ALA H 18 12.04 48.08 -11.54
C ALA H 18 11.90 46.59 -11.20
N GLU H 19 10.67 46.11 -11.24
CA GLU H 19 10.41 44.71 -10.99
C GLU H 19 11.28 43.90 -11.97
N ALA H 20 11.21 44.24 -13.26
CA ALA H 20 12.01 43.58 -14.30
C ALA H 20 13.47 43.60 -13.96
N ALA H 21 13.91 44.77 -13.56
CA ALA H 21 15.29 45.02 -13.18
C ALA H 21 15.64 44.07 -12.06
N ASN H 22 14.74 43.97 -11.08
CA ASN H 22 14.99 43.11 -9.95
C ASN H 22 14.90 41.63 -10.28
N ARG H 23 14.01 41.29 -11.21
CA ARG H 23 13.83 39.91 -11.63
C ARG H 23 15.16 39.51 -12.26
N ASP H 24 15.65 40.43 -13.05
CA ASP H 24 16.89 40.25 -13.73
C ASP H 24 18.03 40.02 -12.78
N HIS H 25 18.18 40.89 -11.78
CA HIS H 25 19.30 40.76 -10.86
C HIS H 25 19.23 39.49 -10.09
N VAL H 26 18.04 39.08 -9.69
CA VAL H 26 17.93 37.85 -8.91
C VAL H 26 18.17 36.58 -9.72
N THR H 27 17.54 36.46 -10.88
CA THR H 27 17.74 35.26 -11.66
C THR H 27 19.13 35.13 -12.19
N ARG H 28 19.78 36.25 -12.44
CA ARG H 28 21.14 36.21 -12.93
C ARG H 28 21.95 35.62 -11.80
N CYS H 29 21.59 36.00 -10.59
CA CYS H 29 22.28 35.53 -9.42
C CYS H 29 22.01 34.03 -9.12
N VAL H 30 20.77 33.60 -9.22
CA VAL H 30 20.48 32.20 -8.96
C VAL H 30 21.35 31.34 -9.85
N ALA H 31 21.20 31.64 -11.15
CA ALA H 31 21.89 30.97 -12.26
C ALA H 31 23.38 30.78 -12.03
N GLN H 32 24.04 31.88 -11.73
CA GLN H 32 25.47 31.89 -11.48
C GLN H 32 25.91 30.98 -10.34
N THR H 33 24.99 30.52 -9.52
CA THR H 33 25.41 29.64 -8.45
C THR H 33 25.11 28.22 -8.85
N GLY H 34 24.52 28.08 -10.04
CA GLY H 34 24.24 26.75 -10.54
C GLY H 34 22.82 26.31 -10.38
N GLY H 35 21.95 27.27 -10.10
CA GLY H 35 20.55 26.96 -9.91
C GLY H 35 20.06 26.39 -11.21
N SER H 36 19.01 25.61 -11.13
CA SER H 36 18.44 25.00 -12.28
C SER H 36 17.44 25.93 -12.91
N PRO H 37 17.15 25.68 -14.19
CA PRO H 37 16.17 26.48 -14.91
C PRO H 37 14.85 26.49 -14.12
N ASP H 38 14.54 25.35 -13.49
CA ASP H 38 13.34 25.17 -12.69
C ASP H 38 13.41 26.13 -11.47
N LEU H 39 14.55 26.18 -10.77
CA LEU H 39 14.68 27.08 -9.63
C LEU H 39 14.67 28.54 -10.09
N VAL H 40 15.18 28.79 -11.28
CA VAL H 40 15.20 30.13 -11.82
C VAL H 40 13.80 30.56 -12.15
N ALA H 41 13.03 29.69 -12.82
CA ALA H 41 11.66 30.05 -13.16
C ALA H 41 10.89 30.36 -11.88
N HIS H 42 11.18 29.57 -10.85
CA HIS H 42 10.54 29.73 -9.54
C HIS H 42 10.76 31.14 -9.01
N THR H 43 12.01 31.55 -8.84
CA THR H 43 12.28 32.87 -8.31
C THR H 43 11.68 34.02 -9.14
N ALA H 44 11.80 33.86 -10.46
CA ALA H 44 11.33 34.80 -11.47
C ALA H 44 9.84 35.07 -11.33
N ALA H 45 9.15 34.01 -10.95
CA ALA H 45 7.74 34.09 -10.78
C ALA H 45 7.25 34.82 -9.52
N LEU H 46 8.12 35.10 -8.55
CA LEU H 46 7.71 35.82 -7.32
C LEU H 46 7.58 37.33 -7.60
N ARG H 47 6.48 37.76 -8.21
CA ARG H 47 6.31 39.16 -8.56
C ARG H 47 6.16 40.14 -7.41
N LEU H 48 5.24 39.87 -6.49
CA LEU H 48 5.05 40.80 -5.41
C LEU H 48 6.37 41.01 -4.72
N TYR H 49 7.06 39.91 -4.51
CA TYR H 49 8.35 39.97 -3.86
C TYR H 49 9.38 40.76 -4.65
N LEU H 50 9.38 40.62 -5.96
CA LEU H 50 10.34 41.38 -6.73
C LEU H 50 9.87 42.82 -6.94
N ARG H 51 8.57 43.06 -6.80
CA ARG H 51 8.03 44.41 -6.98
C ARG H 51 8.05 45.27 -5.70
N VAL H 52 7.70 44.69 -4.55
CA VAL H 52 7.63 45.38 -3.26
C VAL H 52 8.87 46.28 -2.94
N PRO H 53 10.09 45.92 -3.43
CA PRO H 53 11.23 46.79 -3.12
C PRO H 53 11.08 48.14 -3.78
N HIS H 54 10.35 48.15 -4.88
CA HIS H 54 10.10 49.40 -5.58
C HIS H 54 9.38 50.40 -4.70
N PHE H 55 8.34 49.94 -4.00
CA PHE H 55 7.61 50.81 -3.12
C PHE H 55 8.49 51.25 -1.91
N LEU H 56 9.16 50.29 -1.30
CA LEU H 56 9.98 50.62 -0.17
C LEU H 56 11.08 51.59 -0.51
N THR H 57 11.30 51.94 -1.76
CA THR H 57 12.40 52.86 -2.03
C THR H 57 12.01 54.13 -2.74
N GLU H 58 10.73 54.49 -2.64
CA GLU H 58 10.18 55.68 -3.27
C GLU H 58 10.83 56.96 -2.75
N TRP H 59 11.09 56.98 -1.44
CA TRP H 59 11.71 58.12 -0.78
C TRP H 59 13.11 58.42 -1.26
N THR H 60 13.88 57.38 -1.56
CA THR H 60 15.27 57.51 -2.05
C THR H 60 15.24 58.42 -3.27
N THR H 61 16.09 59.46 -3.29
CA THR H 61 16.04 60.44 -4.40
C THR H 61 16.89 60.28 -5.66
N ASP H 62 18.10 59.76 -5.53
CA ASP H 62 18.92 59.53 -6.72
C ASP H 62 18.46 58.21 -7.39
N PRO H 63 18.24 58.22 -8.72
CA PRO H 63 17.82 56.97 -9.36
C PRO H 63 18.83 55.81 -9.35
N ASP H 64 20.13 56.09 -9.20
CA ASP H 64 21.12 55.02 -9.17
C ASP H 64 21.15 54.30 -7.83
N ARG H 65 21.30 55.04 -6.74
CA ARG H 65 21.20 54.38 -5.44
C ARG H 65 19.78 53.72 -5.43
N ARG H 66 18.74 54.42 -5.90
CA ARG H 66 17.40 53.82 -5.89
C ARG H 66 17.41 52.42 -6.47
N ALA H 67 17.79 52.28 -7.74
CA ALA H 67 17.82 50.96 -8.36
C ALA H 67 18.67 49.95 -7.55
N ALA H 68 19.88 50.38 -7.13
CA ALA H 68 20.79 49.51 -6.36
C ALA H 68 20.19 48.95 -5.10
N VAL H 69 19.56 49.79 -4.29
CA VAL H 69 18.96 49.27 -3.09
C VAL H 69 17.70 48.46 -3.41
N SER H 70 16.95 48.86 -4.42
CA SER H 70 15.71 48.13 -4.78
C SER H 70 16.00 46.70 -5.12
N ARG H 71 17.11 46.45 -5.80
CA ARG H 71 17.44 45.08 -6.19
C ARG H 71 18.16 44.30 -5.08
N ALA H 72 19.01 44.94 -4.29
CA ALA H 72 19.68 44.21 -3.20
C ALA H 72 18.57 43.78 -2.23
N LEU H 73 17.50 44.58 -2.12
CA LEU H 73 16.41 44.18 -1.27
C LEU H 73 15.70 42.98 -1.88
N ALA H 74 15.49 42.97 -3.19
CA ALA H 74 14.85 41.83 -3.86
C ALA H 74 15.66 40.56 -3.53
N LEU H 75 16.99 40.67 -3.64
CA LEU H 75 17.85 39.54 -3.27
C LEU H 75 17.60 38.93 -1.92
N ASP H 76 17.51 39.75 -0.86
CA ASP H 76 17.27 39.15 0.44
C ASP H 76 15.86 38.62 0.61
N ILE H 77 14.89 39.37 0.11
CA ILE H 77 13.50 38.92 0.23
C ILE H 77 13.27 37.61 -0.52
N VAL H 78 13.78 37.50 -1.75
CA VAL H 78 13.59 36.24 -2.45
C VAL H 78 14.29 35.15 -1.64
N SER H 79 15.46 35.47 -1.12
CA SER H 79 16.22 34.53 -0.31
C SER H 79 15.48 33.96 0.88
N MET H 80 14.82 34.88 1.59
CA MET H 80 14.04 34.50 2.74
C MET H 80 12.84 33.69 2.26
N LYS H 81 12.31 34.05 1.09
CA LYS H 81 11.19 33.29 0.54
C LYS H 81 11.65 31.84 0.37
N LEU H 82 12.79 31.63 -0.27
CA LEU H 82 13.28 30.28 -0.47
C LEU H 82 13.42 29.55 0.86
N LEU H 83 13.89 30.26 1.87
CA LEU H 83 14.04 29.61 3.16
C LEU H 83 12.68 29.06 3.62
N ASP H 84 11.62 29.83 3.39
CA ASP H 84 10.29 29.43 3.81
C ASP H 84 9.86 28.23 3.01
N ASP H 85 10.25 28.24 1.73
CA ASP H 85 9.92 27.15 0.82
C ASP H 85 10.60 25.88 1.31
N LEU H 86 11.84 26.06 1.69
CA LEU H 86 12.68 25.01 2.20
C LEU H 86 12.10 24.37 3.48
N MET H 87 11.45 25.12 4.33
CA MET H 87 10.92 24.47 5.50
C MET H 87 9.61 23.83 5.20
N ASP H 88 8.94 24.31 4.16
CA ASP H 88 7.63 23.74 3.79
C ASP H 88 7.71 22.48 2.94
N ASP H 89 8.87 22.25 2.32
CA ASP H 89 9.20 21.09 1.45
C ASP H 89 8.09 20.64 0.52
N ASP H 90 7.45 21.59 -0.12
CA ASP H 90 6.31 21.31 -0.97
C ASP H 90 6.38 21.92 -2.33
N THR H 91 7.57 22.34 -2.74
CA THR H 91 7.67 22.99 -4.03
C THR H 91 8.21 22.06 -5.08
N GLY H 92 8.62 20.88 -4.66
CA GLY H 92 9.18 19.94 -5.62
C GLY H 92 10.56 20.30 -6.14
N LEU H 93 11.22 21.30 -5.56
CA LEU H 93 12.54 21.66 -6.03
C LEU H 93 13.46 20.90 -5.14
N ASP H 94 14.68 20.63 -5.62
CA ASP H 94 15.70 19.90 -4.87
C ASP H 94 16.09 20.66 -3.60
N ARG H 95 15.90 20.08 -2.42
CA ARG H 95 16.27 20.81 -1.20
C ARG H 95 17.69 21.40 -1.30
N VAL H 96 18.65 20.64 -1.82
CA VAL H 96 20.01 21.14 -1.86
C VAL H 96 20.19 22.44 -2.61
N GLU H 97 19.69 22.50 -3.83
CA GLU H 97 19.74 23.70 -4.67
C GLU H 97 19.08 24.89 -3.94
N LEU H 98 17.86 24.69 -3.41
CA LEU H 98 17.11 25.68 -2.61
C LEU H 98 17.96 26.23 -1.46
N ALA H 99 18.37 25.30 -0.62
CA ALA H 99 19.18 25.60 0.53
C ALA H 99 20.31 26.50 0.14
N CYS H 100 21.12 26.06 -0.81
CA CYS H 100 22.29 26.82 -1.21
C CYS H 100 22.04 28.09 -1.99
N VAL H 101 21.11 28.11 -2.94
CA VAL H 101 20.84 29.34 -3.69
C VAL H 101 20.32 30.30 -2.64
N CYS H 102 19.58 29.77 -1.69
CA CYS H 102 19.07 30.58 -0.58
C CYS H 102 20.25 31.32 0.11
N LEU H 103 21.17 30.59 0.72
CA LEU H 103 22.29 31.23 1.37
C LEU H 103 23.02 32.17 0.43
N ARG H 104 23.21 31.81 -0.83
CA ARG H 104 23.96 32.68 -1.74
C ARG H 104 23.28 34.04 -1.97
N LEU H 105 21.99 34.06 -2.24
CA LEU H 105 21.32 35.33 -2.47
C LEU H 105 21.47 36.23 -1.26
N HIS H 106 21.19 35.67 -0.08
CA HIS H 106 21.32 36.37 1.20
C HIS H 106 22.71 36.92 1.39
N LEU H 107 23.72 36.10 1.17
CA LEU H 107 25.07 36.60 1.35
C LEU H 107 25.30 37.74 0.39
N ARG H 108 24.99 37.55 -0.88
CA ARG H 108 25.19 38.68 -1.77
C ARG H 108 24.52 39.96 -1.26
N ALA H 109 23.21 39.93 -0.98
CA ALA H 109 22.45 41.08 -0.50
C ALA H 109 23.01 41.77 0.73
N LEU H 110 23.52 41.00 1.68
CA LEU H 110 24.10 41.61 2.86
C LEU H 110 25.22 42.54 2.37
N HIS H 111 26.06 42.02 1.46
CA HIS H 111 27.15 42.80 0.90
C HIS H 111 26.61 44.04 0.23
N GLU H 112 25.72 43.86 -0.73
CA GLU H 112 25.16 44.98 -1.43
C GLU H 112 24.50 45.97 -0.50
N LEU H 113 23.71 45.50 0.46
CA LEU H 113 23.04 46.39 1.43
C LEU H 113 24.04 47.14 2.32
N GLU H 114 25.08 46.47 2.79
CA GLU H 114 26.02 47.18 3.61
C GLU H 114 26.85 48.16 2.82
N SER H 115 26.97 47.95 1.51
CA SER H 115 27.77 48.88 0.67
C SER H 115 27.12 50.25 0.43
N LEU H 116 25.83 50.36 0.70
CA LEU H 116 25.13 51.60 0.51
C LEU H 116 24.57 52.08 1.83
N ALA H 117 24.79 51.29 2.88
CA ALA H 117 24.33 51.57 4.26
C ALA H 117 24.93 52.85 4.89
N ARG H 118 24.13 53.62 5.62
CA ARG H 118 24.65 54.86 6.19
C ARG H 118 25.77 54.56 7.11
N ASP H 119 25.56 53.60 7.99
CA ASP H 119 26.57 53.22 8.95
C ASP H 119 26.84 51.73 8.76
N PRO H 120 28.11 51.31 8.81
CA PRO H 120 28.42 49.88 8.63
C PRO H 120 27.57 48.90 9.46
N LYS H 121 27.55 49.10 10.78
CA LYS H 121 26.79 48.24 11.68
C LYS H 121 25.27 48.29 11.51
N ALA H 122 24.78 49.22 10.70
CA ALA H 122 23.35 49.38 10.48
C ALA H 122 22.58 48.17 10.00
N VAL H 123 23.01 47.58 8.90
CA VAL H 123 22.26 46.45 8.38
C VAL H 123 22.12 45.34 9.41
N THR H 124 23.25 44.85 9.88
CA THR H 124 23.27 43.79 10.87
C THR H 124 22.45 44.14 12.07
N ASP H 125 22.40 45.43 12.40
CA ASP H 125 21.65 45.91 13.55
C ASP H 125 20.14 45.78 13.36
N ILE H 126 19.66 46.06 12.15
CA ILE H 126 18.23 45.97 11.81
C ILE H 126 17.90 44.48 11.75
N LEU H 127 18.73 43.65 11.08
CA LEU H 127 18.45 42.21 10.99
C LEU H 127 18.34 41.52 12.34
N GLU H 128 19.26 41.84 13.23
CA GLU H 128 19.29 41.23 14.55
C GLU H 128 18.34 41.76 15.57
N GLN H 129 18.15 43.07 15.63
CA GLN H 129 17.30 43.63 16.70
C GLN H 129 15.97 42.95 16.92
N ASP H 130 15.22 42.66 15.87
CA ASP H 130 13.96 41.96 16.11
C ASP H 130 13.95 40.64 15.38
N ALA H 131 15.06 39.91 15.48
CA ALA H 131 15.22 38.58 14.88
C ALA H 131 14.44 37.56 15.66
N VAL H 132 14.53 37.62 16.98
CA VAL H 132 13.80 36.64 17.75
C VAL H 132 12.28 36.76 17.60
N HIS H 133 11.77 37.96 17.32
CA HIS H 133 10.34 38.06 17.12
C HIS H 133 10.05 37.40 15.79
N LEU H 134 10.86 37.72 14.79
CA LEU H 134 10.66 37.18 13.47
C LEU H 134 10.72 35.68 13.35
N CYS H 135 11.82 35.09 13.76
CA CYS H 135 11.97 33.65 13.66
C CYS H 135 11.15 32.89 14.71
N GLY H 136 11.30 33.23 15.98
CA GLY H 136 10.51 32.53 16.97
C GLY H 136 9.05 32.68 16.58
N GLY H 137 8.69 33.88 16.15
CA GLY H 137 7.30 34.11 15.74
C GLY H 137 6.85 33.21 14.61
N GLN H 138 7.70 33.12 13.58
CA GLN H 138 7.46 32.30 12.43
C GLN H 138 7.21 30.83 12.82
N ILE H 139 7.96 30.30 13.79
CA ILE H 139 7.70 28.92 14.19
C ILE H 139 6.30 28.79 14.78
N ARG H 140 5.83 29.83 15.48
CA ARG H 140 4.48 29.80 16.07
C ARG H 140 3.37 29.86 15.03
N THR H 141 3.54 30.76 14.06
CA THR H 141 2.63 30.96 12.92
C THR H 141 2.36 29.66 12.14
N LYS H 142 3.44 28.94 11.82
CA LYS H 142 3.36 27.72 11.06
C LYS H 142 2.91 26.51 11.84
N ARG H 143 2.86 26.60 13.16
CA ARG H 143 2.47 25.43 13.96
C ARG H 143 1.14 25.55 14.71
N SER H 144 0.65 26.77 14.82
CA SER H 144 -0.63 27.04 15.46
C SER H 144 -1.58 27.65 14.42
N ARG H 145 -2.88 27.66 14.70
CA ARG H 145 -3.83 28.25 13.75
C ARG H 145 -4.67 29.35 14.34
N ALA H 146 -5.02 30.31 13.48
CA ALA H 146 -5.83 31.43 13.86
C ALA H 146 -7.32 30.99 14.00
N THR H 147 -7.85 31.18 15.19
CA THR H 147 -9.21 30.79 15.47
C THR H 147 -10.10 32.01 15.42
N ASN H 148 -9.53 33.22 15.43
CA ASN H 148 -10.32 34.46 15.42
C ASN H 148 -9.59 35.68 14.83
N LEU H 149 -10.27 36.84 14.68
CA LEU H 149 -9.56 37.97 14.11
C LEU H 149 -8.31 38.41 14.85
N ARG H 150 -8.41 38.59 16.17
CA ARG H 150 -7.24 39.03 16.92
C ARG H 150 -6.01 38.14 16.73
N GLU H 151 -6.23 36.84 16.64
CA GLU H 151 -5.13 35.90 16.44
C GLU H 151 -4.69 35.96 15.00
N TRP H 152 -5.61 36.22 14.08
CA TRP H 152 -5.21 36.30 12.69
C TRP H 152 -4.24 37.47 12.48
N ARG H 153 -4.51 38.60 13.14
CA ARG H 153 -3.64 39.77 13.02
C ARG H 153 -2.30 39.42 13.64
N ALA H 154 -2.34 38.68 14.75
CA ALA H 154 -1.10 38.27 15.42
C ALA H 154 -0.22 37.51 14.44
N HIS H 155 -0.70 36.38 13.95
CA HIS H 155 0.05 35.60 12.99
C HIS H 155 0.47 36.48 11.81
N ALA H 156 -0.46 37.24 11.24
CA ALA H 156 -0.14 38.11 10.10
C ALA H 156 1.01 39.09 10.41
N SER H 157 0.87 39.81 11.51
CA SER H 157 1.84 40.79 11.93
C SER H 157 3.27 40.32 11.96
N THR H 158 3.48 39.01 12.05
CA THR H 158 4.85 38.48 12.08
C THR H 158 5.35 38.02 10.70
N TYR H 159 4.63 37.13 10.02
CA TYR H 159 5.07 36.70 8.69
C TYR H 159 4.80 37.73 7.62
N GLY H 160 4.20 38.87 7.99
CA GLY H 160 3.90 39.90 7.01
C GLY H 160 4.40 41.28 7.36
N SER H 161 3.95 41.80 8.49
CA SER H 161 4.33 43.13 8.95
C SER H 161 5.75 43.19 9.42
N THR H 162 6.04 42.42 10.44
CA THR H 162 7.40 42.38 10.94
C THR H 162 8.35 42.02 9.81
N PHE H 163 8.00 41.03 9.01
CA PHE H 163 8.84 40.65 7.89
C PHE H 163 9.12 41.81 6.91
N LEU H 164 8.08 42.43 6.36
CA LEU H 164 8.33 43.51 5.41
C LEU H 164 8.80 44.81 6.04
N GLY H 165 8.50 44.99 7.33
CA GLY H 165 8.93 46.19 8.04
C GLY H 165 10.44 46.23 8.15
N ARG H 166 11.06 45.08 8.35
CA ARG H 166 12.50 45.04 8.45
C ARG H 166 13.15 45.54 7.18
N TYR H 167 12.54 45.26 6.02
CA TYR H 167 13.12 45.72 4.76
C TYR H 167 12.80 47.19 4.60
N GLY H 168 11.59 47.62 4.94
CA GLY H 168 11.30 49.05 4.88
C GLY H 168 12.36 49.81 5.68
N ALA H 169 12.74 49.25 6.81
CA ALA H 169 13.79 49.78 7.67
C ALA H 169 15.17 49.85 6.97
N LEU H 170 15.48 48.82 6.17
CA LEU H 170 16.73 48.70 5.42
C LEU H 170 16.71 49.64 4.20
N ALA H 171 15.51 49.83 3.68
CA ALA H 171 15.27 50.72 2.54
C ALA H 171 15.70 52.13 2.94
N ALA H 172 15.28 52.50 4.13
CA ALA H 172 15.59 53.78 4.64
C ALA H 172 17.05 53.88 5.09
N ALA H 173 17.63 52.78 5.58
CA ALA H 173 18.99 52.76 6.09
C ALA H 173 20.02 52.81 5.01
N CYS H 174 19.65 52.38 3.81
CA CYS H 174 20.58 52.42 2.67
C CYS H 174 20.17 53.44 1.61
N GLY H 175 18.97 54.01 1.77
CA GLY H 175 18.43 54.96 0.83
C GLY H 175 18.99 56.36 0.82
N GLY H 176 20.08 56.60 1.54
CA GLY H 176 20.64 57.94 1.58
C GLY H 176 19.91 58.99 2.41
N GLU H 177 20.03 60.25 1.97
CA GLU H 177 19.45 61.42 2.63
C GLU H 177 17.94 61.58 2.47
N GLY H 178 17.29 62.14 3.46
CA GLY H 178 15.88 62.37 3.31
C GLY H 178 15.00 61.15 3.34
N GLN H 179 15.28 60.29 4.30
CA GLN H 179 14.53 59.08 4.49
C GLN H 179 13.89 59.15 5.84
N PRO H 180 12.58 59.29 5.90
CA PRO H 180 11.89 59.35 7.19
C PRO H 180 11.93 57.95 7.77
N ALA H 181 13.05 57.61 8.40
CA ALA H 181 13.31 56.27 8.95
C ALA H 181 12.12 55.45 9.53
N ASP H 182 11.45 55.97 10.56
CA ASP H 182 10.34 55.23 11.13
C ASP H 182 9.12 55.18 10.21
N SER H 183 8.97 56.18 9.36
CA SER H 183 7.82 56.22 8.48
C SER H 183 7.91 55.29 7.26
N VAL H 184 9.11 54.92 6.84
CA VAL H 184 9.20 54.02 5.71
C VAL H 184 8.80 52.69 6.28
N ARG H 185 9.21 52.43 7.52
CA ARG H 185 8.91 51.16 8.13
C ARG H 185 7.46 51.02 8.45
N GLU H 186 6.86 52.13 8.89
CA GLU H 186 5.43 52.17 9.24
C GLU H 186 4.63 51.79 8.02
N PHE H 187 5.00 52.31 6.88
CA PHE H 187 4.32 52.00 5.65
C PHE H 187 4.50 50.56 5.27
N ALA H 188 5.72 50.09 5.36
CA ALA H 188 5.94 48.70 5.00
C ALA H 188 5.05 47.83 5.90
N GLU H 189 5.14 48.01 7.21
CA GLU H 189 4.36 47.21 8.14
C GLU H 189 2.87 47.22 8.01
N ALA H 190 2.30 48.25 7.39
CA ALA H 190 0.86 48.33 7.27
C ALA H 190 0.45 47.92 5.87
N PHE H 191 1.29 48.26 4.90
CA PHE H 191 1.04 47.84 3.53
C PHE H 191 1.19 46.26 3.51
N ALA H 192 2.20 45.74 4.21
CA ALA H 192 2.45 44.31 4.32
C ALA H 192 1.19 43.57 4.73
N MET H 193 0.53 44.08 5.75
CA MET H 193 -0.69 43.48 6.30
C MET H 193 -1.84 43.48 5.31
N THR H 194 -1.99 44.56 4.54
CA THR H 194 -3.05 44.65 3.55
C THR H 194 -2.79 43.60 2.48
N ILE H 195 -1.52 43.50 2.07
CA ILE H 195 -1.05 42.53 1.08
C ILE H 195 -1.48 41.15 1.59
N THR H 196 -1.36 40.95 2.90
CA THR H 196 -1.69 39.68 3.56
C THR H 196 -3.15 39.29 3.56
N MET H 197 -4.05 40.24 3.85
CA MET H 197 -5.47 39.96 3.83
C MET H 197 -5.87 39.67 2.38
N ALA H 198 -5.34 40.46 1.43
CA ALA H 198 -5.63 40.25 0.00
C ALA H 198 -5.23 38.80 -0.30
N ASP H 199 -4.03 38.41 0.10
CA ASP H 199 -3.61 37.06 -0.12
C ASP H 199 -4.61 36.05 0.43
N ASP H 200 -4.96 36.13 1.71
CA ASP H 200 -5.91 35.17 2.28
C ASP H 200 -7.23 35.10 1.58
N LEU H 201 -7.89 36.26 1.34
CA LEU H 201 -9.19 36.26 0.66
C LEU H 201 -9.13 35.67 -0.73
N THR H 202 -7.97 35.78 -1.37
CA THR H 202 -7.73 35.27 -2.71
C THR H 202 -7.47 33.76 -2.70
N ASP H 203 -6.56 33.35 -1.82
CA ASP H 203 -6.17 31.95 -1.68
C ASP H 203 -7.26 31.04 -1.16
N TYR H 204 -8.43 31.60 -0.81
CA TYR H 204 -9.59 30.80 -0.36
C TYR H 204 -10.12 29.98 -1.55
N ASP H 205 -10.01 30.56 -2.75
CA ASP H 205 -10.44 29.93 -3.99
C ASP H 205 -9.25 29.39 -4.78
N ARG H 206 -8.17 30.18 -4.89
CA ARG H 206 -6.98 29.72 -5.62
C ARG H 206 -6.42 28.39 -5.14
N ASN H 207 -6.57 28.10 -3.85
CA ASN H 207 -6.06 26.86 -3.23
C ASN H 207 -7.00 26.20 -2.24
N GLY H 208 -8.26 26.63 -2.18
CA GLY H 208 -9.19 26.06 -1.22
C GLY H 208 -8.68 26.08 0.21
N GLU H 209 -7.84 27.06 0.52
CA GLU H 209 -7.25 27.17 1.83
C GLU H 209 -8.35 27.35 2.84
N ARG H 210 -8.23 26.78 4.05
CA ARG H 210 -9.28 26.91 5.05
C ARG H 210 -8.89 27.01 6.54
N ASP H 211 -7.79 26.39 6.94
CA ASP H 211 -7.40 26.46 8.35
C ASP H 211 -6.87 27.82 8.69
N GLY H 212 -7.61 28.54 9.51
CA GLY H 212 -7.18 29.88 9.87
C GLY H 212 -6.99 30.83 8.68
N ASN H 213 -7.76 30.63 7.60
CA ASN H 213 -7.68 31.53 6.46
C ASN H 213 -8.68 32.62 6.78
N LEU H 214 -8.34 33.91 6.62
CA LEU H 214 -9.28 34.99 6.97
C LEU H 214 -10.69 34.81 6.38
N ALA H 215 -10.78 34.70 5.04
CA ALA H 215 -12.07 34.50 4.36
C ALA H 215 -12.90 33.46 5.09
N HIS H 216 -12.26 32.35 5.44
CA HIS H 216 -12.90 31.25 6.11
C HIS H 216 -13.41 31.61 7.51
N LEU H 217 -12.65 32.28 8.36
CA LEU H 217 -13.20 32.59 9.68
C LEU H 217 -14.38 33.54 9.53
N MET H 218 -14.40 34.25 8.40
CA MET H 218 -15.49 35.14 8.12
C MET H 218 -16.71 34.23 7.89
N ARG H 219 -16.66 33.45 6.81
CA ARG H 219 -17.73 32.54 6.46
C ARG H 219 -18.15 31.70 7.65
N THR H 220 -17.19 31.24 8.44
CA THR H 220 -17.42 30.43 9.64
C THR H 220 -18.14 31.18 10.76
N GLY H 221 -18.03 32.50 10.82
CA GLY H 221 -18.67 33.22 11.89
C GLY H 221 -17.67 33.60 12.99
N ALA H 222 -16.43 33.17 12.83
CA ALA H 222 -15.36 33.47 13.79
C ALA H 222 -14.87 34.93 13.73
N VAL H 223 -14.97 35.53 12.56
CA VAL H 223 -14.52 36.91 12.41
C VAL H 223 -15.70 37.66 11.83
N ALA H 224 -15.95 38.84 12.37
CA ALA H 224 -17.05 39.65 11.91
C ALA H 224 -16.67 40.37 10.61
N GLY H 225 -17.58 40.39 9.64
CA GLY H 225 -17.31 41.06 8.36
C GLY H 225 -16.99 42.55 8.46
N GLN H 226 -17.55 43.23 9.46
CA GLN H 226 -17.27 44.64 9.61
C GLN H 226 -15.85 44.76 10.12
N ASP H 227 -15.49 43.93 11.09
CA ASP H 227 -14.14 43.95 11.68
C ASP H 227 -13.00 43.91 10.66
N VAL H 228 -13.23 43.22 9.56
CA VAL H 228 -12.26 43.19 8.49
C VAL H 228 -12.27 44.58 7.77
N VAL H 229 -13.42 45.03 7.25
CA VAL H 229 -13.48 46.34 6.58
C VAL H 229 -12.83 47.38 7.45
N ASP H 230 -13.11 47.26 8.74
CA ASP H 230 -12.59 48.16 9.74
C ASP H 230 -11.07 48.10 9.69
N LEU H 231 -10.53 46.89 9.87
CA LEU H 231 -9.09 46.64 9.89
C LEU H 231 -8.42 47.07 8.61
N LEU H 232 -9.06 46.83 7.50
CA LEU H 232 -8.49 47.23 6.22
C LEU H 232 -8.35 48.73 6.20
N GLU H 233 -9.43 49.41 6.58
CA GLU H 233 -9.43 50.85 6.58
C GLU H 233 -8.33 51.32 7.47
N GLU H 234 -8.21 50.70 8.64
CA GLU H 234 -7.17 51.10 9.56
C GLU H 234 -5.79 51.04 8.93
N LEU H 235 -5.52 49.95 8.20
CA LEU H 235 -4.24 49.78 7.57
C LEU H 235 -4.03 50.80 6.45
N ARG H 236 -5.11 51.13 5.72
CA ARG H 236 -5.02 52.11 4.64
C ARG H 236 -4.59 53.42 5.27
N GLY H 237 -5.29 53.75 6.35
CA GLY H 237 -5.02 54.95 7.10
C GLY H 237 -3.58 55.09 7.55
N ARG H 238 -3.00 54.13 8.29
CA ARG H 238 -1.61 54.39 8.67
C ARG H 238 -0.67 54.37 7.53
N ALA H 239 -1.06 53.79 6.40
CA ALA H 239 -0.19 53.77 5.24
C ALA H 239 -0.14 55.18 4.71
N LEU H 240 -1.33 55.74 4.50
CA LEU H 240 -1.45 57.10 4.00
C LEU H 240 -0.75 58.09 4.90
N ALA H 241 -0.91 57.92 6.22
CA ALA H 241 -0.29 58.78 7.20
C ALA H 241 1.25 58.65 7.20
N ALA H 242 1.77 57.45 7.02
CA ALA H 242 3.21 57.23 7.04
C ALA H 242 3.79 57.88 5.81
N VAL H 243 3.02 57.80 4.75
CA VAL H 243 3.51 58.36 3.51
C VAL H 243 3.51 59.87 3.41
N ALA H 244 2.48 60.54 3.95
CA ALA H 244 2.41 62.01 3.96
C ALA H 244 3.44 62.69 4.88
N ALA H 245 3.89 61.94 5.88
CA ALA H 245 4.87 62.40 6.86
C ALA H 245 6.13 62.86 6.14
N PRO H 246 6.58 64.07 6.44
CA PRO H 246 7.76 64.69 5.85
C PRO H 246 9.08 63.88 5.94
N PRO H 247 9.89 63.94 4.88
CA PRO H 247 9.66 64.68 3.64
C PRO H 247 8.60 64.16 2.70
N GLY H 248 7.79 63.20 3.15
CA GLY H 248 6.75 62.66 2.30
C GLY H 248 7.11 61.86 1.04
N ALA H 249 6.16 61.04 0.59
CA ALA H 249 6.34 60.22 -0.60
C ALA H 249 4.95 60.15 -1.19
N PRO H 250 4.50 61.22 -1.87
CA PRO H 250 3.17 61.27 -2.49
C PRO H 250 2.97 60.26 -3.60
N GLY H 251 4.09 59.76 -4.13
CA GLY H 251 4.03 58.76 -5.19
C GLY H 251 3.37 57.43 -4.80
N LEU H 252 3.48 57.11 -3.52
CA LEU H 252 2.95 55.89 -2.91
C LEU H 252 1.48 56.01 -2.54
N VAL H 253 0.92 57.19 -2.74
CA VAL H 253 -0.46 57.35 -2.35
C VAL H 253 -1.47 56.55 -3.20
N PRO H 254 -1.34 56.61 -4.54
CA PRO H 254 -2.29 55.85 -5.36
C PRO H 254 -2.03 54.36 -5.14
N VAL H 255 -0.79 54.00 -4.82
CA VAL H 255 -0.48 52.62 -4.56
C VAL H 255 -1.30 52.14 -3.38
N VAL H 256 -1.11 52.77 -2.22
CA VAL H 256 -1.83 52.40 -0.99
C VAL H 256 -3.31 52.22 -1.30
N HIS H 257 -3.86 53.20 -1.98
CA HIS H 257 -5.25 53.20 -2.34
C HIS H 257 -5.69 52.08 -3.25
N LEU H 258 -4.84 51.79 -4.24
CA LEU H 258 -5.07 50.73 -5.24
C LEU H 258 -5.24 49.39 -4.54
N TYR H 259 -4.22 49.03 -3.76
CA TYR H 259 -4.26 47.77 -3.03
C TYR H 259 -5.43 47.68 -2.09
N THR H 260 -5.59 48.67 -1.23
CA THR H 260 -6.70 48.62 -0.28
C THR H 260 -8.06 48.64 -0.97
N ASP H 261 -8.20 49.40 -2.06
CA ASP H 261 -9.49 49.43 -2.71
C ASP H 261 -9.74 48.15 -3.54
N ASP H 262 -8.67 47.45 -3.93
CA ASP H 262 -8.87 46.23 -4.68
C ASP H 262 -9.39 45.15 -3.75
N VAL H 263 -9.05 45.21 -2.46
CA VAL H 263 -9.54 44.21 -1.50
C VAL H 263 -10.99 44.48 -1.14
N LEU H 264 -11.33 45.75 -0.98
CA LEU H 264 -12.69 46.06 -0.63
C LEU H 264 -13.64 45.86 -1.81
N VAL H 265 -13.20 46.17 -3.02
CA VAL H 265 -14.10 46.00 -4.13
C VAL H 265 -14.07 44.63 -4.84
N ARG H 266 -12.89 44.09 -5.14
CA ARG H 266 -12.78 42.80 -5.83
C ARG H 266 -12.86 41.51 -4.97
N LEU H 267 -12.19 41.50 -3.82
CA LEU H 267 -12.11 40.31 -2.96
C LEU H 267 -13.05 40.20 -1.79
N LEU H 268 -13.26 41.25 -1.02
CA LEU H 268 -14.16 41.10 0.12
C LEU H 268 -15.62 40.79 -0.22
N PRO H 269 -16.18 41.40 -1.29
CA PRO H 269 -17.57 41.10 -1.61
C PRO H 269 -17.95 39.63 -1.43
N ARG H 270 -17.33 38.76 -2.22
CA ARG H 270 -17.62 37.33 -2.15
C ARG H 270 -17.88 36.92 -0.70
N HIS H 271 -16.83 36.74 0.07
CA HIS H 271 -16.97 36.29 1.45
C HIS H 271 -17.85 37.07 2.41
N LEU H 272 -18.40 38.21 1.99
CA LEU H 272 -19.24 38.99 2.89
C LEU H 272 -20.67 38.44 2.96
N GLY H 273 -21.50 39.11 3.77
CA GLY H 273 -22.90 38.73 3.93
C GLY H 273 -23.20 37.26 4.13
N GLU H 274 -22.24 36.56 4.75
CA GLU H 274 -22.40 35.14 5.01
C GLU H 274 -23.09 34.88 6.36
N ALA H 275 -22.95 33.64 6.81
CA ALA H 275 -23.49 33.18 8.07
C ALA H 275 -22.47 33.65 9.10
N GLY H 276 -21.79 34.75 8.75
CA GLY H 276 -20.76 35.36 9.59
C GLY H 276 -20.58 36.85 9.35
N ALA H 277 -21.67 37.54 9.01
CA ALA H 277 -21.67 38.99 8.74
C ALA H 277 -21.11 39.80 9.92
N GLY H 278 -20.87 41.09 9.66
CA GLY H 278 -20.34 42.00 10.69
C GLY H 278 -21.36 42.80 11.50
N ALA H 279 -22.64 42.49 11.28
CA ALA H 279 -23.79 43.11 11.96
C ALA H 279 -25.04 42.50 11.28
N MET H 280 -25.31 41.21 11.58
CA MET H 280 -26.41 40.44 10.99
C MET H 280 -27.72 41.19 10.64
N ALA H 281 -27.81 41.63 9.38
CA ALA H 281 -28.95 42.39 8.85
C ALA H 281 -30.33 41.85 9.22
N THR H 282 -31.25 42.80 9.38
CA THR H 282 -32.62 42.50 9.76
C THR H 282 -33.59 43.36 8.93
N VAL H 283 -34.87 42.98 8.95
CA VAL H 283 -35.90 43.72 8.23
C VAL H 283 -36.85 44.29 9.27
N LYS H 284 -37.10 45.59 9.18
CA LYS H 284 -38.00 46.23 10.12
C LYS H 284 -39.29 46.59 9.42
N PHE H 285 -40.40 46.11 9.97
CA PHE H 285 -41.75 46.36 9.45
C PHE H 285 -42.78 46.36 10.58
N LYS H 286 -43.95 46.93 10.30
CA LYS H 286 -45.03 46.99 11.30
C LYS H 286 -46.09 46.01 10.82
N TYR H 287 -46.26 44.89 11.54
CA TYR H 287 -47.22 43.86 11.12
C TYR H 287 -48.27 43.46 12.13
N LYS H 288 -49.52 43.78 11.79
CA LYS H 288 -50.68 43.49 12.63
C LYS H 288 -50.66 44.35 13.90
N GLY H 289 -50.35 45.63 13.71
CA GLY H 289 -50.27 46.57 14.82
C GLY H 289 -49.03 46.40 15.69
N GLU H 290 -48.08 45.59 15.23
CA GLU H 290 -46.89 45.35 16.01
C GLU H 290 -45.61 45.89 15.38
N GLU H 291 -44.52 45.47 16.00
CA GLU H 291 -43.15 45.83 15.62
C GLU H 291 -42.33 44.55 15.50
N LYS H 292 -41.91 44.25 14.27
CA LYS H 292 -41.12 43.05 14.03
C LYS H 292 -39.75 43.34 13.46
N GLU H 293 -38.92 42.32 13.52
CA GLU H 293 -37.56 42.38 13.05
C GLU H 293 -37.10 40.94 12.86
N VAL H 294 -36.88 40.57 11.61
CA VAL H 294 -36.46 39.22 11.26
C VAL H 294 -35.19 39.25 10.44
N ASP H 295 -34.30 38.31 10.73
CA ASP H 295 -33.04 38.26 10.01
C ASP H 295 -33.30 37.67 8.64
N ILE H 296 -32.57 38.17 7.65
CA ILE H 296 -32.70 37.70 6.27
C ILE H 296 -32.35 36.20 6.25
N SER H 297 -31.86 35.71 7.39
CA SER H 297 -31.46 34.32 7.57
C SER H 297 -32.68 33.45 7.82
N LYS H 298 -33.78 34.08 8.22
CA LYS H 298 -35.03 33.37 8.50
C LYS H 298 -36.11 33.64 7.42
N ILE H 299 -35.85 34.64 6.57
CA ILE H 299 -36.75 35.02 5.45
C ILE H 299 -36.69 33.98 4.33
N LYS H 300 -37.78 33.22 4.19
CA LYS H 300 -37.89 32.20 3.16
C LYS H 300 -38.18 32.82 1.79
N LYS H 301 -39.46 32.94 1.49
CA LYS H 301 -39.93 33.49 0.23
C LYS H 301 -40.03 35.03 0.34
N VAL H 302 -39.74 35.70 -0.77
CA VAL H 302 -39.79 37.15 -0.84
C VAL H 302 -39.94 37.53 -2.32
N TRP H 303 -40.94 38.37 -2.62
CA TRP H 303 -41.15 38.79 -4.00
C TRP H 303 -41.48 40.25 -4.04
N ARG H 304 -41.70 40.76 -5.25
CA ARG H 304 -42.00 42.17 -5.40
C ARG H 304 -43.32 42.45 -6.09
N VAL H 305 -43.93 43.54 -5.66
CA VAL H 305 -45.20 44.03 -6.16
C VAL H 305 -45.03 45.55 -6.22
N GLY H 306 -44.76 46.04 -7.43
CA GLY H 306 -44.54 47.45 -7.63
C GLY H 306 -43.27 47.86 -6.93
N LYS H 307 -43.38 48.75 -5.96
CA LYS H 307 -42.24 49.20 -5.17
C LYS H 307 -42.35 48.69 -3.74
N MET H 308 -43.08 47.60 -3.56
CA MET H 308 -43.20 46.99 -2.26
C MET H 308 -42.46 45.68 -2.39
N ILE H 309 -41.99 45.15 -1.26
CA ILE H 309 -41.27 43.87 -1.25
C ILE H 309 -42.01 43.01 -0.25
N SER H 310 -42.70 42.00 -0.77
CA SER H 310 -43.46 41.10 0.08
C SER H 310 -42.59 39.88 0.35
N PHE H 311 -42.68 39.35 1.57
CA PHE H 311 -41.90 38.17 1.99
C PHE H 311 -42.62 37.30 3.04
N THR H 312 -41.99 36.17 3.35
CA THR H 312 -42.48 35.22 4.35
C THR H 312 -41.24 34.69 5.06
N TYR H 313 -41.27 34.68 6.40
CA TYR H 313 -40.13 34.25 7.21
C TYR H 313 -40.43 33.08 8.18
N ASP H 314 -39.40 32.59 8.87
CA ASP H 314 -39.59 31.52 9.84
C ASP H 314 -39.75 32.22 11.19
N GLU H 315 -41.01 32.35 11.61
CA GLU H 315 -41.35 33.04 12.84
C GLU H 315 -41.07 32.28 14.13
N GLY H 316 -41.36 30.99 14.14
CA GLY H 316 -41.14 30.20 15.34
C GLY H 316 -41.67 28.79 15.21
N GLY H 317 -40.76 27.87 14.88
CA GLY H 317 -41.16 26.49 14.68
C GLY H 317 -41.58 26.40 13.22
N GLY H 318 -42.63 25.63 12.94
CA GLY H 318 -43.11 25.50 11.57
C GLY H 318 -43.92 26.73 11.17
N LYS H 319 -43.98 27.70 12.10
CA LYS H 319 -44.71 28.95 11.94
C LYS H 319 -44.13 29.82 10.80
N THR H 320 -45.00 30.13 9.84
CA THR H 320 -44.69 30.93 8.66
C THR H 320 -45.25 32.36 8.75
N GLY H 321 -44.47 33.30 9.28
CA GLY H 321 -44.91 34.69 9.40
C GLY H 321 -44.76 35.50 8.12
N ARG H 322 -45.49 36.61 8.00
CA ARG H 322 -45.44 37.42 6.77
C ARG H 322 -45.13 38.87 7.02
N GLY H 323 -44.80 39.57 5.93
CA GLY H 323 -44.48 40.98 6.02
C GLY H 323 -44.18 41.60 4.67
N ALA H 324 -44.22 42.92 4.62
CA ALA H 324 -43.95 43.63 3.39
C ALA H 324 -43.46 45.04 3.75
N VAL H 325 -42.45 45.50 3.02
CA VAL H 325 -41.90 46.83 3.27
C VAL H 325 -41.68 47.55 1.96
N SER H 326 -41.45 48.85 2.05
CA SER H 326 -41.17 49.64 0.85
C SER H 326 -39.82 49.10 0.43
N GLU H 327 -39.39 49.35 -0.79
CA GLU H 327 -38.09 48.85 -1.20
C GLU H 327 -36.97 49.70 -0.58
N LYS H 328 -37.31 50.89 -0.13
CA LYS H 328 -36.34 51.78 0.49
C LYS H 328 -35.98 51.35 1.93
N ASP H 329 -36.95 50.86 2.70
CA ASP H 329 -36.70 50.41 4.08
C ASP H 329 -36.30 48.94 4.04
N ALA H 330 -35.78 48.52 2.90
CA ALA H 330 -35.39 47.12 2.70
C ALA H 330 -33.88 46.90 2.58
N PRO H 331 -33.31 46.09 3.49
CA PRO H 331 -31.86 45.81 3.46
C PRO H 331 -31.41 45.22 2.13
N LYS H 332 -30.28 45.72 1.59
CA LYS H 332 -29.72 45.22 0.32
C LYS H 332 -29.63 43.69 0.30
N GLU H 333 -29.36 43.11 1.46
CA GLU H 333 -29.22 41.66 1.62
C GLU H 333 -30.56 40.95 1.37
N LEU H 334 -31.65 41.71 1.44
CA LEU H 334 -32.99 41.17 1.21
C LEU H 334 -33.35 41.38 -0.26
N LEU H 335 -33.02 42.55 -0.79
CA LEU H 335 -33.31 42.86 -2.18
C LEU H 335 -32.49 41.90 -3.04
N GLN H 336 -31.52 41.25 -2.41
CA GLN H 336 -30.65 40.29 -3.08
C GLN H 336 -31.39 39.00 -3.30
N MET H 337 -32.15 38.61 -2.28
CA MET H 337 -32.92 37.39 -2.35
C MET H 337 -33.87 37.43 -3.54
N LEU H 338 -34.37 38.63 -3.87
CA LEU H 338 -35.27 38.77 -5.00
C LEU H 338 -34.63 38.27 -6.29
N GLU H 339 -33.32 38.49 -6.44
CA GLU H 339 -32.55 38.08 -7.62
C GLU H 339 -32.38 36.56 -7.80
N LYS H 340 -32.11 35.86 -6.68
CA LYS H 340 -31.94 34.40 -6.67
C LYS H 340 -33.24 33.72 -7.13
N GLN H 341 -34.38 34.24 -6.67
CA GLN H 341 -35.70 33.73 -7.00
C GLN H 341 -36.26 34.20 -8.37
N LYS H 342 -36.39 35.52 -8.56
CA LYS H 342 -36.90 36.06 -9.83
C LYS H 342 -35.93 35.76 -10.97
C1B LMT I . -7.75 -24.82 -20.64
C2B LMT I . -6.86 -25.87 -19.91
C3B LMT I . -5.55 -25.34 -19.29
C4B LMT I . -5.21 -23.95 -19.82
C5B LMT I . -5.57 -23.83 -21.33
C6B LMT I . -4.88 -24.77 -22.29
O1B LMT I . -8.29 -23.96 -19.69
O2B LMT I . -7.63 -26.45 -18.86
O3B LMT I . -4.49 -26.26 -19.54
O4' LMT I . -5.90 -22.96 -19.05
O5B LMT I . -7.01 -23.97 -21.57
O6B LMT I . -5.43 -24.66 -23.58
C1' LMT I . -12.38 -24.75 -20.16
C2' LMT I . -11.88 -23.42 -20.71
C3' LMT I . -10.39 -23.58 -20.95
C4' LMT I . -9.73 -23.83 -19.59
C5' LMT I . -10.32 -25.11 -18.96
C6' LMT I . -9.82 -25.33 -17.54
O1' LMT I . -13.74 -24.68 -19.96
O2' LMT I . -12.57 -23.07 -21.89
O3' LMT I . -9.84 -22.40 -21.58
O5' LMT I . -11.76 -25.03 -18.90
O6' LMT I . -10.33 -26.54 -17.01
C1 LMT I . -14.11 -24.26 -18.54
C2 LMT I . -14.17 -25.48 -17.63
C3 LMT I . -15.06 -26.57 -18.20
C4 LMT I . -16.26 -26.83 -17.28
C5 LMT I . -16.78 -28.28 -17.35
C6 LMT I . -15.65 -29.29 -17.44
C7 LMT I . -14.86 -29.35 -16.19
C8 LMT I . -15.26 -30.54 -15.40
C9 LMT I . -15.33 -30.17 -13.95
C10 LMT I . -15.33 -31.43 -13.14
C11 LMT I . -14.21 -31.41 -12.15
C12 LMT I . -14.68 -32.03 -10.87
C1B LMT J . -20.25 -20.45 12.89
C2B LMT J . -21.73 -20.74 13.29
C3B LMT J . -22.54 -19.43 13.48
C4B LMT J . -22.40 -18.48 12.25
C5B LMT J . -21.40 -19.04 11.25
C6B LMT J . -21.06 -18.10 10.09
O1B LMT J . -19.54 -21.59 12.46
O2B LMT J . -22.36 -21.56 12.32
O3B LMT J . -22.14 -18.77 14.66
O4' LMT J . -23.67 -18.30 11.62
O5B LMT J . -20.14 -19.38 11.90
O6B LMT J . -20.42 -18.80 9.05
C1' LMT J . -19.58 -24.75 9.64
C2' LMT J . -20.48 -23.55 9.26
C3' LMT J . -20.14 -22.32 10.14
C4' LMT J . -20.11 -22.69 11.67
C5' LMT J . -19.23 -23.95 11.83
C6' LMT J . -19.03 -24.52 13.22
O1' LMT J . -19.96 -25.88 8.93
O2' LMT J . -20.31 -23.22 7.88
O3' LMT J . -21.09 -21.30 9.87
O5' LMT J . -19.72 -25.02 11.03
O6' LMT J . -18.35 -25.77 13.12
C1 LMT J . -18.88 -26.97 9.03
C2 LMT J . -19.46 -28.20 9.71
C3 LMT J . -20.71 -28.72 9.00
C4 LMT J . -20.42 -29.99 8.22
C5 LMT J . -20.09 -29.67 6.80
C6 LMT J . -21.34 -29.34 6.05
C7 LMT J . -21.31 -27.92 5.57
C8 LMT J . -22.38 -27.69 4.51
C9 LMT J . -21.85 -27.86 3.09
C10 LMT J . -22.91 -28.47 2.18
C11 LMT J . -24.29 -27.81 2.36
C12 LMT J . -24.65 -26.96 1.14
C1B LMT K . -16.18 -33.26 21.01
C2B LMT K . -17.01 -32.27 21.92
C3B LMT K . -17.08 -32.57 23.44
C4B LMT K . -17.20 -34.07 23.66
C5B LMT K . -15.99 -34.73 23.00
C6B LMT K . -15.88 -36.20 23.33
O1B LMT K . -14.85 -32.82 20.88
O2B LMT K . -16.58 -30.92 21.73
O3B LMT K . -18.21 -31.89 24.02
O4' LMT K . -17.22 -34.37 25.06
O5B LMT K . -16.12 -34.62 21.56
O6B LMT K . -16.33 -36.48 24.65
C1' LMT K . -12.81 -32.64 17.07
C2' LMT K . -12.54 -31.49 18.10
C3' LMT K . -12.91 -31.94 19.55
C4' LMT K . -14.37 -32.47 19.54
C5' LMT K . -14.41 -33.66 18.57
C6' LMT K . -15.69 -34.47 18.52
O1' LMT K . -12.64 -32.21 15.73
O2' LMT K . -11.16 -31.12 18.05
O3' LMT K . -12.79 -30.84 20.46
O5' LMT K . -14.15 -33.16 17.23
O6' LMT K . -15.51 -35.75 19.12
C1 LMT K . -12.90 -30.71 15.48
C2 LMT K . -13.95 -30.51 14.39
C3 LMT K . -15.30 -30.17 14.98
C4 LMT K . -16.25 -29.71 13.91
C5 LMT K . -17.65 -29.62 14.45
C6 LMT K . -18.40 -28.52 13.71
C7 LMT K . -19.77 -28.25 14.31
C8 LMT K . -20.83 -28.03 13.22
C9 LMT K . -21.95 -29.08 13.29
C10 LMT K . -21.92 -30.06 12.11
C11 LMT K . -22.51 -31.40 12.50
C12 LMT K . -21.53 -32.49 12.18
C1B LMT L . 28.83 13.66 1.16
C2B LMT L . 28.43 12.19 1.31
C3B LMT L . 29.68 11.34 1.67
C4B LMT L . 30.99 11.75 0.90
C5B LMT L . 30.97 13.09 0.09
C6B LMT L . 31.50 12.89 -1.31
O1B LMT L . 29.68 14.06 2.24
O2B LMT L . 27.38 12.02 2.25
O3B LMT L . 29.39 9.96 1.43
O4' LMT L . 32.12 11.77 1.78
O5B LMT L . 29.63 13.69 -0.04
O6B LMT L . 30.49 13.13 -2.28
C1' LMT L . 29.32 16.14 5.99
C2' LMT L . 29.52 14.61 6.02
C3' LMT L . 30.03 14.02 4.68
C4' LMT L . 29.17 14.54 3.51
C5' LMT L . 29.22 16.09 3.56
C6' LMT L . 28.50 16.78 2.43
O1' LMT L . 28.55 16.53 7.09
O2' LMT L . 30.43 14.25 7.07
O3' LMT L . 30.00 12.60 4.72
O5' LMT L . 28.61 16.56 4.79
O6' LMT L . 27.10 16.58 2.53
C1 LMT L . 29.07 17.78 7.74
C2 LMT L . 28.77 18.95 6.84
C3 LMT L . 28.20 20.13 7.62
C4 LMT L . 29.19 21.31 7.70
C5 LMT L . 29.37 21.95 6.37
C6 LMT L . 28.16 22.73 6.00
C7 LMT L . 28.28 23.20 4.57
C8 LMT L . 27.95 24.68 4.48
C9 LMT L . 26.47 24.92 4.68
C10 LMT L . 25.72 24.71 3.38
C11 LMT L . 26.35 25.47 2.24
C12 LMT L . 26.61 26.88 2.69
C1B LMT M . 35.21 13.32 15.32
C2B LMT M . 36.56 13.64 14.60
C3B LMT M . 37.63 14.07 15.62
C4B LMT M . 37.10 15.28 16.43
C5B LMT M . 35.72 14.98 17.06
C6B LMT M . 35.11 16.20 17.73
O1B LMT M . 35.41 12.33 16.29
O2B LMT M . 37.02 12.51 13.87
O3B LMT M . 38.83 14.42 14.92
O4' LMT M . 38.01 15.59 17.49
O5B LMT M . 34.78 14.52 16.04
O6B LMT M . 33.69 16.09 17.84
C1' LMT M . 31.89 9.86 16.69
C2' LMT M . 32.30 10.77 17.88
C3' LMT M . 33.26 11.93 17.49
C4' LMT M . 34.40 11.35 16.64
C5' LMT M . 33.77 10.71 15.39
C6' LMT M . 34.78 10.28 14.34
O1' LMT M . 31.36 8.65 17.17
O2' LMT M . 31.15 11.33 18.50
O3' LMT M . 33.77 12.54 18.67
O5' LMT M . 33.00 9.55 15.81
O6' LMT M . 36.00 9.83 14.93
C1 LMT M . 32.35 7.46 17.13
C2 LMT M . 31.91 6.29 18.04
C3 LMT M . 32.63 4.96 17.69
C4 LMT M . 33.45 4.37 18.87
C5 LMT M . 34.11 3.01 18.53
C6 LMT M . 34.92 2.43 19.72
C7 LMT M . 34.02 1.85 20.83
C8 LMT M . 33.87 0.32 20.73
C9 LMT M . 32.57 -0.19 21.38
C10 LMT M . 31.91 -1.33 20.58
C11 LMT M . 30.39 -1.13 20.42
C12 LMT M . 29.79 -2.29 19.65
C1B LMT N . -0.78 30.78 5.18
C2B LMT N . -2.17 31.17 5.68
C3B LMT N . -2.09 31.64 7.13
C4B LMT N . -1.50 30.52 8.00
C5B LMT N . -0.15 30.04 7.41
C6B LMT N . 0.39 28.79 8.10
O1B LMT N . 0.08 31.86 5.33
O2B LMT N . -2.71 32.21 4.89
O3B LMT N . -3.41 31.95 7.57
O4' LMT N . -1.30 31.00 9.33
O5B LMT N . -0.27 29.70 5.99
O6B LMT N . -0.59 28.23 8.98
C1' LMT N . 3.57 33.27 3.56
C2' LMT N . 2.39 33.02 2.63
C3' LMT N . 1.11 32.97 3.47
C4' LMT N . 1.24 31.87 4.51
C5' LMT N . 2.50 32.06 5.37
C6' LMT N . 2.74 30.84 6.25
O1' LMT N . 4.73 33.28 2.81
O2' LMT N . 2.29 34.06 1.66
O3' LMT N . 0.00 32.72 2.62
O5' LMT N . 3.67 32.21 4.54
O6' LMT N . 3.29 31.21 7.50
C1 LMT N . 5.41 34.65 2.90
C2 LMT N . 6.88 34.52 2.46
C3 LMT N . 7.68 35.76 2.83
C4 LMT N . 8.80 35.42 3.78
C5 LMT N . 8.23 34.97 5.11
C6 LMT N . 9.21 34.08 5.86
C7 LMT N . 10.31 34.92 6.51
C8 LMT N . 11.52 34.06 6.80
C9 LMT N . 11.17 33.01 7.82
C10 LMT N . 11.60 33.46 9.21
C11 LMT N . 11.97 32.28 10.11
C12 LMT N . 12.98 31.35 9.43
C1B LMT O . 5.03 28.54 -2.53
C2B LMT O . 4.48 27.36 -1.65
C3B LMT O . 3.28 27.79 -0.77
C4B LMT O . 3.53 29.17 -0.10
C5B LMT O . 3.93 30.23 -1.16
C6B LMT O . 4.19 31.60 -0.53
O1B LMT O . 4.37 28.63 -3.77
O2B LMT O . 4.11 26.25 -2.47
O3B LMT O . 3.05 26.82 0.25
O4' LMT O . 2.36 29.61 0.58
O5B LMT O . 5.15 29.81 -1.85
O6B LMT O . 3.90 32.67 -1.42
C1' LMT O . 3.17 32.14 -5.91
C2' LMT O . 4.65 31.98 -5.43
C3' LMT O . 5.05 30.50 -5.22
C4' LMT O . 4.00 29.93 -4.28
C5' LMT O . 2.67 29.91 -5.04
C6' LMT O . 1.56 29.16 -4.32
O1' LMT O . 2.76 33.47 -5.72
O2' LMT O . 5.52 32.55 -6.39
O3' LMT O . 6.34 30.43 -4.64
O5' LMT O . 2.23 31.28 -5.21
O6' LMT O . 1.18 27.97 -4.99
C1 LMT O . 2.88 33.94 -4.25
C2 LMT O . 1.68 33.46 -3.42
C3 LMT O . 1.03 34.60 -2.65
C4 LMT O . 1.99 35.25 -1.67
C5 LMT O . 2.16 36.75 -1.95
C6 LMT O . 1.98 37.63 -0.72
C7 LMT O . 2.12 36.86 0.60
C8 LMT O . 1.89 37.74 1.83
C9 LMT O . 3.08 37.69 2.78
C10 LMT O . 3.61 39.09 3.10
C11 LMT O . 4.91 39.38 2.37
C12 LMT O . 4.85 40.78 1.77
C1B LMT P . -0.97 39.43 -6.50
C2B LMT P . -0.53 38.49 -5.31
C3B LMT P . 0.95 38.07 -5.31
C4B LMT P . 1.35 37.55 -6.70
C5B LMT P . 1.04 38.67 -7.73
C6B LMT P . 1.47 38.30 -9.16
O1B LMT P . -0.64 40.80 -6.29
O2B LMT P . -0.86 39.06 -4.04
O3B LMT P . 1.17 37.04 -4.34
O4' LMT P . 2.73 37.19 -6.72
O5B LMT P . -0.38 38.98 -7.77
O6B LMT P . 2.02 37.00 -9.23
C1' LMT P . -2.10 44.50 -7.99
C2' LMT P . -3.14 43.53 -7.42
C3' LMT P . -2.50 42.46 -6.49
C4' LMT P . -1.29 41.77 -7.18
C5' LMT P . -0.30 42.89 -7.60
C6' LMT P . 1.02 42.41 -8.22
O1' LMT P . -2.71 45.28 -8.98
O2' LMT P . -4.13 44.26 -6.71
O3' LMT P . -3.48 41.49 -6.14
O5' LMT P . -0.97 43.78 -8.56
O6' LMT P . 0.84 41.59 -9.36
C1 LMT P . -1.91 46.54 -9.36
C2 LMT P . -2.63 47.40 -10.44
C3 LMT P . -1.65 48.18 -11.35
C4 LMT P . -2.03 49.66 -11.56
C5 LMT P . -0.80 50.58 -11.58
C6 LMT P . -1.05 52.01 -11.04
C7 LMT P . -0.26 52.33 -9.73
C8 LMT P . 0.75 53.49 -9.84
C9 LMT P . 2.23 53.01 -9.90
C10 LMT P . 3.16 53.84 -8.99
C11 LMT P . 4.50 53.12 -8.74
C12 LMT P . 5.09 53.54 -7.40
#